data_2XA7
#
_entry.id   2XA7
#
_cell.length_a   255.316
_cell.length_b   255.316
_cell.length_c   156.754
_cell.angle_alpha   90.00
_cell.angle_beta   90.00
_cell.angle_gamma   120.00
#
_symmetry.space_group_name_H-M   'H 3'
#
loop_
_entity.id
_entity.type
_entity.pdbx_description
1 polymer 'ADAPTOR-RELATED PROTEIN COMPLEX 2, ALPHA 2 SUBUNIT'
2 polymer 'AP-2 COMPLEX SUBUNIT BETA'
3 polymer 'AP-2 COMPLEX SUBUNIT MU,'
4 polymer 'TGN38 CARGO PEPTIDE'
5 polymer 'AP-2 COMPLEX SUBUNIT SIGMA'
6 non-polymer 'SULFATE ION'
#
loop_
_entity_poly.entity_id
_entity_poly.type
_entity_poly.pdbx_seq_one_letter_code
_entity_poly.pdbx_strand_id
1 'polypeptide(L)'
;MPAVSKGEGMRGLAVFISDIRNCKSKEAEIKRINKELANIRSKFKGDKALDGYSKKKYVCKLLFIFLLGHDIDFGHMEAV
NLLSSNRYTEKQIGYLFISVLVNSNSELIRLINNAIKNDLASRNPTFMGLALHCIANVGSREMAEAFAGEIPKILVAGDT
MDSVKQSAALCLLRLYRTSPDLVPMGDWTSRVVHLLNDQHLGVVTAATSLITTLAQKNPEEFKTSVSLAVSRLSRIVTSA
STDLQDYTYYFVPAPWLSVKLLRLLQCYPPPEDPAVRGRLTECLETILNKAQEPPKSKKVQHSNAKNAVLFEAISLIIHH
DSEPNLLVRACNQLGQFLQHRETNLRYLALESMCTLASSEFSHEAVKTHIETVINALKTERDVSVRQRAVDLLYAMCDRS
NAQQIVAEMLSYLETADYSIREEIVLKVAILAEKYAVDYTWYVDTILNLIRIAGDYVSEEVWYRVIQIVINRDDVQGYAA
KTVFEALQAPACHENLVKVGGYILGEFGNLIAGDPRSSPLIQFNLLHSKFHLCSVPTRALLLSTYIKFVNLFPEVKATIQ
DVLRSDSQLKNADVELQQRAVEYLRLSTVASTDILATVLEEMPPFPERESSILAKLKKKKG
;
A
2 'polypeptide(L)'
;MTDSKYFTTNKKGEIFELKAELNNEKKEKRKEAVKKVIAAMTVGKDVSSLFPDVVNCMQTDNLELKKLVYLYLMNYAKSQ
PDMAIMAVNSFVKDCEDPNPLIRALAVRTMGCIRVDKITEYLCEPLRKCLKDEDPYVRKTAAVCVAKLHDINAQMVEDQG
FLDSLRDLIADSNPMVVANAVAALSEISESHPNSNLLDLNPQNINKLLTALNECTEWGQIFILDCLSNYNPKDDREAQSI
CERVTPRLSHANSAVVLSAVKVLMKFLELLPKDSDYYNMLLKKLAPPLVTLLSGEPEVQYVALRNINLIVQKRPEILKQE
IKVFFVKYNDPIYVKLEKLDIMIRLASQANIAQVLAELKEYATEVDVDFVRKAVRAIGRCAIKVEQSAERCVSTLLDLIQ
TKVNYVVQEAIVVIRDIFRKYPNKYESIIATLCENLDSLDEPDARAAMIWIVGEYAERIDNADELLESFLEGFHDESTQV
QLTLLTAIVKLFLKKPSETQELVQQVLSLATQDSDNPDLRDRGYIYWRLLSTDPVTAKEVVLSEKPLISEETDLIEPTLL
DELICHIGSLASVYHKPPNAFVEGSHGIHRKH
;
B
3 'polypeptide(L)'
;MIGGLFIYNHKGEVLISRVYRDDIGRNAVDAFRVNVIHARQQVRSPVTNIARTSFFHVKRSNIWLAAVTKQNVNAAMVFE
FLYKMCDVMAAYFGKISEENIKNNFVLIYELLDEILDFGYPQNSETGALKTFITQQGIKSQHQTKEEQSQITSQVTGQIG
WRREGIKYRRNELFLDVLESVNLLMSPQGQVLSAHVSGRVVMKSYLSGMPECKFGMNDKIVIEKQGKGTADETSKSMEQK
LISEEDLGKQSIAIDDCTFHQCVRLSKFDSERSISFIPPDGEFELMRYRTTKDIILPFRVIPLVREVGRTKLEVKVVIKS
NFKPSLLAQKIEVRIPTPLNTSGVQVICMKGKAKYKASENAIVWKIKRMAGMKESQISAEIELLPTNDKKKWARPPISMN
FEVPFAPSGLKVRYLKVFEPKLNYSDHDVIKWVRYIGRSGIYETRC
;
M
4 'polypeptide(L)' DYQRLN P
5 'polypeptide(L)'
;MIRFILIQNRAGKTRLAKWYMQFDDDEKQKLIEEVHAVVTVRDAKHTNFVEFRNFKIIYRRYAGLYFCICVDVNDNNLAY
LEAIHNFVEVLNEYFHNVCELDLVFNFYKVYTVVDEMFLAGEIRETSQTKVLKQLLMLQSLE
;
S
#
loop_
_chem_comp.id
_chem_comp.type
_chem_comp.name
_chem_comp.formula
SO4 non-polymer 'SULFATE ION' 'O4 S -2'
#
# COMPACT_ATOMS: atom_id res chain seq x y z
N GLY A 9 -4.56 52.04 -7.00
CA GLY A 9 -4.58 50.94 -8.01
C GLY A 9 -3.29 50.88 -8.80
N MET A 10 -3.27 50.02 -9.82
CA MET A 10 -2.12 49.82 -10.74
C MET A 10 -2.36 48.77 -11.84
N ARG A 11 -1.91 49.08 -13.07
CA ARG A 11 -2.29 48.37 -14.31
C ARG A 11 -1.73 46.93 -14.55
N GLY A 12 -0.40 46.85 -14.43
CA GLY A 12 0.35 45.67 -14.83
C GLY A 12 -0.16 44.38 -14.26
N LEU A 13 -0.25 44.32 -12.94
CA LEU A 13 -0.67 43.10 -12.23
C LEU A 13 -1.92 42.51 -12.88
N ALA A 14 -2.95 43.33 -13.03
CA ALA A 14 -4.16 42.96 -13.77
C ALA A 14 -3.84 42.46 -15.17
N VAL A 15 -3.09 43.24 -15.96
CA VAL A 15 -2.74 42.74 -17.32
C VAL A 15 -2.15 41.33 -17.26
N PHE A 16 -1.00 41.25 -16.59
CA PHE A 16 -0.26 40.02 -16.34
C PHE A 16 -1.18 38.87 -16.02
N ILE A 17 -1.91 38.98 -14.91
CA ILE A 17 -2.73 37.88 -14.42
C ILE A 17 -3.82 37.52 -15.44
N SER A 18 -4.49 38.55 -15.99
CA SER A 18 -5.47 38.31 -17.06
C SER A 18 -4.85 37.33 -18.04
N ASP A 19 -3.74 37.77 -18.61
CA ASP A 19 -3.05 37.01 -19.63
C ASP A 19 -2.68 35.60 -19.13
N ILE A 20 -2.03 35.54 -17.97
CA ILE A 20 -1.51 34.28 -17.38
C ILE A 20 -2.62 33.25 -17.11
N ARG A 21 -3.81 33.76 -16.79
CA ARG A 21 -4.98 32.90 -16.67
C ARG A 21 -5.45 32.49 -18.08
N ASN A 22 -5.45 33.46 -19.00
CA ASN A 22 -5.87 33.21 -20.38
C ASN A 22 -4.77 32.54 -21.20
N CYS A 23 -4.53 31.26 -20.90
CA CYS A 23 -3.35 30.51 -21.37
C CYS A 23 -3.68 29.14 -22.01
N LYS A 24 -2.65 28.52 -22.61
CA LYS A 24 -2.72 27.14 -23.09
C LYS A 24 -2.27 26.16 -22.00
N SER A 25 -1.66 25.04 -22.41
CA SER A 25 -1.10 24.05 -21.47
C SER A 25 -0.13 24.75 -20.53
N LYS A 26 -0.06 24.28 -19.28
CA LYS A 26 0.75 24.89 -18.21
C LYS A 26 2.15 25.32 -18.71
N GLU A 27 2.55 24.74 -19.85
CA GLU A 27 3.80 25.06 -20.51
C GLU A 27 3.78 26.47 -21.13
N ALA A 28 2.68 26.86 -21.77
CA ALA A 28 2.54 28.22 -22.34
C ALA A 28 2.56 29.26 -21.23
N GLU A 29 1.90 28.88 -20.14
CA GLU A 29 2.00 29.52 -18.84
C GLU A 29 3.49 29.71 -18.49
N ILE A 30 4.25 28.60 -18.49
CA ILE A 30 5.71 28.63 -18.22
C ILE A 30 6.50 29.55 -19.18
N LYS A 31 6.14 29.54 -20.46
CA LYS A 31 6.74 30.41 -21.50
C LYS A 31 6.51 31.88 -21.16
N ARG A 32 5.24 32.28 -21.12
CA ARG A 32 4.85 33.63 -20.71
C ARG A 32 5.54 34.06 -19.39
N ILE A 33 5.54 33.12 -18.43
CA ILE A 33 6.18 33.32 -17.12
C ILE A 33 7.67 33.64 -17.23
N ASN A 34 8.44 32.71 -17.79
CA ASN A 34 9.89 32.92 -17.95
C ASN A 34 10.21 34.14 -18.81
N LYS A 35 9.31 34.47 -19.73
CA LYS A 35 9.34 35.75 -20.45
C LYS A 35 9.29 36.92 -19.47
N GLU A 36 8.32 36.90 -18.56
CA GLU A 36 8.27 37.94 -17.53
C GLU A 36 9.43 37.90 -16.52
N LEU A 37 9.97 36.71 -16.27
CA LEU A 37 11.10 36.53 -15.35
C LEU A 37 12.40 37.11 -15.91
N ALA A 38 12.72 36.75 -17.17
CA ALA A 38 13.86 37.34 -17.88
C ALA A 38 13.64 38.85 -18.11
N ASN A 39 12.41 39.20 -18.49
CA ASN A 39 11.99 40.61 -18.64
C ASN A 39 12.12 41.44 -17.35
N ILE A 40 11.91 40.80 -16.19
CA ILE A 40 12.10 41.45 -14.88
C ILE A 40 13.56 41.48 -14.43
N ARG A 41 14.31 40.41 -14.69
CA ARG A 41 15.79 40.43 -14.52
C ARG A 41 16.40 41.61 -15.29
N SER A 42 15.94 41.79 -16.55
CA SER A 42 16.43 42.89 -17.43
C SER A 42 15.77 44.28 -17.18
N LYS A 43 14.54 44.30 -16.65
CA LYS A 43 13.90 45.55 -16.20
C LYS A 43 14.59 46.03 -14.91
N PHE A 44 15.07 45.05 -14.13
CA PHE A 44 15.95 45.24 -12.98
C PHE A 44 17.29 45.84 -13.39
N LYS A 45 18.11 45.00 -14.05
CA LYS A 45 19.55 45.29 -14.30
C LYS A 45 19.88 46.56 -15.10
N GLY A 46 20.09 47.68 -14.39
CA GLY A 46 20.53 48.95 -14.99
C GLY A 46 19.53 50.11 -14.93
N ASP A 47 19.80 51.15 -15.72
CA ASP A 47 18.86 52.24 -16.02
C ASP A 47 18.25 53.03 -14.85
N LYS A 48 17.33 53.94 -15.20
CA LYS A 48 16.63 54.83 -14.28
C LYS A 48 15.44 54.10 -13.58
N ALA A 49 15.75 53.21 -12.64
CA ALA A 49 14.76 52.32 -11.99
C ALA A 49 13.67 53.04 -11.15
N LEU A 50 12.45 53.12 -11.70
CA LEU A 50 11.38 54.06 -11.26
C LEU A 50 10.84 53.88 -9.84
N ASP A 51 9.77 54.61 -9.54
CA ASP A 51 9.18 54.66 -8.21
C ASP A 51 7.99 53.70 -7.94
N GLY A 52 6.76 54.20 -8.03
CA GLY A 52 5.56 53.46 -7.55
C GLY A 52 5.09 52.21 -8.29
N TYR A 53 4.18 52.41 -9.25
CA TYR A 53 3.69 51.36 -10.15
C TYR A 53 4.76 50.38 -10.66
N SER A 54 5.97 50.87 -10.94
CA SER A 54 7.12 50.04 -11.42
C SER A 54 7.62 48.99 -10.40
N LYS A 55 8.19 49.48 -9.29
CA LYS A 55 8.66 48.63 -8.17
C LYS A 55 7.53 47.78 -7.55
N LYS A 56 6.44 48.46 -7.21
CA LYS A 56 5.24 47.79 -6.69
C LYS A 56 4.82 46.67 -7.67
N LYS A 57 4.35 47.07 -8.87
CA LYS A 57 3.92 46.19 -9.97
C LYS A 57 4.83 44.96 -10.19
N TYR A 58 6.12 45.20 -10.44
CA TYR A 58 7.05 44.07 -10.71
C TYR A 58 7.37 43.17 -9.46
N VAL A 59 7.67 43.78 -8.29
CA VAL A 59 7.87 42.98 -7.05
C VAL A 59 6.64 42.08 -6.81
N CYS A 60 5.48 42.71 -6.89
CA CYS A 60 4.19 42.03 -6.88
C CYS A 60 4.14 40.87 -7.89
N LYS A 61 4.64 41.10 -9.11
CA LYS A 61 4.67 40.00 -10.10
C LYS A 61 5.60 38.83 -9.75
N LEU A 62 6.74 39.13 -9.11
CA LEU A 62 7.62 38.07 -8.57
C LEU A 62 6.96 37.27 -7.44
N LEU A 63 6.38 37.99 -6.47
CA LEU A 63 5.57 37.31 -5.45
C LEU A 63 4.55 36.40 -6.15
N PHE A 64 3.73 36.94 -7.05
CA PHE A 64 2.71 36.13 -7.75
C PHE A 64 3.26 34.88 -8.46
N ILE A 65 4.35 35.06 -9.21
CA ILE A 65 4.97 33.89 -9.87
C ILE A 65 5.42 32.86 -8.82
N PHE A 66 6.13 33.33 -7.79
CA PHE A 66 6.52 32.46 -6.68
C PHE A 66 5.30 31.68 -6.17
N LEU A 67 4.24 32.41 -5.84
CA LEU A 67 3.02 31.84 -5.31
C LEU A 67 2.14 31.20 -6.38
N LEU A 68 2.65 31.08 -7.61
CA LEU A 68 1.96 30.29 -8.63
C LEU A 68 2.36 28.83 -8.51
N GLY A 69 3.56 28.61 -8.01
CA GLY A 69 4.12 27.27 -7.88
C GLY A 69 5.47 27.19 -8.53
N HIS A 70 6.06 28.37 -8.77
CA HIS A 70 7.41 28.52 -9.35
C HIS A 70 8.35 29.14 -8.33
N ASP A 71 9.62 29.26 -8.70
CA ASP A 71 10.62 29.78 -7.76
C ASP A 71 11.33 31.06 -8.20
N ILE A 72 11.84 31.76 -7.20
CA ILE A 72 12.48 33.04 -7.37
C ILE A 72 13.89 32.92 -6.81
N ASP A 73 14.85 33.24 -7.67
CA ASP A 73 16.26 33.08 -7.37
C ASP A 73 17.02 34.42 -7.27
N PHE A 74 16.42 35.49 -7.80
CA PHE A 74 17.17 36.71 -8.08
C PHE A 74 16.60 37.99 -7.45
N GLY A 75 17.43 39.05 -7.49
CA GLY A 75 17.04 40.40 -7.08
C GLY A 75 15.93 40.46 -6.06
N HIS A 76 16.30 40.23 -4.80
CA HIS A 76 15.37 40.41 -3.70
C HIS A 76 15.85 41.59 -2.82
N MET A 77 17.10 42.02 -3.05
CA MET A 77 17.59 43.30 -2.50
C MET A 77 16.95 44.43 -3.32
N GLU A 78 17.04 44.27 -4.64
CA GLU A 78 16.27 45.03 -5.63
C GLU A 78 14.76 44.80 -5.42
N ALA A 79 14.38 44.59 -4.15
CA ALA A 79 13.00 44.44 -3.67
C ALA A 79 12.89 44.83 -2.17
N VAL A 80 13.95 44.54 -1.41
CA VAL A 80 14.14 45.08 -0.04
C VAL A 80 14.17 46.60 -0.10
N ASN A 81 14.57 47.13 -1.27
CA ASN A 81 14.29 48.53 -1.63
C ASN A 81 13.15 49.19 -0.85
N LEU A 82 11.94 48.77 -1.18
CA LEU A 82 10.67 49.44 -0.85
C LEU A 82 10.38 49.76 0.64
N LEU A 83 11.09 49.10 1.55
CA LEU A 83 10.73 49.03 3.01
C LEU A 83 10.58 50.34 3.83
N SER A 84 11.71 50.97 4.24
CA SER A 84 11.67 52.33 4.80
C SER A 84 11.16 53.23 3.66
N SER A 85 9.95 53.82 3.81
CA SER A 85 9.31 54.47 2.67
C SER A 85 8.37 55.62 3.02
N ASN A 86 8.05 56.45 1.83
CA ASN A 86 7.07 57.51 1.92
C ASN A 86 5.66 56.95 1.85
N ARG A 87 5.47 55.99 0.95
CA ARG A 87 4.16 55.36 0.68
C ARG A 87 3.88 54.14 1.57
N TYR A 88 2.60 53.91 1.89
CA TYR A 88 2.16 52.67 2.53
C TYR A 88 2.41 51.48 1.60
N THR A 89 1.74 51.48 0.44
CA THR A 89 1.63 50.29 -0.43
C THR A 89 2.98 49.69 -0.82
N GLU A 90 4.01 50.54 -0.90
CA GLU A 90 5.38 50.07 -1.11
C GLU A 90 5.93 49.36 0.15
N LYS A 91 5.70 49.96 1.33
CA LYS A 91 6.03 49.34 2.61
C LYS A 91 5.38 47.95 2.73
N GLN A 92 4.05 47.96 2.60
CA GLN A 92 3.21 46.74 2.66
C GLN A 92 3.70 45.70 1.65
N ILE A 93 3.92 46.13 0.41
CA ILE A 93 4.42 45.22 -0.63
C ILE A 93 5.79 44.62 -0.27
N GLY A 94 6.69 45.47 0.22
CA GLY A 94 8.05 45.03 0.60
C GLY A 94 8.07 44.05 1.75
N TYR A 95 7.46 44.47 2.86
CA TYR A 95 7.22 43.59 3.99
C TYR A 95 6.57 42.25 3.56
N LEU A 96 5.59 42.32 2.65
CA LEU A 96 4.90 41.13 2.14
C LEU A 96 5.85 40.16 1.43
N PHE A 97 6.53 40.66 0.39
CA PHE A 97 7.52 39.82 -0.32
C PHE A 97 8.58 39.26 0.64
N ILE A 98 9.04 40.07 1.61
CA ILE A 98 10.07 39.56 2.57
C ILE A 98 9.58 38.55 3.63
N SER A 99 8.34 38.73 4.09
CA SER A 99 7.71 37.76 4.98
C SER A 99 7.39 36.45 4.26
N VAL A 100 6.91 36.55 3.02
CA VAL A 100 6.60 35.37 2.21
C VAL A 100 7.83 34.56 1.70
N LEU A 101 9.00 35.21 1.60
CA LEU A 101 10.22 34.55 1.11
C LEU A 101 11.45 35.01 1.88
N VAL A 102 12.27 34.07 2.36
CA VAL A 102 13.60 34.39 2.90
C VAL A 102 14.63 33.36 2.42
N ASN A 103 15.67 33.83 1.73
CA ASN A 103 16.67 32.94 1.11
C ASN A 103 18.00 32.80 1.87
N SER A 104 18.95 32.10 1.23
CA SER A 104 20.31 31.89 1.76
C SER A 104 21.17 33.16 1.66
N ASN A 105 20.89 34.11 2.55
CA ASN A 105 21.65 35.37 2.65
C ASN A 105 21.58 36.00 4.04
N SER A 106 22.61 36.75 4.40
CA SER A 106 22.70 37.43 5.70
C SER A 106 22.76 38.95 5.58
N GLU A 107 23.48 39.43 4.56
CA GLU A 107 23.51 40.86 4.22
C GLU A 107 22.06 41.39 4.10
N LEU A 108 21.32 40.76 3.18
CA LEU A 108 19.88 40.92 3.09
C LEU A 108 19.32 41.08 4.51
N ILE A 109 19.48 40.02 5.32
CA ILE A 109 18.98 39.92 6.72
C ILE A 109 19.26 41.14 7.62
N ARG A 110 20.52 41.59 7.66
CA ARG A 110 20.86 42.79 8.45
C ARG A 110 20.29 44.09 7.87
N LEU A 111 20.22 44.19 6.54
CA LEU A 111 19.52 45.33 5.92
C LEU A 111 18.00 45.35 6.24
N ILE A 112 17.37 44.16 6.17
CA ILE A 112 15.97 43.94 6.59
C ILE A 112 15.73 44.35 8.08
N ASN A 113 16.59 43.90 8.99
CA ASN A 113 16.55 44.40 10.40
C ASN A 113 16.75 45.92 10.56
N ASN A 114 17.77 46.48 9.88
CA ASN A 114 17.95 47.94 9.78
C ASN A 114 16.64 48.65 9.43
N ALA A 115 16.03 48.22 8.32
CA ALA A 115 14.68 48.69 7.90
C ALA A 115 13.63 48.47 8.99
N ILE A 116 13.73 47.34 9.69
CA ILE A 116 12.80 47.00 10.78
C ILE A 116 12.84 47.99 11.93
N LYS A 117 14.00 48.22 12.54
CA LYS A 117 14.07 49.20 13.64
C LYS A 117 13.91 50.66 13.19
N ASN A 118 14.56 51.01 12.07
CA ASN A 118 14.42 52.36 11.46
C ASN A 118 13.01 52.70 10.96
N ASP A 119 12.20 51.67 10.71
CA ASP A 119 10.76 51.87 10.49
C ASP A 119 9.96 51.83 11.81
N LEU A 120 10.35 50.92 12.71
CA LEU A 120 9.65 50.73 13.97
C LEU A 120 9.68 51.95 14.89
N ALA A 121 10.86 52.55 15.07
CA ALA A 121 11.04 53.66 16.01
C ALA A 121 10.25 54.95 15.65
N SER A 122 8.96 54.78 15.34
CA SER A 122 8.14 55.87 14.82
C SER A 122 7.19 56.43 15.88
N ARG A 123 6.00 56.84 15.45
CA ARG A 123 4.99 57.40 16.33
C ARG A 123 3.56 57.23 15.78
N ASN A 124 3.37 56.26 14.88
CA ASN A 124 2.07 56.11 14.20
C ASN A 124 1.72 54.68 13.73
N PRO A 125 0.40 54.39 13.59
CA PRO A 125 -0.20 53.10 13.25
C PRO A 125 0.62 52.10 12.40
N THR A 126 0.53 52.23 11.08
CA THR A 126 0.89 51.15 10.15
C THR A 126 2.38 50.83 10.02
N PHE A 127 3.22 51.71 10.57
CA PHE A 127 4.66 51.42 10.61
C PHE A 127 4.91 50.34 11.65
N MET A 128 4.84 50.78 12.92
CA MET A 128 4.79 49.90 14.07
C MET A 128 4.05 48.64 13.65
N GLY A 129 2.85 48.83 13.11
CA GLY A 129 2.00 47.75 12.60
C GLY A 129 2.67 46.75 11.65
N LEU A 130 3.05 47.23 10.47
CA LEU A 130 3.61 46.37 9.42
C LEU A 130 4.82 45.61 9.92
N ALA A 131 5.69 46.32 10.64
CA ALA A 131 6.88 45.67 11.20
C ALA A 131 6.54 44.58 12.23
N LEU A 132 5.67 44.91 13.19
CA LEU A 132 5.20 43.91 14.16
C LEU A 132 4.64 42.67 13.45
N HIS A 133 3.76 42.90 12.46
CA HIS A 133 3.21 41.82 11.61
C HIS A 133 4.30 41.00 10.92
N CYS A 134 5.39 41.65 10.51
CA CYS A 134 6.54 40.90 9.97
C CYS A 134 7.27 40.06 11.02
N ILE A 135 7.84 40.73 12.04
CA ILE A 135 8.53 40.04 13.15
C ILE A 135 7.72 38.84 13.62
N ALA A 136 6.46 39.10 13.95
CA ALA A 136 5.54 38.07 14.38
C ALA A 136 5.23 37.08 13.26
N ASN A 137 5.27 37.54 12.01
CA ASN A 137 4.90 36.66 10.89
C ASN A 137 5.95 35.60 10.54
N VAL A 138 7.19 36.02 10.31
CA VAL A 138 8.28 35.04 10.17
C VAL A 138 9.40 35.43 11.14
N GLY A 139 10.48 36.01 10.63
CA GLY A 139 11.64 36.38 11.44
C GLY A 139 12.50 35.20 11.89
N SER A 140 13.82 35.38 11.88
CA SER A 140 14.77 34.41 12.41
C SER A 140 15.09 34.74 13.88
N ARG A 141 16.26 34.31 14.36
CA ARG A 141 16.63 34.55 15.76
C ARG A 141 16.80 36.03 16.08
N GLU A 142 17.57 36.75 15.26
CA GLU A 142 17.92 38.17 15.46
C GLU A 142 16.71 39.07 15.83
N MET A 143 15.51 38.62 15.45
CA MET A 143 14.25 39.25 15.85
C MET A 143 14.05 39.10 17.35
N ALA A 144 14.21 37.87 17.81
CA ALA A 144 14.11 37.54 19.24
C ALA A 144 15.38 37.88 20.04
N GLU A 145 16.51 38.06 19.37
CA GLU A 145 17.74 38.47 20.03
C GLU A 145 17.79 39.99 20.18
N ALA A 146 17.37 40.69 19.12
CA ALA A 146 17.41 42.14 19.11
C ALA A 146 16.14 42.80 19.63
N PHE A 147 15.01 42.10 19.58
CA PHE A 147 13.74 42.71 20.03
C PHE A 147 13.00 41.93 21.13
N ALA A 148 13.74 41.43 22.12
CA ALA A 148 13.15 40.62 23.20
C ALA A 148 12.96 41.35 24.54
N GLY A 149 13.70 42.43 24.75
CA GLY A 149 13.43 43.37 25.85
C GLY A 149 12.66 44.54 25.29
N GLU A 150 12.13 44.34 24.08
CA GLU A 150 11.55 45.39 23.23
C GLU A 150 10.04 45.55 23.42
N ILE A 151 9.30 44.47 23.17
CA ILE A 151 7.82 44.47 23.26
C ILE A 151 7.28 44.63 24.72
N PRO A 152 7.92 43.97 25.71
CA PRO A 152 7.62 44.23 27.13
C PRO A 152 7.65 45.74 27.46
N LYS A 153 8.74 46.40 27.07
CA LYS A 153 8.87 47.87 27.19
C LYS A 153 7.89 48.62 26.26
N ILE A 154 7.51 48.01 25.12
CA ILE A 154 6.41 48.53 24.26
C ILE A 154 5.13 48.70 25.07
N LEU A 155 4.77 47.69 25.86
CA LEU A 155 3.49 47.78 26.58
C LEU A 155 3.47 48.01 28.12
N VAL A 156 4.63 48.13 28.79
CA VAL A 156 4.71 48.41 30.27
C VAL A 156 3.70 49.45 30.83
N ALA A 157 4.24 50.49 31.49
CA ALA A 157 3.50 51.70 31.81
C ALA A 157 3.63 52.68 30.62
N GLY A 158 3.09 52.26 29.48
CA GLY A 158 3.18 52.99 28.21
C GLY A 158 2.10 52.57 27.23
N ASP A 159 1.44 53.57 26.64
CA ASP A 159 0.21 53.37 25.87
C ASP A 159 0.30 53.70 24.37
N THR A 160 -0.02 52.70 23.53
CA THR A 160 -0.02 52.85 22.07
C THR A 160 -1.38 52.55 21.44
N MET A 161 -1.46 52.68 20.11
CA MET A 161 -2.68 52.42 19.33
C MET A 161 -3.18 51.00 19.56
N ASP A 162 -4.48 50.84 19.82
CA ASP A 162 -5.04 49.55 20.17
C ASP A 162 -4.62 48.44 19.19
N SER A 163 -4.70 48.74 17.90
CA SER A 163 -4.24 47.82 16.84
C SER A 163 -2.79 47.38 17.07
N VAL A 164 -1.95 48.38 17.36
CA VAL A 164 -0.56 48.15 17.73
C VAL A 164 -0.46 47.37 19.04
N LYS A 165 -1.06 47.86 20.14
CA LYS A 165 -1.10 47.10 21.40
C LYS A 165 -1.33 45.60 21.09
N GLN A 166 -2.40 45.32 20.35
CA GLN A 166 -2.76 43.97 19.90
C GLN A 166 -1.63 43.23 19.16
N SER A 167 -1.21 43.79 18.02
CA SER A 167 -0.09 43.19 17.27
C SER A 167 1.17 42.98 18.15
N ALA A 168 1.30 43.81 19.18
CA ALA A 168 2.41 43.77 20.14
C ALA A 168 2.29 42.56 21.03
N ALA A 169 1.14 42.44 21.69
CA ALA A 169 0.81 41.22 22.43
C ALA A 169 1.10 39.96 21.61
N LEU A 170 0.47 39.85 20.43
CA LEU A 170 0.67 38.62 19.63
C LEU A 170 2.13 38.42 19.19
N CYS A 171 2.80 39.52 18.86
CA CYS A 171 4.23 39.48 18.57
C CYS A 171 5.01 38.87 19.75
N LEU A 172 4.84 39.44 20.95
CA LEU A 172 5.48 38.92 22.16
C LEU A 172 5.16 37.43 22.39
N LEU A 173 3.92 37.04 22.09
CA LEU A 173 3.57 35.61 22.10
C LEU A 173 4.39 34.81 21.08
N ARG A 174 4.69 35.41 19.93
CA ARG A 174 5.61 34.80 18.97
C ARG A 174 7.04 34.64 19.57
N LEU A 175 7.51 35.74 20.15
CA LEU A 175 8.88 35.84 20.72
C LEU A 175 9.09 35.00 21.98
N TYR A 176 8.00 34.64 22.63
CA TYR A 176 8.02 33.59 23.67
C TYR A 176 7.77 32.21 23.03
N ARG A 177 7.08 32.22 21.89
CA ARG A 177 6.75 31.01 21.13
C ARG A 177 8.00 30.28 20.66
N THR A 178 9.01 31.03 20.19
CA THR A 178 10.25 30.36 19.73
C THR A 178 11.54 30.57 20.59
N SER A 179 11.59 31.66 21.35
CA SER A 179 12.79 31.99 22.11
C SER A 179 12.52 32.26 23.60
N PRO A 180 12.44 31.18 24.41
CA PRO A 180 12.14 31.30 25.84
C PRO A 180 13.32 31.92 26.57
N ASP A 181 14.50 31.34 26.37
CA ASP A 181 15.78 31.84 26.84
C ASP A 181 15.91 33.33 26.55
N LEU A 182 15.46 33.73 25.36
CA LEU A 182 15.49 35.11 24.94
C LEU A 182 14.15 35.80 25.24
N VAL A 183 13.58 35.51 26.41
CA VAL A 183 12.45 36.27 26.95
C VAL A 183 12.65 36.56 28.44
N PRO A 184 12.82 37.86 28.78
CA PRO A 184 12.94 38.39 30.14
C PRO A 184 11.60 38.45 30.90
N MET A 185 11.69 38.41 32.22
CA MET A 185 10.54 38.33 33.12
C MET A 185 10.35 39.58 33.97
N GLY A 186 10.49 40.75 33.35
CA GLY A 186 10.50 42.03 34.07
C GLY A 186 9.21 42.45 34.78
N ASP A 187 9.29 43.55 35.53
CA ASP A 187 8.13 44.15 36.22
C ASP A 187 7.17 44.82 35.22
N TRP A 188 6.45 43.96 34.50
CA TRP A 188 5.40 44.39 33.58
C TRP A 188 4.15 43.53 33.73
N THR A 189 4.25 42.52 34.58
CA THR A 189 3.17 41.57 34.88
C THR A 189 1.84 42.25 35.22
N SER A 190 1.93 43.32 36.01
CA SER A 190 0.77 44.05 36.50
C SER A 190 -0.02 44.83 35.43
N ARG A 191 0.67 45.39 34.44
CA ARG A 191 -0.03 46.11 33.36
C ARG A 191 -0.48 45.18 32.23
N VAL A 192 0.23 44.05 32.09
CA VAL A 192 -0.27 42.87 31.34
C VAL A 192 -1.62 42.43 31.91
N VAL A 193 -1.65 42.09 33.20
CA VAL A 193 -2.94 41.80 33.85
C VAL A 193 -3.56 42.99 34.63
N HIS A 194 -3.50 44.16 33.98
CA HIS A 194 -4.41 45.30 34.22
C HIS A 194 -5.09 45.56 32.87
N LEU A 195 -4.31 45.63 31.79
CA LEU A 195 -4.87 45.84 30.46
C LEU A 195 -5.42 44.52 29.82
N LEU A 196 -5.83 43.59 30.69
CA LEU A 196 -6.66 42.44 30.35
C LEU A 196 -8.10 42.93 30.41
N ASN A 197 -8.43 43.48 31.58
CA ASN A 197 -9.66 44.20 31.85
C ASN A 197 -9.97 45.24 30.76
N ASP A 198 -8.93 45.74 30.10
CA ASP A 198 -9.00 46.93 29.25
C ASP A 198 -10.13 46.93 28.23
N GLN A 199 -10.67 48.13 28.01
CA GLN A 199 -11.76 48.40 27.09
C GLN A 199 -11.84 47.53 25.81
N HIS A 200 -10.88 47.70 24.90
CA HIS A 200 -10.97 47.10 23.57
C HIS A 200 -10.92 45.59 23.63
N LEU A 201 -11.95 44.95 23.08
CA LEU A 201 -12.11 43.49 23.19
C LEU A 201 -11.06 42.69 22.42
N GLY A 202 -10.47 43.30 21.38
CA GLY A 202 -9.33 42.71 20.66
C GLY A 202 -8.10 42.61 21.55
N VAL A 203 -7.82 43.71 22.25
CA VAL A 203 -6.78 43.79 23.28
C VAL A 203 -6.94 42.67 24.33
N VAL A 204 -8.11 42.67 24.95
CA VAL A 204 -8.55 41.58 25.83
C VAL A 204 -8.30 40.22 25.16
N THR A 205 -8.62 40.11 23.87
CA THR A 205 -8.37 38.86 23.13
C THR A 205 -6.89 38.47 23.13
N ALA A 206 -6.12 39.13 22.29
CA ALA A 206 -4.69 38.83 22.22
C ALA A 206 -4.10 38.57 23.62
N ALA A 207 -4.29 39.57 24.51
CA ALA A 207 -3.78 39.47 25.88
C ALA A 207 -4.17 38.13 26.47
N THR A 208 -5.47 37.84 26.50
CA THR A 208 -5.98 36.56 26.99
C THR A 208 -5.18 35.36 26.40
N SER A 209 -4.90 35.41 25.10
CA SER A 209 -4.07 34.35 24.50
C SER A 209 -2.62 34.27 25.06
N LEU A 210 -1.88 35.37 24.90
CA LEU A 210 -0.54 35.47 25.47
C LEU A 210 -0.53 34.96 26.91
N ILE A 211 -1.27 35.67 27.74
CA ILE A 211 -1.36 35.38 29.15
C ILE A 211 -1.64 33.91 29.34
N THR A 212 -2.51 33.33 28.50
CA THR A 212 -2.74 31.87 28.47
C THR A 212 -1.40 31.10 28.36
N THR A 213 -0.54 31.45 27.41
CA THR A 213 0.76 30.71 27.35
C THR A 213 1.70 31.01 28.54
N LEU A 214 1.83 32.30 28.83
CA LEU A 214 2.77 32.73 29.87
C LEU A 214 2.43 32.03 31.17
N ALA A 215 1.15 32.07 31.53
CA ALA A 215 0.65 31.39 32.72
C ALA A 215 0.60 29.84 32.58
N GLN A 216 0.56 29.35 31.34
CA GLN A 216 0.70 27.90 31.11
C GLN A 216 2.08 27.43 31.59
N LYS A 217 3.12 28.24 31.34
CA LYS A 217 4.42 27.91 31.94
C LYS A 217 4.73 28.56 33.31
N ASN A 218 4.00 29.62 33.64
CA ASN A 218 4.10 30.23 34.97
C ASN A 218 2.79 30.48 35.68
N PRO A 219 2.23 29.44 36.32
CA PRO A 219 0.96 29.66 37.03
C PRO A 219 1.01 30.83 38.05
N GLU A 220 1.77 30.65 39.14
CA GLU A 220 1.88 31.66 40.21
C GLU A 220 1.84 33.12 39.74
N GLU A 221 2.43 33.37 38.56
CA GLU A 221 2.65 34.69 38.01
C GLU A 221 1.37 35.49 37.72
N PHE A 222 0.34 34.80 37.21
CA PHE A 222 -0.89 35.48 36.72
C PHE A 222 -2.17 35.15 37.50
N LYS A 223 -1.99 34.48 38.64
CA LYS A 223 -2.98 34.33 39.72
C LYS A 223 -3.97 35.52 39.89
N THR A 224 -3.64 36.68 39.32
CA THR A 224 -4.61 37.79 39.28
C THR A 224 -5.60 37.59 38.14
N SER A 225 -5.10 37.18 36.96
CA SER A 225 -5.89 36.98 35.73
C SER A 225 -7.28 36.38 36.06
N VAL A 226 -7.27 35.18 36.67
CA VAL A 226 -8.42 34.59 37.38
C VAL A 226 -9.58 35.58 37.59
N SER A 227 -9.65 36.17 38.78
CA SER A 227 -10.78 37.01 39.16
C SER A 227 -11.26 37.93 38.03
N LEU A 228 -10.30 38.60 37.38
CA LEU A 228 -10.61 39.57 36.32
C LEU A 228 -11.26 38.93 35.10
N ALA A 229 -10.69 37.80 34.63
CA ALA A 229 -11.25 37.01 33.53
C ALA A 229 -12.64 36.59 33.92
N VAL A 230 -12.81 36.22 35.19
CA VAL A 230 -14.14 35.86 35.71
C VAL A 230 -15.16 36.99 35.53
N SER A 231 -14.93 38.12 36.20
CA SER A 231 -15.89 39.23 36.07
C SER A 231 -16.09 39.62 34.60
N ARG A 232 -15.00 39.71 33.84
CA ARG A 232 -15.07 39.99 32.39
C ARG A 232 -15.99 39.03 31.65
N LEU A 233 -15.88 37.74 31.98
CA LEU A 233 -16.77 36.73 31.41
C LEU A 233 -18.23 36.90 31.85
N SER A 234 -18.52 36.78 33.15
CA SER A 234 -19.92 36.87 33.60
C SER A 234 -20.58 38.10 32.97
N ARG A 235 -19.84 39.22 33.03
CA ARG A 235 -20.19 40.42 32.28
C ARG A 235 -20.54 40.08 30.83
N ILE A 236 -19.61 39.45 30.09
CA ILE A 236 -19.90 39.09 28.69
C ILE A 236 -21.17 38.25 28.52
N VAL A 237 -21.35 37.23 29.36
CA VAL A 237 -22.44 36.27 29.12
C VAL A 237 -23.83 36.74 29.55
N THR A 238 -23.94 37.50 30.65
CA THR A 238 -25.25 38.14 30.91
C THR A 238 -25.11 39.66 31.05
N SER A 239 -25.25 40.35 29.91
CA SER A 239 -25.12 41.80 29.86
C SER A 239 -26.47 42.42 29.53
N ALA A 240 -26.84 42.36 28.25
CA ALA A 240 -28.18 42.70 27.77
C ALA A 240 -28.27 42.17 26.35
N SER A 241 -29.50 41.93 25.88
CA SER A 241 -29.72 41.35 24.57
C SER A 241 -29.34 42.25 23.37
N THR A 242 -28.52 43.29 23.62
CA THR A 242 -28.02 44.22 22.58
C THR A 242 -26.58 44.76 22.84
N ASP A 243 -25.79 44.06 23.66
CA ASP A 243 -24.59 44.65 24.29
C ASP A 243 -23.19 44.48 23.62
N LEU A 244 -22.50 45.62 23.50
CA LEU A 244 -21.33 45.81 22.63
C LEU A 244 -21.55 45.14 21.28
N GLN A 245 -22.44 45.77 20.52
CA GLN A 245 -22.96 45.26 19.25
C GLN A 245 -21.87 45.01 18.22
N ASP A 246 -20.85 45.85 18.27
CA ASP A 246 -19.63 45.68 17.51
C ASP A 246 -19.04 44.26 17.63
N TYR A 247 -19.26 43.61 18.79
CA TYR A 247 -18.61 42.34 19.15
C TYR A 247 -19.56 41.23 19.54
N THR A 248 -20.51 40.97 18.64
CA THR A 248 -21.54 39.94 18.78
C THR A 248 -21.47 39.26 17.45
N TYR A 249 -21.33 37.94 17.45
CA TYR A 249 -21.37 37.21 16.18
C TYR A 249 -22.74 36.56 16.14
N TYR A 250 -23.40 36.60 14.99
CA TYR A 250 -24.79 36.14 14.89
C TYR A 250 -25.53 35.95 16.24
N PHE A 251 -25.76 37.11 16.89
CA PHE A 251 -26.58 37.25 18.15
C PHE A 251 -25.91 36.83 19.49
N VAL A 252 -24.93 35.91 19.42
CA VAL A 252 -24.06 35.56 20.55
C VAL A 252 -23.01 36.61 20.90
N PRO A 253 -22.86 36.94 22.20
CA PRO A 253 -21.82 37.89 22.60
C PRO A 253 -20.39 37.34 22.69
N ALA A 254 -19.51 37.87 21.85
CA ALA A 254 -18.04 37.74 21.95
C ALA A 254 -17.58 36.33 22.23
N PRO A 255 -17.89 35.41 21.31
CA PRO A 255 -17.76 33.99 21.64
C PRO A 255 -16.31 33.52 21.65
N TRP A 256 -15.48 34.03 20.74
CA TRP A 256 -14.09 33.64 20.80
C TRP A 256 -13.37 34.25 22.01
N LEU A 257 -13.86 35.40 22.51
CA LEU A 257 -13.30 35.90 23.78
C LEU A 257 -13.67 35.01 24.96
N SER A 258 -14.95 34.62 25.04
CA SER A 258 -15.41 33.67 26.07
C SER A 258 -14.57 32.43 25.97
N VAL A 259 -14.46 31.91 24.75
CA VAL A 259 -13.81 30.65 24.51
C VAL A 259 -12.35 30.74 24.90
N LYS A 260 -11.75 31.91 24.62
CA LYS A 260 -10.36 32.13 25.02
C LYS A 260 -10.21 32.33 26.54
N LEU A 261 -11.24 32.83 27.23
CA LEU A 261 -11.13 32.94 28.69
C LEU A 261 -11.37 31.62 29.40
N LEU A 262 -12.46 30.93 29.03
CA LEU A 262 -12.64 29.51 29.32
C LEU A 262 -11.33 28.71 29.16
N ARG A 263 -10.73 28.79 27.98
CA ARG A 263 -9.46 28.16 27.81
C ARG A 263 -8.42 28.72 28.82
N LEU A 264 -8.48 30.04 29.12
CA LEU A 264 -7.55 30.70 30.08
C LEU A 264 -7.71 30.28 31.53
N LEU A 265 -8.91 29.87 31.93
CA LEU A 265 -9.06 29.36 33.31
C LEU A 265 -8.62 27.91 33.48
N GLN A 266 -8.63 27.16 32.37
CA GLN A 266 -8.26 25.72 32.36
C GLN A 266 -6.78 25.42 32.70
N CYS A 267 -5.94 26.45 32.80
CA CYS A 267 -4.59 26.26 33.30
C CYS A 267 -4.51 26.47 34.82
N TYR A 268 -5.61 26.98 35.39
CA TYR A 268 -5.71 27.16 36.83
C TYR A 268 -6.72 26.21 37.48
N PRO A 269 -6.24 25.42 38.44
CA PRO A 269 -7.15 24.62 39.26
C PRO A 269 -8.06 25.50 40.16
N PRO A 270 -9.30 25.00 40.46
CA PRO A 270 -10.41 25.65 41.18
C PRO A 270 -10.09 26.96 41.89
N PRO A 271 -10.47 28.09 41.28
CA PRO A 271 -10.35 29.49 41.72
C PRO A 271 -10.46 29.62 43.22
N GLU A 272 -9.54 30.38 43.81
CA GLU A 272 -9.44 30.41 45.25
C GLU A 272 -10.53 31.25 45.87
N ASP A 273 -10.18 32.47 46.29
CA ASP A 273 -11.13 33.44 46.81
C ASP A 273 -12.53 33.10 46.26
N PRO A 274 -13.47 32.78 47.17
CA PRO A 274 -14.69 32.06 46.80
C PRO A 274 -15.84 32.92 46.27
N ALA A 275 -15.76 34.26 46.36
CA ALA A 275 -16.71 35.15 45.67
C ALA A 275 -16.48 35.04 44.17
N VAL A 276 -15.20 34.88 43.83
CA VAL A 276 -14.74 34.61 42.48
C VAL A 276 -15.28 33.26 42.02
N ARG A 277 -14.96 32.20 42.78
CA ARG A 277 -15.45 30.87 42.49
C ARG A 277 -17.00 30.88 42.37
N GLY A 278 -17.63 31.71 43.22
CA GLY A 278 -19.06 31.94 43.20
C GLY A 278 -19.46 32.44 41.82
N ARG A 279 -18.93 33.59 41.44
CA ARG A 279 -19.30 34.13 40.13
C ARG A 279 -19.05 33.16 39.01
N LEU A 280 -17.88 32.53 39.03
CA LEU A 280 -17.61 31.48 38.05
C LEU A 280 -18.75 30.40 37.96
N THR A 281 -19.12 29.79 39.10
CA THR A 281 -20.26 28.84 39.13
C THR A 281 -21.48 29.53 38.56
N GLU A 282 -22.05 30.45 39.34
CA GLU A 282 -23.21 31.25 38.91
C GLU A 282 -23.23 31.44 37.38
N CYS A 283 -22.04 31.69 36.82
CA CYS A 283 -21.95 32.00 35.41
C CYS A 283 -22.02 30.77 34.53
N LEU A 284 -21.03 29.88 34.67
CA LEU A 284 -21.09 28.58 34.02
C LEU A 284 -22.53 28.07 34.00
N GLU A 285 -23.19 28.16 35.17
CA GLU A 285 -24.64 27.97 35.34
C GLU A 285 -25.45 28.72 34.30
N THR A 286 -25.30 30.04 34.31
CA THR A 286 -25.85 30.85 33.25
C THR A 286 -25.68 30.21 31.85
N ILE A 287 -24.44 30.12 31.37
CA ILE A 287 -24.10 29.47 30.08
C ILE A 287 -24.89 28.18 29.81
N LEU A 288 -24.80 27.26 30.75
CA LEU A 288 -25.59 26.06 30.70
C LEU A 288 -27.08 26.32 30.40
N ASN A 289 -27.62 27.25 31.18
CA ASN A 289 -29.02 27.57 31.03
C ASN A 289 -29.30 28.26 29.71
N LYS A 290 -28.34 29.00 29.17
CA LYS A 290 -28.61 29.65 27.90
C LYS A 290 -28.65 28.61 26.82
N ALA A 291 -27.77 27.63 26.90
CA ALA A 291 -27.95 26.47 25.97
C ALA A 291 -29.32 25.82 26.14
N GLN A 292 -29.80 25.75 27.41
CA GLN A 292 -31.20 25.37 27.65
C GLN A 292 -32.15 26.06 26.64
N GLU A 293 -32.11 27.41 26.57
CA GLU A 293 -33.08 28.32 25.87
C GLU A 293 -33.63 27.97 24.46
N PRO A 294 -33.81 28.98 23.58
CA PRO A 294 -34.06 28.52 22.19
C PRO A 294 -33.30 29.34 21.12
N PRO A 295 -33.13 28.76 19.91
CA PRO A 295 -32.45 29.43 18.79
C PRO A 295 -32.91 30.87 18.66
N LYS A 296 -31.98 31.81 18.65
CA LYS A 296 -32.31 33.25 18.51
C LYS A 296 -32.14 33.65 17.06
N SER A 297 -31.60 32.73 16.27
CA SER A 297 -31.43 32.89 14.81
C SER A 297 -31.49 31.54 14.12
N LYS A 298 -32.31 31.42 13.09
CA LYS A 298 -32.36 30.18 12.32
C LYS A 298 -30.99 29.88 11.69
N LYS A 299 -30.11 30.87 11.66
CA LYS A 299 -28.86 30.73 10.91
C LYS A 299 -27.84 29.86 11.66
N VAL A 300 -27.32 28.83 11.00
CA VAL A 300 -26.43 27.83 11.65
C VAL A 300 -25.25 28.41 12.45
N GLN A 301 -24.71 29.51 11.96
CA GLN A 301 -23.59 30.13 12.65
C GLN A 301 -23.88 30.54 14.10
N HIS A 302 -25.02 31.17 14.34
CA HIS A 302 -25.37 31.57 15.71
C HIS A 302 -25.31 30.38 16.64
N SER A 303 -26.08 29.36 16.27
CA SER A 303 -26.10 28.11 16.97
C SER A 303 -24.64 27.80 17.31
N ASN A 304 -23.82 27.72 16.27
CA ASN A 304 -22.44 27.31 16.52
C ASN A 304 -21.65 28.17 17.49
N ALA A 305 -21.41 29.44 17.18
CA ALA A 305 -20.83 30.30 18.23
C ALA A 305 -21.33 30.00 19.68
N LYS A 306 -22.63 30.13 19.92
CA LYS A 306 -23.10 29.65 21.24
C LYS A 306 -22.45 28.28 21.66
N ASN A 307 -22.67 27.21 20.87
CA ASN A 307 -22.13 25.90 21.27
C ASN A 307 -20.62 25.86 21.50
N ALA A 308 -19.88 26.65 20.73
CA ALA A 308 -18.46 26.70 20.96
C ALA A 308 -18.39 27.03 22.42
N VAL A 309 -19.01 28.16 22.80
CA VAL A 309 -18.84 28.50 24.20
C VAL A 309 -19.26 27.32 25.11
N LEU A 310 -20.50 26.87 24.96
CA LEU A 310 -20.98 25.71 25.76
C LEU A 310 -19.97 24.56 25.90
N PHE A 311 -19.44 24.10 24.77
CA PHE A 311 -18.44 23.05 24.80
C PHE A 311 -17.21 23.39 25.62
N GLU A 312 -16.63 24.59 25.38
CA GLU A 312 -15.47 24.98 26.22
C GLU A 312 -15.85 25.13 27.70
N ALA A 313 -17.07 25.61 27.95
CA ALA A 313 -17.51 25.70 29.33
C ALA A 313 -17.50 24.32 29.99
N ILE A 314 -18.24 23.35 29.39
CA ILE A 314 -18.24 21.96 29.84
C ILE A 314 -16.81 21.63 30.20
N SER A 315 -15.91 21.81 29.23
CA SER A 315 -14.50 21.48 29.51
C SER A 315 -13.95 22.10 30.83
N LEU A 316 -14.11 23.42 31.04
CA LEU A 316 -13.66 24.04 32.31
C LEU A 316 -14.25 23.37 33.54
N ILE A 317 -15.55 23.14 33.49
CA ILE A 317 -16.19 22.14 34.41
C ILE A 317 -15.47 20.78 34.60
N ILE A 318 -14.95 20.18 33.52
CA ILE A 318 -14.32 18.83 33.73
C ILE A 318 -12.98 19.03 34.35
N HIS A 319 -12.12 19.85 33.73
CA HIS A 319 -10.83 20.28 34.37
C HIS A 319 -10.95 20.70 35.85
N HIS A 320 -12.05 21.36 36.24
CA HIS A 320 -12.28 21.65 37.65
C HIS A 320 -12.58 20.51 38.64
N ASP A 321 -13.48 19.58 38.28
CA ASP A 321 -14.08 18.56 39.21
C ASP A 321 -14.56 19.04 40.58
N SER A 322 -14.72 20.35 40.77
CA SER A 322 -15.21 20.89 42.06
C SER A 322 -16.74 21.02 42.11
N GLU A 323 -17.38 20.97 40.93
CA GLU A 323 -18.85 21.01 40.84
C GLU A 323 -19.54 19.68 40.43
N PRO A 324 -20.32 19.09 41.38
CA PRO A 324 -21.03 17.85 41.09
C PRO A 324 -22.23 18.12 40.17
N ASN A 325 -23.10 19.02 40.59
CA ASN A 325 -24.29 19.43 39.86
C ASN A 325 -24.00 19.76 38.38
N LEU A 326 -23.10 20.74 38.20
CA LEU A 326 -22.58 21.19 36.93
C LEU A 326 -22.17 20.03 36.05
N LEU A 327 -21.28 19.20 36.57
CA LEU A 327 -20.91 18.00 35.83
C LEU A 327 -22.13 17.22 35.40
N VAL A 328 -23.01 16.90 36.34
CA VAL A 328 -24.16 16.10 35.96
C VAL A 328 -24.91 16.73 34.78
N ARG A 329 -25.11 18.06 34.84
CA ARG A 329 -25.87 18.71 33.78
C ARG A 329 -25.11 18.71 32.45
N ALA A 330 -23.78 18.75 32.54
CA ALA A 330 -23.00 18.78 31.32
C ALA A 330 -23.28 17.48 30.67
N CYS A 331 -23.21 16.44 31.50
CA CYS A 331 -23.65 15.18 30.97
C CYS A 331 -25.02 15.35 30.31
N ASN A 332 -26.06 15.78 31.04
CA ASN A 332 -27.42 15.83 30.45
C ASN A 332 -27.56 16.51 29.10
N GLN A 333 -26.79 17.56 28.91
CA GLN A 333 -26.90 18.37 27.71
C GLN A 333 -26.22 17.63 26.58
N LEU A 334 -24.95 17.36 26.83
CA LEU A 334 -24.17 16.54 25.95
C LEU A 334 -24.93 15.29 25.54
N GLY A 335 -25.80 14.87 26.44
CA GLY A 335 -26.60 13.73 26.23
C GLY A 335 -27.54 14.04 25.12
N GLN A 336 -28.40 15.04 25.36
CA GLN A 336 -29.35 15.54 24.33
C GLN A 336 -28.73 15.69 22.94
N PHE A 337 -27.48 16.21 22.90
CA PHE A 337 -26.72 16.39 21.62
C PHE A 337 -26.33 15.16 20.80
N LEU A 338 -26.25 13.98 21.39
CA LEU A 338 -25.74 12.79 20.66
C LEU A 338 -26.61 12.24 19.49
N GLN A 339 -27.81 12.75 19.32
CA GLN A 339 -28.67 12.29 18.25
C GLN A 339 -29.12 13.48 17.34
N HIS A 340 -28.30 14.53 17.41
CA HIS A 340 -28.55 15.75 16.70
C HIS A 340 -28.57 15.51 15.19
N ARG A 341 -29.46 16.16 14.49
CA ARG A 341 -29.40 16.18 13.04
C ARG A 341 -27.98 16.46 12.56
N GLU A 342 -27.46 17.65 12.88
CA GLU A 342 -26.05 18.06 12.73
C GLU A 342 -24.99 16.96 13.00
N THR A 343 -23.97 16.79 12.17
CA THR A 343 -22.98 15.76 12.59
C THR A 343 -21.90 16.32 13.49
N ASN A 344 -21.45 17.54 13.26
CA ASN A 344 -20.44 18.13 14.15
C ASN A 344 -20.81 18.07 15.62
N LEU A 345 -22.10 18.30 15.89
CA LEU A 345 -22.55 18.29 17.25
C LEU A 345 -22.56 16.88 17.88
N ARG A 346 -23.10 15.86 17.22
CA ARG A 346 -22.92 14.54 17.74
C ARG A 346 -21.42 14.38 18.04
N TYR A 347 -20.62 14.54 17.00
CA TYR A 347 -19.22 14.13 17.10
C TYR A 347 -18.49 14.87 18.26
N LEU A 348 -18.42 16.20 18.21
CA LEU A 348 -18.18 16.97 19.45
C LEU A 348 -18.81 16.60 20.86
N ALA A 349 -20.09 16.19 20.95
CA ALA A 349 -20.62 15.61 22.23
C ALA A 349 -19.92 14.33 22.61
N LEU A 350 -19.87 13.45 21.63
CA LEU A 350 -19.24 12.18 21.82
C LEU A 350 -17.88 12.37 22.39
N GLU A 351 -17.01 13.05 21.64
CA GLU A 351 -15.68 13.49 22.20
C GLU A 351 -15.79 14.03 23.62
N SER A 352 -16.64 15.03 23.77
CA SER A 352 -16.70 15.73 25.03
C SER A 352 -17.03 14.86 26.23
N MET A 353 -18.20 14.21 26.17
CA MET A 353 -18.67 13.16 27.14
C MET A 353 -17.70 12.00 27.36
N CYS A 354 -16.98 11.58 26.34
CA CYS A 354 -15.81 10.76 26.60
C CYS A 354 -14.89 11.53 27.55
N THR A 355 -14.26 12.66 27.17
CA THR A 355 -13.47 13.42 28.19
C THR A 355 -14.13 13.49 29.57
N LEU A 356 -15.43 13.75 29.58
CA LEU A 356 -16.18 13.80 30.81
C LEU A 356 -16.07 12.48 31.62
N ALA A 357 -16.63 11.35 31.19
CA ALA A 357 -16.55 10.05 31.96
C ALA A 357 -15.45 9.83 33.06
N SER A 358 -14.33 10.52 32.98
CA SER A 358 -13.31 10.33 34.02
C SER A 358 -13.65 10.95 35.38
N SER A 359 -14.65 11.82 35.43
CA SER A 359 -15.14 12.31 36.70
C SER A 359 -16.14 11.37 37.30
N GLU A 360 -15.86 10.91 38.50
CA GLU A 360 -16.75 9.96 39.17
C GLU A 360 -18.06 10.56 39.63
N PHE A 361 -18.11 11.87 39.78
CA PHE A 361 -19.39 12.53 39.99
C PHE A 361 -20.41 12.26 38.89
N SER A 362 -19.94 12.11 37.66
CA SER A 362 -20.84 11.99 36.53
C SER A 362 -20.86 10.60 35.87
N HIS A 363 -20.54 9.58 36.65
CA HIS A 363 -20.28 8.34 36.02
C HIS A 363 -21.61 7.53 35.74
N GLU A 364 -22.59 7.62 36.65
CA GLU A 364 -23.90 6.93 36.46
C GLU A 364 -24.59 7.85 35.50
N ALA A 365 -24.61 9.12 35.87
CA ALA A 365 -24.98 10.16 34.92
C ALA A 365 -24.68 9.74 33.47
N VAL A 366 -23.41 9.62 33.11
CA VAL A 366 -23.04 8.97 31.83
C VAL A 366 -23.65 7.58 31.55
N LYS A 367 -23.30 6.55 32.32
CA LYS A 367 -23.82 5.19 32.02
C LYS A 367 -25.24 5.11 31.31
N THR A 368 -26.13 6.06 31.68
CA THR A 368 -27.53 6.05 31.24
C THR A 368 -27.68 6.00 29.73
N HIS A 369 -26.60 6.36 29.03
CA HIS A 369 -26.63 6.73 27.61
C HIS A 369 -26.10 5.61 26.83
N ILE A 370 -25.61 4.60 27.56
CA ILE A 370 -25.11 3.43 26.88
C ILE A 370 -25.96 3.11 25.69
N GLU A 371 -27.26 2.88 25.88
CA GLU A 371 -28.14 2.61 24.74
C GLU A 371 -27.91 3.40 23.42
N THR A 372 -28.02 4.73 23.54
CA THR A 372 -27.63 5.73 22.55
C THR A 372 -26.28 5.51 21.85
N VAL A 373 -25.21 5.46 22.65
CA VAL A 373 -23.87 5.31 22.13
C VAL A 373 -23.78 3.98 21.38
N ILE A 374 -24.22 2.89 22.00
CA ILE A 374 -24.13 1.58 21.37
C ILE A 374 -24.86 1.69 20.06
N ASN A 375 -25.85 2.57 20.06
CA ASN A 375 -26.53 2.74 18.80
C ASN A 375 -25.72 3.58 17.80
N ALA A 376 -25.03 4.65 18.24
CA ALA A 376 -24.17 5.46 17.34
C ALA A 376 -23.15 4.59 16.71
N LEU A 377 -22.48 3.82 17.54
CA LEU A 377 -21.37 3.03 17.09
C LEU A 377 -21.89 2.00 16.14
N LYS A 378 -23.06 1.50 16.41
CA LYS A 378 -23.64 0.48 15.56
C LYS A 378 -24.14 1.03 14.23
N THR A 379 -24.29 2.33 14.14
CA THR A 379 -25.08 2.89 13.09
C THR A 379 -24.44 4.03 12.34
N GLU A 380 -24.14 5.10 13.06
CA GLU A 380 -23.63 6.31 12.49
C GLU A 380 -23.16 6.15 11.06
N ARG A 381 -22.05 5.42 10.91
CA ARG A 381 -21.49 5.10 9.56
C ARG A 381 -20.99 6.28 8.64
N ASP A 382 -20.47 7.30 9.34
CA ASP A 382 -19.19 7.92 9.09
C ASP A 382 -18.24 7.21 10.08
N VAL A 383 -17.02 7.68 10.27
CA VAL A 383 -16.10 6.91 11.11
C VAL A 383 -15.30 7.63 12.16
N SER A 384 -14.84 8.84 11.86
CA SER A 384 -14.40 9.71 12.91
C SER A 384 -15.36 9.46 14.06
N VAL A 385 -16.64 9.35 13.68
CA VAL A 385 -17.73 9.22 14.65
C VAL A 385 -17.68 7.93 15.50
N ARG A 386 -18.00 6.80 14.88
CA ARG A 386 -17.82 5.53 15.60
C ARG A 386 -16.52 5.52 16.41
N GLN A 387 -15.39 5.93 15.84
CA GLN A 387 -14.16 6.01 16.68
C GLN A 387 -14.26 6.82 18.00
N ARG A 388 -14.90 7.98 17.89
CA ARG A 388 -15.40 8.60 19.09
C ARG A 388 -16.36 7.74 19.97
N ALA A 389 -17.32 7.04 19.35
CA ALA A 389 -18.24 6.15 20.11
C ALA A 389 -17.50 5.05 20.83
N VAL A 390 -16.56 4.40 20.19
CA VAL A 390 -16.02 3.22 20.77
C VAL A 390 -15.17 3.68 21.88
N ASP A 391 -14.31 4.70 21.61
CA ASP A 391 -13.66 5.44 22.77
C ASP A 391 -14.55 5.82 23.96
N LEU A 392 -15.75 6.31 23.67
CA LEU A 392 -16.75 6.49 24.74
C LEU A 392 -17.33 5.23 25.47
N LEU A 393 -17.67 4.14 24.82
CA LEU A 393 -17.99 3.03 25.72
C LEU A 393 -16.75 2.73 26.55
N TYR A 394 -15.63 2.52 25.86
CA TYR A 394 -14.47 2.00 26.61
C TYR A 394 -14.40 2.83 27.81
N ALA A 395 -14.15 4.14 27.62
CA ALA A 395 -14.47 5.20 28.56
C ALA A 395 -15.44 4.92 29.69
N MET A 396 -16.70 4.57 29.36
CA MET A 396 -17.81 4.55 30.35
C MET A 396 -17.98 3.26 31.11
N CYS A 397 -17.11 2.29 30.86
CA CYS A 397 -17.31 0.93 31.36
C CYS A 397 -17.07 0.66 32.85
N ASP A 398 -18.04 0.05 33.53
CA ASP A 398 -17.78 -0.68 34.81
C ASP A 398 -18.34 -2.12 34.74
N ARG A 399 -18.67 -2.82 35.85
CA ARG A 399 -18.91 -4.31 35.76
C ARG A 399 -20.10 -4.92 34.82
N SER A 400 -21.35 -4.56 35.16
CA SER A 400 -22.52 -4.53 34.24
C SER A 400 -22.29 -4.22 32.65
N ASN A 401 -21.96 -2.95 32.43
CA ASN A 401 -21.53 -2.53 31.16
C ASN A 401 -20.67 -3.63 30.68
N ALA A 402 -19.73 -4.11 31.51
CA ALA A 402 -18.51 -4.62 30.94
C ALA A 402 -18.96 -5.72 30.12
N GLN A 403 -19.79 -6.56 30.73
CA GLN A 403 -20.38 -7.67 29.96
C GLN A 403 -20.88 -7.24 28.57
N GLN A 404 -21.84 -6.29 28.58
CA GLN A 404 -22.33 -5.89 27.21
C GLN A 404 -21.28 -5.13 26.31
N ILE A 405 -20.78 -4.00 26.80
CA ILE A 405 -19.81 -3.21 26.09
C ILE A 405 -18.84 -4.14 25.32
N VAL A 406 -18.20 -5.05 26.06
CA VAL A 406 -17.40 -6.08 25.39
C VAL A 406 -18.16 -6.85 24.26
N ALA A 407 -19.33 -7.46 24.55
CA ALA A 407 -20.04 -8.16 23.41
C ALA A 407 -20.08 -7.27 22.15
N GLU A 408 -20.35 -5.98 22.40
CA GLU A 408 -20.59 -5.06 21.29
C GLU A 408 -19.26 -4.75 20.53
N MET A 409 -18.24 -4.34 21.27
CA MET A 409 -16.97 -4.09 20.61
C MET A 409 -16.53 -5.30 19.81
N LEU A 410 -16.85 -6.49 20.34
CA LEU A 410 -16.54 -7.68 19.58
C LEU A 410 -17.23 -7.73 18.23
N SER A 411 -18.55 -7.52 18.16
CA SER A 411 -19.03 -7.50 16.74
C SER A 411 -18.37 -6.37 15.91
N TYR A 412 -18.32 -5.20 16.55
CA TYR A 412 -17.85 -3.99 15.90
C TYR A 412 -16.55 -4.29 15.24
N LEU A 413 -15.72 -5.08 15.91
CA LEU A 413 -14.51 -5.63 15.30
C LEU A 413 -14.80 -6.67 14.22
N GLU A 414 -15.81 -7.51 14.36
CA GLU A 414 -16.10 -8.26 13.11
C GLU A 414 -16.16 -7.26 11.94
N THR A 415 -16.14 -5.94 12.20
CA THR A 415 -15.80 -4.97 11.03
C THR A 415 -15.06 -3.58 11.05
N ALA A 416 -13.72 -3.55 10.97
CA ALA A 416 -12.94 -2.27 10.88
C ALA A 416 -11.52 -2.42 10.25
N ASP A 417 -10.95 -1.31 9.72
CA ASP A 417 -9.55 -1.25 9.09
C ASP A 417 -8.41 -2.25 9.44
N TYR A 418 -7.53 -1.79 10.33
CA TYR A 418 -6.22 -2.35 10.60
C TYR A 418 -5.69 -1.78 11.96
N SER A 419 -5.50 -0.43 11.94
CA SER A 419 -5.05 0.38 13.13
C SER A 419 -6.11 0.23 14.25
N ILE A 420 -7.28 0.76 13.95
CA ILE A 420 -8.41 0.47 14.78
C ILE A 420 -8.45 -1.02 15.17
N ARG A 421 -8.26 -1.97 14.26
CA ARG A 421 -8.50 -3.31 14.68
C ARG A 421 -7.63 -3.55 15.86
N GLU A 422 -6.36 -3.20 15.71
CA GLU A 422 -5.49 -3.55 16.82
C GLU A 422 -5.93 -2.86 18.08
N GLU A 423 -6.21 -1.55 18.00
CA GLU A 423 -6.51 -0.84 19.26
C GLU A 423 -7.81 -1.33 19.94
N ILE A 424 -8.73 -1.81 19.13
CA ILE A 424 -9.98 -2.32 19.71
C ILE A 424 -9.60 -3.58 20.42
N VAL A 425 -8.73 -4.36 19.79
CA VAL A 425 -8.42 -5.65 20.38
C VAL A 425 -7.76 -5.47 21.69
N LEU A 426 -6.82 -4.51 21.73
CA LEU A 426 -6.24 -4.01 23.01
C LEU A 426 -7.24 -3.58 24.10
N LYS A 427 -8.20 -2.71 23.76
CA LYS A 427 -9.25 -2.45 24.75
C LYS A 427 -10.10 -3.69 25.14
N VAL A 428 -10.81 -4.32 24.23
CA VAL A 428 -11.54 -5.54 24.65
C VAL A 428 -10.70 -6.38 25.65
N ALA A 429 -9.42 -6.61 25.31
CA ALA A 429 -8.49 -7.22 26.30
C ALA A 429 -8.33 -6.44 27.64
N ILE A 430 -8.13 -5.11 27.62
CA ILE A 430 -8.10 -4.57 28.95
C ILE A 430 -9.43 -4.63 29.75
N LEU A 431 -10.56 -4.39 29.08
CA LEU A 431 -11.86 -4.52 29.78
C LEU A 431 -12.01 -5.95 30.29
N ALA A 432 -12.08 -6.94 29.43
CA ALA A 432 -12.27 -8.26 29.97
C ALA A 432 -11.24 -8.62 31.06
N GLU A 433 -9.98 -8.13 30.96
CA GLU A 433 -9.01 -8.45 32.09
C GLU A 433 -9.51 -7.73 33.37
N LYS A 434 -9.77 -6.42 33.29
CA LYS A 434 -10.06 -5.60 34.44
C LYS A 434 -11.39 -5.88 35.10
N TYR A 435 -12.34 -6.34 34.30
CA TYR A 435 -13.70 -6.38 34.82
C TYR A 435 -14.29 -7.70 34.93
N ALA A 436 -13.64 -8.72 34.41
CA ALA A 436 -14.33 -9.97 34.38
C ALA A 436 -14.70 -10.36 35.79
N VAL A 437 -15.95 -10.76 35.99
CA VAL A 437 -16.33 -11.24 37.33
C VAL A 437 -16.06 -12.71 37.38
N ASP A 438 -16.70 -13.45 36.48
CA ASP A 438 -16.34 -14.84 36.25
C ASP A 438 -15.23 -14.74 35.25
N TYR A 439 -14.20 -15.58 35.46
CA TYR A 439 -12.98 -15.61 34.62
C TYR A 439 -13.05 -16.62 33.52
N THR A 440 -14.17 -17.30 33.39
CA THR A 440 -14.32 -18.11 32.19
C THR A 440 -14.71 -17.27 30.96
N TRP A 441 -15.59 -16.33 31.18
CA TRP A 441 -15.81 -15.27 30.24
C TRP A 441 -14.51 -14.61 29.78
N TYR A 442 -13.47 -14.58 30.63
CA TYR A 442 -12.25 -13.83 30.25
C TYR A 442 -11.43 -14.56 29.21
N VAL A 443 -11.00 -15.77 29.55
CA VAL A 443 -10.61 -16.75 28.52
C VAL A 443 -11.58 -16.79 27.30
N ASP A 444 -12.88 -16.86 27.49
CA ASP A 444 -13.63 -16.89 26.32
C ASP A 444 -13.43 -15.65 25.45
N THR A 445 -13.20 -14.52 26.09
CA THR A 445 -13.15 -13.31 25.29
C THR A 445 -11.80 -13.16 24.61
N ILE A 446 -10.77 -13.55 25.32
CA ILE A 446 -9.52 -13.48 24.65
C ILE A 446 -9.56 -14.43 23.46
N LEU A 447 -10.05 -15.66 23.68
CA LEU A 447 -10.11 -16.69 22.59
C LEU A 447 -10.90 -16.18 21.42
N ASN A 448 -11.95 -15.45 21.77
CA ASN A 448 -12.63 -14.63 20.82
C ASN A 448 -11.83 -13.55 20.04
N LEU A 449 -11.04 -12.73 20.71
CA LEU A 449 -10.26 -11.87 19.87
C LEU A 449 -9.50 -12.78 18.91
N ILE A 450 -8.74 -13.74 19.41
CA ILE A 450 -7.94 -14.53 18.46
C ILE A 450 -8.80 -14.91 17.27
N ARG A 451 -10.03 -15.41 17.51
CA ARG A 451 -10.90 -15.80 16.38
C ARG A 451 -11.28 -14.69 15.39
N ILE A 452 -11.88 -13.62 15.89
CA ILE A 452 -12.34 -12.48 15.08
C ILE A 452 -11.22 -11.72 14.41
N ALA A 453 -10.07 -11.70 15.05
CA ALA A 453 -8.99 -10.91 14.52
C ALA A 453 -7.76 -11.79 14.30
N GLY A 454 -7.14 -12.25 15.39
CA GLY A 454 -5.87 -12.95 15.29
C GLY A 454 -4.73 -12.16 14.65
N ASP A 455 -4.78 -11.98 13.33
CA ASP A 455 -3.73 -11.23 12.64
C ASP A 455 -3.51 -9.94 13.43
N TYR A 456 -4.59 -9.31 13.83
CA TYR A 456 -4.57 -8.18 14.73
C TYR A 456 -4.88 -9.05 15.84
N VAL A 457 -3.90 -9.12 16.68
CA VAL A 457 -4.18 -9.32 18.07
C VAL A 457 -3.31 -8.17 18.66
N SER A 458 -2.23 -8.56 19.36
CA SER A 458 -1.02 -7.81 19.56
C SER A 458 -0.37 -8.98 20.17
N GLU A 459 0.57 -8.81 21.13
CA GLU A 459 1.26 -9.98 21.80
C GLU A 459 1.12 -9.94 23.31
N GLU A 460 0.94 -8.75 23.85
CA GLU A 460 0.84 -8.61 25.29
C GLU A 460 -0.49 -9.21 25.65
N VAL A 461 -1.48 -9.05 24.79
CA VAL A 461 -2.68 -9.93 24.85
C VAL A 461 -2.37 -11.47 24.93
N TRP A 462 -1.66 -12.09 24.00
CA TRP A 462 -1.50 -13.51 24.35
C TRP A 462 -0.58 -13.78 25.53
N TYR A 463 0.43 -12.95 25.74
CA TYR A 463 1.18 -13.08 26.98
C TYR A 463 0.31 -12.96 28.23
N ARG A 464 -0.71 -12.09 28.17
CA ARG A 464 -1.49 -11.82 29.37
C ARG A 464 -2.44 -12.94 29.63
N VAL A 465 -3.10 -13.43 28.58
CA VAL A 465 -4.07 -14.53 28.79
C VAL A 465 -3.38 -15.77 29.24
N ILE A 466 -2.16 -15.94 28.71
CA ILE A 466 -1.31 -17.01 29.23
C ILE A 466 -1.05 -16.73 30.67
N GLN A 467 -0.52 -15.53 30.97
CA GLN A 467 -0.16 -15.18 32.34
C GLN A 467 -1.32 -15.58 33.26
N ILE A 468 -2.52 -15.07 32.95
CA ILE A 468 -3.71 -15.26 33.78
C ILE A 468 -4.07 -16.69 33.96
N VAL A 469 -4.36 -17.43 32.87
CA VAL A 469 -4.67 -18.85 33.09
C VAL A 469 -3.74 -19.52 34.09
N ILE A 470 -2.42 -19.41 33.94
CA ILE A 470 -1.51 -19.95 35.00
C ILE A 470 -1.88 -19.43 36.42
N ASN A 471 -1.98 -18.12 36.63
CA ASN A 471 -2.20 -17.61 37.94
C ASN A 471 -3.56 -17.87 38.68
N ARG A 472 -4.58 -18.41 38.00
CA ARG A 472 -5.89 -18.52 38.64
C ARG A 472 -6.35 -19.91 39.02
N ASP A 473 -5.98 -20.95 38.28
CA ASP A 473 -6.37 -22.34 38.73
C ASP A 473 -7.77 -22.67 38.28
N ASP A 474 -8.75 -22.57 39.18
CA ASP A 474 -10.15 -22.74 38.81
C ASP A 474 -10.46 -22.51 37.32
N VAL A 475 -9.79 -21.52 36.74
CA VAL A 475 -9.81 -21.25 35.29
C VAL A 475 -9.30 -22.36 34.34
N GLN A 476 -8.51 -23.31 34.88
CA GLN A 476 -7.50 -24.09 34.11
C GLN A 476 -8.01 -25.27 33.29
N GLY A 477 -8.42 -26.33 33.95
CA GLY A 477 -9.07 -27.49 33.30
C GLY A 477 -10.12 -27.06 32.29
N TYR A 478 -10.77 -25.93 32.58
CA TYR A 478 -11.57 -25.33 31.56
C TYR A 478 -10.65 -24.83 30.43
N ALA A 479 -9.82 -23.83 30.70
CA ALA A 479 -8.98 -23.24 29.64
C ALA A 479 -8.45 -24.33 28.72
N ALA A 480 -7.66 -25.25 29.31
CA ALA A 480 -7.26 -26.54 28.69
C ALA A 480 -8.37 -27.15 27.86
N LYS A 481 -9.53 -27.43 28.46
CA LYS A 481 -10.54 -27.94 27.58
C LYS A 481 -10.73 -27.02 26.36
N THR A 482 -11.11 -25.79 26.62
CA THR A 482 -11.46 -24.92 25.51
C THR A 482 -10.41 -24.92 24.38
N VAL A 483 -9.26 -24.35 24.71
CA VAL A 483 -8.09 -24.40 23.91
C VAL A 483 -7.97 -25.75 23.17
N PHE A 484 -8.14 -26.87 23.82
CA PHE A 484 -8.12 -28.13 23.01
C PHE A 484 -9.26 -28.33 21.95
N GLU A 485 -10.52 -28.24 22.33
CA GLU A 485 -11.56 -28.17 21.29
C GLU A 485 -11.20 -27.10 20.19
N ALA A 486 -10.82 -25.88 20.63
CA ALA A 486 -10.56 -24.69 19.80
C ALA A 486 -9.41 -24.84 18.83
N LEU A 487 -8.36 -25.58 19.25
CA LEU A 487 -7.30 -26.08 18.35
C LEU A 487 -7.82 -27.10 17.38
N GLN A 488 -8.70 -27.99 17.78
CA GLN A 488 -9.09 -28.95 16.75
C GLN A 488 -10.02 -28.36 15.71
N ALA A 489 -10.35 -27.06 15.91
CA ALA A 489 -11.11 -26.29 14.91
C ALA A 489 -10.41 -26.30 13.52
N PRO A 490 -11.18 -26.02 12.47
CA PRO A 490 -10.77 -26.28 11.07
C PRO A 490 -9.67 -25.33 10.57
N ALA A 491 -10.07 -24.10 10.30
CA ALA A 491 -9.12 -23.05 10.01
C ALA A 491 -8.67 -22.56 11.36
N CYS A 492 -7.40 -22.24 11.45
CA CYS A 492 -6.88 -22.22 12.78
C CYS A 492 -5.74 -21.27 13.00
N HIS A 493 -5.99 -20.22 13.75
CA HIS A 493 -5.01 -19.19 13.70
C HIS A 493 -3.85 -19.65 14.49
N GLU A 494 -2.75 -18.91 14.38
CA GLU A 494 -1.52 -19.23 15.02
C GLU A 494 -1.41 -18.75 16.41
N ASN A 495 -1.76 -17.51 16.72
CA ASN A 495 -1.72 -17.15 18.16
C ASN A 495 -2.54 -18.14 18.98
N LEU A 496 -3.48 -18.82 18.31
CA LEU A 496 -4.19 -19.91 18.99
C LEU A 496 -3.20 -21.00 19.31
N VAL A 497 -2.21 -21.17 18.43
CA VAL A 497 -1.25 -22.26 18.57
C VAL A 497 -0.23 -21.85 19.56
N LYS A 498 0.34 -20.66 19.51
CA LYS A 498 1.05 -20.07 20.71
C LYS A 498 0.33 -20.30 22.05
N VAL A 499 -0.86 -19.75 22.16
CA VAL A 499 -1.63 -19.83 23.39
C VAL A 499 -2.04 -21.26 23.84
N GLY A 500 -2.56 -22.08 22.90
CA GLY A 500 -3.10 -23.43 23.18
C GLY A 500 -1.90 -24.31 23.45
N GLY A 501 -0.83 -23.96 22.73
CA GLY A 501 0.47 -24.62 22.77
C GLY A 501 0.90 -24.56 24.19
N TYR A 502 1.30 -23.35 24.66
CA TYR A 502 1.69 -23.12 26.05
C TYR A 502 0.70 -23.74 27.03
N ILE A 503 -0.56 -23.28 26.96
CA ILE A 503 -1.53 -23.65 27.99
C ILE A 503 -1.68 -25.16 28.09
N LEU A 504 -1.97 -25.81 26.96
CA LEU A 504 -2.27 -27.21 26.94
C LEU A 504 -0.95 -27.88 27.28
N GLY A 505 0.15 -27.19 26.98
CA GLY A 505 1.46 -27.71 27.37
C GLY A 505 1.52 -27.95 28.86
N GLU A 506 1.37 -26.87 29.61
CA GLU A 506 1.58 -26.86 31.07
C GLU A 506 0.32 -27.17 31.89
N PHE A 507 -0.79 -27.50 31.23
CA PHE A 507 -1.99 -27.99 31.94
C PHE A 507 -2.73 -29.13 31.27
N GLY A 508 -2.13 -29.76 30.27
CA GLY A 508 -2.85 -30.79 29.54
C GLY A 508 -3.26 -31.95 30.42
N ASN A 509 -2.64 -32.11 31.57
CA ASN A 509 -3.01 -33.23 32.42
C ASN A 509 -4.46 -33.16 32.92
N LEU A 510 -4.92 -31.93 33.20
CA LEU A 510 -6.27 -31.68 33.67
C LEU A 510 -7.25 -32.30 32.71
N ILE A 511 -7.08 -31.99 31.43
CA ILE A 511 -7.92 -32.58 30.37
C ILE A 511 -7.58 -34.07 30.01
N ALA A 512 -6.39 -34.53 30.40
CA ALA A 512 -5.83 -35.75 29.83
C ALA A 512 -6.66 -37.03 30.03
N GLY A 513 -7.58 -37.00 30.99
CA GLY A 513 -8.46 -38.17 31.25
C GLY A 513 -9.39 -38.57 30.11
N ASP A 514 -10.11 -37.60 29.55
CA ASP A 514 -11.13 -37.79 28.50
C ASP A 514 -10.58 -38.49 27.27
N PRO A 515 -11.19 -39.65 26.89
CA PRO A 515 -10.83 -40.42 25.68
C PRO A 515 -10.72 -39.59 24.39
N ARG A 516 -11.52 -38.53 24.29
CA ARG A 516 -11.40 -37.57 23.20
C ARG A 516 -10.14 -36.72 23.36
N SER A 517 -9.51 -36.77 24.51
CA SER A 517 -8.36 -35.89 24.67
C SER A 517 -7.08 -36.52 25.23
N SER A 518 -6.96 -37.84 25.14
CA SER A 518 -5.75 -38.54 25.60
C SER A 518 -4.52 -37.74 25.20
N PRO A 519 -3.34 -38.12 25.69
CA PRO A 519 -2.25 -37.18 25.37
C PRO A 519 -1.70 -37.36 23.93
N LEU A 520 -1.38 -38.59 23.55
CA LEU A 520 -1.18 -38.92 22.16
C LEU A 520 -1.96 -37.87 21.31
N ILE A 521 -3.27 -37.80 21.50
CA ILE A 521 -4.14 -36.91 20.72
C ILE A 521 -3.70 -35.45 20.88
N GLN A 522 -3.44 -35.04 22.11
CA GLN A 522 -2.98 -33.67 22.33
C GLN A 522 -1.73 -33.35 21.52
N PHE A 523 -0.85 -34.33 21.44
CA PHE A 523 0.38 -34.21 20.67
C PHE A 523 0.14 -34.21 19.18
N ASN A 524 -0.26 -35.34 18.62
CA ASN A 524 -0.67 -35.34 17.21
C ASN A 524 -1.39 -34.05 16.76
N LEU A 525 -2.22 -33.53 17.65
CA LEU A 525 -2.95 -32.34 17.30
C LEU A 525 -1.99 -31.16 17.20
N LEU A 526 -1.48 -30.73 18.36
CA LEU A 526 -0.41 -29.74 18.34
C LEU A 526 0.62 -29.99 17.19
N HIS A 527 0.66 -31.22 16.68
CA HIS A 527 1.70 -31.51 15.71
C HIS A 527 1.31 -31.28 14.28
N SER A 528 0.07 -31.58 13.93
CA SER A 528 -0.35 -31.11 12.63
C SER A 528 -0.09 -29.60 12.73
N LYS A 529 -0.38 -28.97 13.88
CA LYS A 529 -0.15 -27.48 13.92
C LYS A 529 1.32 -27.02 13.65
N PHE A 530 2.27 -27.78 14.18
CA PHE A 530 3.71 -27.42 14.04
C PHE A 530 4.24 -26.97 12.66
N HIS A 531 3.98 -27.75 11.61
CA HIS A 531 4.78 -27.62 10.40
C HIS A 531 4.55 -26.36 9.56
N LEU A 532 3.65 -25.50 9.99
CA LEU A 532 3.40 -24.18 9.38
C LEU A 532 3.36 -23.26 10.57
N CYS A 533 4.47 -22.66 10.95
CA CYS A 533 4.50 -21.88 12.18
C CYS A 533 5.82 -21.17 12.33
N SER A 534 5.74 -19.88 12.58
CA SER A 534 6.94 -19.07 12.76
C SER A 534 7.92 -19.73 13.72
N VAL A 535 9.20 -19.42 13.58
CA VAL A 535 10.17 -19.99 14.51
C VAL A 535 9.66 -19.94 15.95
N PRO A 536 9.52 -18.72 16.55
CA PRO A 536 9.14 -18.53 17.97
C PRO A 536 8.06 -19.50 18.45
N THR A 537 7.08 -19.71 17.55
CA THR A 537 5.97 -20.60 17.82
C THR A 537 6.51 -21.99 17.88
N ARG A 538 7.40 -22.35 16.98
CA ARG A 538 7.81 -23.74 17.03
C ARG A 538 8.69 -23.96 18.24
N ALA A 539 9.52 -22.97 18.57
CA ALA A 539 10.23 -22.98 19.87
C ALA A 539 9.23 -23.37 21.01
N LEU A 540 8.12 -22.63 21.07
CA LEU A 540 6.97 -23.08 21.86
C LEU A 540 6.53 -24.55 21.72
N LEU A 541 6.19 -25.01 20.53
CA LEU A 541 5.71 -26.43 20.43
C LEU A 541 6.72 -27.54 20.83
N LEU A 542 8.01 -27.25 20.62
CA LEU A 542 9.08 -28.09 21.13
C LEU A 542 9.02 -28.09 22.64
N SER A 543 9.10 -26.90 23.24
CA SER A 543 9.18 -26.98 24.69
C SER A 543 7.87 -27.60 25.31
N THR A 544 6.76 -27.45 24.61
CA THR A 544 5.59 -28.14 25.07
C THR A 544 5.88 -29.60 24.92
N TYR A 545 6.40 -30.02 23.75
CA TYR A 545 6.69 -31.47 23.55
C TYR A 545 7.52 -32.03 24.72
N ILE A 546 8.43 -31.24 25.28
CA ILE A 546 9.08 -31.84 26.47
C ILE A 546 8.24 -31.84 27.77
N LYS A 547 7.41 -30.81 27.94
CA LYS A 547 6.56 -30.82 29.12
C LYS A 547 5.75 -32.08 28.98
N PHE A 548 5.09 -32.18 27.84
CA PHE A 548 4.40 -33.37 27.39
C PHE A 548 5.14 -34.70 27.60
N VAL A 549 6.47 -34.74 27.45
CA VAL A 549 7.21 -35.95 27.93
C VAL A 549 7.09 -36.15 29.45
N ASN A 550 7.65 -35.22 30.20
CA ASN A 550 7.68 -35.35 31.68
C ASN A 550 6.33 -35.50 32.33
N LEU A 551 5.28 -34.93 31.74
CA LEU A 551 3.95 -35.09 32.33
C LEU A 551 3.31 -36.35 31.80
N PHE A 552 3.99 -37.13 30.97
CA PHE A 552 3.25 -38.17 30.26
C PHE A 552 3.91 -39.47 29.89
N PRO A 553 4.81 -40.00 30.74
CA PRO A 553 5.45 -41.26 30.39
C PRO A 553 4.77 -41.97 29.21
N GLU A 554 3.55 -42.44 29.42
CA GLU A 554 2.67 -42.98 28.37
C GLU A 554 3.19 -42.79 26.93
N VAL A 555 3.45 -41.54 26.56
CA VAL A 555 3.70 -41.11 25.18
C VAL A 555 5.18 -41.16 24.72
N LYS A 556 6.09 -40.68 25.56
CA LYS A 556 7.58 -40.59 25.33
C LYS A 556 8.20 -41.25 24.09
N ALA A 557 7.75 -42.47 23.77
CA ALA A 557 8.10 -43.19 22.55
C ALA A 557 7.96 -42.27 21.33
N THR A 558 6.72 -41.94 21.01
CA THR A 558 6.40 -41.05 19.89
C THR A 558 7.14 -39.72 19.99
N ILE A 559 7.10 -39.08 21.15
CA ILE A 559 7.78 -37.81 21.27
C ILE A 559 9.26 -37.85 20.94
N GLN A 560 9.98 -38.79 21.53
CA GLN A 560 11.39 -38.91 21.22
C GLN A 560 11.47 -39.17 19.70
N ASP A 561 10.84 -40.26 19.22
CA ASP A 561 10.61 -40.50 17.77
C ASP A 561 10.58 -39.25 16.87
N VAL A 562 9.88 -38.22 17.36
CA VAL A 562 9.82 -36.95 16.68
C VAL A 562 11.00 -36.03 16.91
N LEU A 563 11.22 -35.60 18.15
CA LEU A 563 12.28 -34.61 18.35
C LEU A 563 13.65 -35.21 18.13
N ARG A 564 13.69 -36.28 17.34
CA ARG A 564 14.91 -37.05 17.11
C ARG A 564 15.21 -37.20 15.63
N SER A 565 14.16 -37.28 14.80
CA SER A 565 14.35 -37.35 13.35
C SER A 565 14.99 -36.06 12.79
N ASP A 566 15.77 -36.24 11.73
CA ASP A 566 16.63 -35.18 11.17
C ASP A 566 15.98 -33.80 11.23
N SER A 567 14.74 -33.74 10.74
CA SER A 567 14.02 -32.49 10.58
C SER A 567 14.18 -31.40 11.69
N GLN A 568 14.18 -31.82 12.97
CA GLN A 568 14.29 -30.87 14.12
C GLN A 568 15.69 -30.78 14.70
N LEU A 569 16.52 -31.77 14.32
CA LEU A 569 17.84 -31.95 14.91
C LEU A 569 18.93 -31.28 14.09
N LYS A 570 18.99 -31.69 12.81
CA LYS A 570 19.79 -31.05 11.80
C LYS A 570 19.08 -29.79 11.29
N ASN A 571 18.33 -29.12 12.18
CA ASN A 571 17.52 -27.94 11.84
C ASN A 571 18.37 -26.74 11.46
N ALA A 572 17.77 -25.78 10.72
CA ALA A 572 18.55 -24.67 10.15
C ALA A 572 18.72 -23.45 11.07
N ASP A 573 17.93 -23.41 12.14
CA ASP A 573 17.88 -22.25 13.03
C ASP A 573 18.30 -22.61 14.44
N VAL A 574 19.08 -21.71 15.06
CA VAL A 574 19.72 -21.98 16.36
C VAL A 574 18.76 -22.45 17.44
N GLU A 575 17.67 -21.72 17.61
CA GLU A 575 16.78 -22.02 18.70
C GLU A 575 16.16 -23.36 18.57
N LEU A 576 15.68 -23.73 17.38
CA LEU A 576 14.99 -25.03 17.24
C LEU A 576 15.96 -26.19 17.25
N GLN A 577 17.23 -25.91 16.96
CA GLN A 577 18.34 -26.87 17.24
C GLN A 577 18.63 -26.99 18.76
N GLN A 578 19.33 -25.98 19.31
CA GLN A 578 19.56 -25.88 20.74
C GLN A 578 18.45 -26.66 21.44
N ARG A 579 17.20 -26.22 21.22
CA ARG A 579 16.05 -26.80 21.88
C ARG A 579 15.86 -28.27 21.56
N ALA A 580 15.70 -28.61 20.28
CA ALA A 580 15.46 -30.02 19.93
C ALA A 580 16.50 -30.93 20.56
N VAL A 581 17.75 -30.49 20.50
CA VAL A 581 18.85 -31.19 21.14
C VAL A 581 18.65 -31.28 22.66
N GLU A 582 18.47 -30.14 23.34
CA GLU A 582 18.41 -30.14 24.79
C GLU A 582 17.34 -31.07 25.24
N TYR A 583 16.17 -30.93 24.65
CA TYR A 583 15.09 -31.80 25.05
C TYR A 583 15.30 -33.31 24.67
N LEU A 584 15.87 -33.56 23.49
CA LEU A 584 16.40 -34.90 23.22
C LEU A 584 17.25 -35.36 24.42
N ARG A 585 18.27 -34.56 24.76
CA ARG A 585 19.22 -34.89 25.80
C ARG A 585 18.56 -35.15 27.14
N LEU A 586 17.55 -34.39 27.53
CA LEU A 586 16.90 -34.71 28.82
C LEU A 586 15.88 -35.82 28.76
N SER A 587 15.48 -36.29 27.58
CA SER A 587 14.87 -37.62 27.57
C SER A 587 15.97 -38.68 27.61
N THR A 588 16.87 -38.65 26.63
CA THR A 588 18.06 -39.49 26.56
C THR A 588 18.69 -39.79 27.93
N VAL A 589 19.36 -38.78 28.48
CA VAL A 589 20.17 -38.90 29.67
C VAL A 589 19.27 -38.77 30.91
N ALA A 590 19.33 -37.62 31.59
CA ALA A 590 18.30 -37.19 32.58
C ALA A 590 17.65 -38.23 33.51
N SER A 591 18.09 -38.24 34.77
CA SER A 591 17.64 -39.19 35.80
C SER A 591 16.13 -39.55 35.83
N THR A 592 15.29 -38.66 35.26
CA THR A 592 13.81 -38.68 35.41
C THR A 592 13.50 -37.69 36.50
N ASP A 593 13.94 -38.02 37.70
CA ASP A 593 13.69 -37.20 38.88
C ASP A 593 14.30 -35.82 38.71
N ILE A 594 15.25 -35.71 37.80
CA ILE A 594 15.76 -34.40 37.41
C ILE A 594 14.82 -33.74 36.37
N LEU A 595 14.68 -34.37 35.19
CA LEU A 595 13.78 -33.93 34.11
C LEU A 595 12.57 -33.34 34.75
N ALA A 596 11.90 -34.15 35.58
CA ALA A 596 10.80 -33.70 36.43
C ALA A 596 11.20 -32.42 37.15
N THR A 597 11.96 -32.49 38.24
CA THR A 597 12.37 -31.27 38.95
C THR A 597 12.58 -30.05 38.08
N VAL A 598 13.23 -30.23 36.93
CA VAL A 598 13.48 -29.11 35.99
C VAL A 598 12.16 -28.45 35.61
N LEU A 599 11.42 -29.16 34.74
CA LEU A 599 10.11 -28.83 34.26
C LEU A 599 9.09 -28.88 35.36
N GLU A 600 9.21 -27.93 36.29
CA GLU A 600 8.38 -27.95 37.48
C GLU A 600 7.03 -27.40 37.07
N GLU A 601 6.29 -26.77 37.96
CA GLU A 601 5.02 -26.24 37.55
C GLU A 601 5.14 -24.91 36.80
N MET A 602 5.90 -23.96 37.36
CA MET A 602 6.07 -22.57 36.85
C MET A 602 5.35 -21.63 37.76
N PRO A 603 6.09 -20.88 38.61
CA PRO A 603 5.42 -20.10 39.65
C PRO A 603 4.39 -19.18 39.04
N PRO A 604 3.33 -18.94 39.78
CA PRO A 604 2.59 -17.76 39.44
C PRO A 604 3.49 -16.54 39.06
N PHE A 605 3.13 -15.85 37.97
CA PHE A 605 3.56 -14.50 37.69
C PHE A 605 3.18 -13.57 38.82
N PRO A 606 4.10 -12.67 39.23
CA PRO A 606 3.67 -11.69 40.23
C PRO A 606 2.54 -10.86 39.64
N GLU A 607 1.96 -9.96 40.44
CA GLU A 607 0.96 -9.11 39.78
C GLU A 607 1.89 -8.01 39.23
N ARG A 608 1.94 -8.02 37.89
CA ARG A 608 2.87 -7.34 36.94
C ARG A 608 2.75 -5.84 36.99
N GLU A 609 2.27 -5.25 35.90
CA GLU A 609 2.43 -3.81 35.66
C GLU A 609 1.48 -3.35 34.58
N SER A 610 1.05 -4.33 33.78
CA SER A 610 0.09 -4.16 32.68
C SER A 610 0.72 -3.54 31.45
N SER A 611 1.45 -4.41 30.73
CA SER A 611 1.97 -4.19 29.40
C SER A 611 0.94 -3.59 28.46
N ILE A 612 -0.33 -4.04 28.59
CA ILE A 612 -1.32 -3.77 27.56
C ILE A 612 -1.63 -2.34 27.60
N LEU A 613 -2.16 -1.90 28.73
CA LEU A 613 -2.43 -0.47 28.92
C LEU A 613 -1.22 0.31 28.46
N ALA A 614 -0.03 -0.16 28.84
CA ALA A 614 1.19 0.51 28.36
C ALA A 614 1.26 0.72 26.83
N LYS A 615 1.13 -0.39 26.08
CA LYS A 615 1.01 -0.33 24.63
C LYS A 615 -0.04 0.70 24.17
N LEU A 616 -1.27 0.60 24.68
CA LEU A 616 -2.31 1.53 24.24
C LEU A 616 -1.87 2.96 24.49
N LYS A 617 -1.28 3.23 25.64
CA LYS A 617 -0.88 4.61 25.84
C LYS A 617 0.19 5.01 24.83
N LYS A 618 1.09 4.08 24.48
CA LYS A 618 2.11 4.42 23.45
C LYS A 618 1.49 4.69 22.07
N LYS A 619 0.52 3.84 21.67
CA LYS A 619 -0.32 4.07 20.48
C LYS A 619 -1.01 5.45 20.50
N LYS A 620 -1.42 5.93 21.69
CA LYS A 620 -2.05 7.27 21.78
C LYS A 620 -1.23 8.39 21.05
N GLY A 621 -1.92 9.25 20.32
CA GLY A 621 -1.26 10.23 19.47
C GLY A 621 -0.45 9.56 18.37
N SER B 4 -15.42 14.38 -25.34
CA SER B 4 -16.15 13.22 -25.93
C SER B 4 -17.22 12.69 -24.96
N LYS B 5 -17.56 13.53 -23.99
CA LYS B 5 -18.66 13.34 -22.97
C LYS B 5 -18.38 12.54 -21.68
N TYR B 6 -17.56 13.16 -20.81
CA TYR B 6 -17.52 12.84 -19.40
C TYR B 6 -18.23 13.96 -18.59
N PHE B 7 -18.49 13.70 -17.32
CA PHE B 7 -19.16 14.67 -16.43
C PHE B 7 -18.27 15.10 -15.24
N THR B 8 -18.10 14.18 -14.26
CA THR B 8 -17.29 14.32 -13.01
C THR B 8 -17.64 15.48 -12.03
N THR B 9 -16.66 16.33 -11.67
CA THR B 9 -16.76 17.46 -10.65
C THR B 9 -17.43 17.12 -9.26
N ASN B 10 -17.47 18.10 -8.33
CA ASN B 10 -18.18 17.94 -7.02
C ASN B 10 -18.50 19.25 -6.27
N LYS B 11 -19.69 19.34 -5.69
CA LYS B 11 -19.96 20.35 -4.65
C LYS B 11 -21.37 20.95 -4.59
N LYS B 12 -21.46 22.01 -3.78
CA LYS B 12 -22.66 22.85 -3.51
C LYS B 12 -23.84 22.10 -2.93
N GLY B 13 -24.28 21.06 -3.62
CA GLY B 13 -25.47 20.32 -3.23
C GLY B 13 -26.07 19.71 -4.46
N GLU B 14 -25.22 19.46 -5.44
CA GLU B 14 -25.70 18.94 -6.71
C GLU B 14 -26.05 17.44 -6.70
N ILE B 15 -26.05 16.83 -5.53
CA ILE B 15 -26.65 15.51 -5.34
C ILE B 15 -28.17 15.67 -5.31
N PHE B 16 -28.59 16.79 -4.71
CA PHE B 16 -29.99 17.20 -4.66
C PHE B 16 -30.41 17.62 -6.05
N GLU B 17 -29.64 18.52 -6.66
CA GLU B 17 -29.90 18.91 -8.03
C GLU B 17 -29.98 17.68 -8.91
N LEU B 18 -29.04 16.77 -8.66
CA LEU B 18 -29.10 15.46 -9.29
C LEU B 18 -30.46 14.76 -9.12
N LYS B 19 -31.03 14.78 -7.92
CA LYS B 19 -32.41 14.24 -7.71
C LYS B 19 -33.42 14.98 -8.63
N ALA B 20 -33.34 16.31 -8.53
CA ALA B 20 -34.16 17.22 -9.33
C ALA B 20 -34.22 16.84 -10.82
N GLU B 21 -33.07 16.80 -11.49
CA GLU B 21 -33.10 16.40 -12.91
C GLU B 21 -33.22 14.89 -13.17
N LEU B 22 -32.85 14.08 -12.18
CA LEU B 22 -33.08 12.64 -12.25
C LEU B 22 -34.58 12.38 -12.40
N ASN B 23 -35.40 13.34 -11.96
CA ASN B 23 -36.84 13.23 -12.23
C ASN B 23 -37.40 14.04 -13.43
N ASN B 24 -36.83 13.88 -14.62
CA ASN B 24 -37.22 14.74 -15.77
C ASN B 24 -38.19 14.15 -16.80
N GLU B 25 -38.82 15.02 -17.59
CA GLU B 25 -39.76 14.54 -18.60
C GLU B 25 -38.99 14.01 -19.81
N LYS B 26 -38.11 14.84 -20.39
CA LYS B 26 -37.31 14.42 -21.52
C LYS B 26 -36.24 13.42 -21.05
N LYS B 27 -36.31 12.19 -21.59
CA LYS B 27 -35.39 11.10 -21.21
C LYS B 27 -33.89 11.44 -21.31
N GLU B 28 -33.59 12.58 -21.95
CA GLU B 28 -32.21 12.99 -22.16
C GLU B 28 -31.51 13.57 -20.94
N LYS B 29 -32.19 14.49 -20.24
CA LYS B 29 -31.65 15.06 -18.98
C LYS B 29 -31.53 13.96 -17.88
N ARG B 30 -32.43 12.97 -17.93
CA ARG B 30 -32.40 11.76 -17.09
C ARG B 30 -31.23 10.83 -17.42
N LYS B 31 -31.11 10.42 -18.69
CA LYS B 31 -29.93 9.63 -19.08
C LYS B 31 -28.67 10.34 -18.58
N GLU B 32 -28.52 11.61 -19.00
CA GLU B 32 -27.35 12.41 -18.60
C GLU B 32 -27.20 12.45 -17.07
N ALA B 33 -28.34 12.41 -16.39
CA ALA B 33 -28.35 12.27 -14.93
C ALA B 33 -27.76 10.94 -14.40
N VAL B 34 -28.48 9.84 -14.60
CA VAL B 34 -27.91 8.51 -14.32
C VAL B 34 -26.39 8.47 -14.60
N LYS B 35 -25.96 8.89 -15.79
CA LYS B 35 -24.52 8.96 -16.07
C LYS B 35 -23.76 9.83 -15.06
N LYS B 36 -24.20 11.06 -14.84
CA LYS B 36 -23.56 11.92 -13.85
C LYS B 36 -23.42 11.22 -12.47
N VAL B 37 -24.54 10.61 -12.06
CA VAL B 37 -24.63 9.79 -10.84
C VAL B 37 -23.53 8.72 -10.81
N ILE B 38 -23.55 7.75 -11.74
CA ILE B 38 -22.48 6.75 -11.78
C ILE B 38 -21.08 7.39 -11.75
N ALA B 39 -20.85 8.43 -12.52
CA ALA B 39 -19.56 9.12 -12.44
C ALA B 39 -19.18 9.49 -11.00
N ALA B 40 -20.12 10.14 -10.30
CA ALA B 40 -19.88 10.58 -8.92
C ALA B 40 -19.89 9.44 -7.91
N MET B 41 -20.55 8.33 -8.27
CA MET B 41 -20.57 7.17 -7.44
C MET B 41 -19.21 6.55 -7.50
N THR B 42 -18.64 6.48 -8.72
CA THR B 42 -17.26 5.99 -8.99
C THR B 42 -16.19 6.85 -8.35
N VAL B 43 -16.28 8.17 -8.44
CA VAL B 43 -15.31 9.00 -7.68
C VAL B 43 -15.37 8.76 -6.16
N GLY B 44 -16.55 8.40 -5.64
CA GLY B 44 -16.71 8.20 -4.20
C GLY B 44 -17.88 8.82 -3.45
N LYS B 45 -18.54 9.84 -4.03
CA LYS B 45 -19.67 10.50 -3.37
C LYS B 45 -20.70 9.51 -2.86
N ASP B 46 -21.38 9.89 -1.77
CA ASP B 46 -22.51 9.14 -1.26
C ASP B 46 -23.70 9.53 -2.09
N VAL B 47 -24.32 8.54 -2.71
CA VAL B 47 -25.49 8.75 -3.56
C VAL B 47 -26.66 7.75 -3.31
N SER B 48 -26.78 7.23 -2.08
CA SER B 48 -27.90 6.34 -1.76
C SER B 48 -29.14 7.16 -1.69
N SER B 49 -28.97 8.39 -1.20
CA SER B 49 -29.99 9.44 -1.16
C SER B 49 -30.85 9.51 -2.42
N LEU B 50 -30.39 8.88 -3.50
CA LEU B 50 -31.08 8.94 -4.80
C LEU B 50 -31.78 7.63 -5.16
N PHE B 51 -31.49 6.56 -4.44
CA PHE B 51 -31.93 5.18 -4.83
C PHE B 51 -33.27 5.08 -5.62
N PRO B 52 -34.37 5.50 -4.98
CA PRO B 52 -35.73 5.27 -5.51
C PRO B 52 -35.89 5.76 -6.95
N ASP B 53 -35.31 6.93 -7.18
CA ASP B 53 -35.37 7.69 -8.40
C ASP B 53 -34.62 6.95 -9.52
N VAL B 54 -33.35 6.65 -9.28
CA VAL B 54 -32.53 5.86 -10.22
C VAL B 54 -33.16 4.49 -10.61
N VAL B 55 -33.58 3.70 -9.63
CA VAL B 55 -34.26 2.46 -10.04
C VAL B 55 -35.54 2.77 -10.86
N ASN B 56 -36.29 3.78 -10.42
CA ASN B 56 -37.44 4.27 -11.24
C ASN B 56 -37.04 4.57 -12.70
N CYS B 57 -35.79 5.00 -12.90
CA CYS B 57 -35.18 5.09 -14.24
C CYS B 57 -34.95 3.75 -14.90
N MET B 58 -34.42 2.79 -14.15
CA MET B 58 -34.25 1.40 -14.66
C MET B 58 -35.52 0.93 -15.29
N GLN B 59 -36.65 1.46 -14.80
CA GLN B 59 -37.90 1.19 -15.54
C GLN B 59 -37.87 1.75 -16.98
N THR B 60 -37.13 1.10 -17.89
CA THR B 60 -36.99 1.53 -19.29
C THR B 60 -36.89 0.35 -20.29
N ASP B 61 -36.31 0.59 -21.48
CA ASP B 61 -36.01 -0.46 -22.47
C ASP B 61 -34.73 -0.15 -23.33
N ASN B 62 -34.07 0.96 -22.96
CA ASN B 62 -32.78 1.43 -23.52
C ASN B 62 -31.55 0.90 -22.74
N LEU B 63 -30.66 0.22 -23.46
CA LEU B 63 -29.62 -0.61 -22.82
C LEU B 63 -28.47 0.07 -22.12
N GLU B 64 -28.01 1.19 -22.65
CA GLU B 64 -26.99 1.94 -21.93
C GLU B 64 -27.49 2.24 -20.52
N LEU B 65 -28.66 2.89 -20.46
CA LEU B 65 -29.31 3.28 -19.21
C LEU B 65 -29.65 2.10 -18.30
N LYS B 66 -30.44 1.15 -18.81
CA LYS B 66 -30.68 -0.11 -18.08
C LYS B 66 -29.38 -0.59 -17.41
N LYS B 67 -28.33 -0.76 -18.22
CA LYS B 67 -27.03 -1.18 -17.69
C LYS B 67 -26.58 -0.28 -16.55
N LEU B 68 -26.38 1.02 -16.80
CA LEU B 68 -25.81 1.91 -15.75
C LEU B 68 -26.62 1.93 -14.42
N VAL B 69 -27.94 1.88 -14.62
CA VAL B 69 -28.84 1.73 -13.48
C VAL B 69 -28.49 0.45 -12.76
N TYR B 70 -28.69 -0.70 -13.43
CA TYR B 70 -28.22 -2.01 -12.92
C TYR B 70 -26.91 -1.96 -12.09
N LEU B 71 -25.88 -1.30 -12.61
CA LEU B 71 -24.65 -1.01 -11.83
C LEU B 71 -24.99 -0.35 -10.45
N TYR B 72 -25.59 0.85 -10.53
CA TYR B 72 -26.02 1.53 -9.29
C TYR B 72 -26.85 0.59 -8.36
N LEU B 73 -27.72 -0.18 -9.01
CA LEU B 73 -28.53 -1.21 -8.38
C LEU B 73 -27.75 -2.29 -7.60
N MET B 74 -26.68 -2.87 -8.17
CA MET B 74 -25.90 -3.86 -7.39
C MET B 74 -25.51 -3.13 -6.14
N ASN B 75 -24.70 -2.14 -6.50
CA ASN B 75 -23.87 -1.48 -5.53
C ASN B 75 -24.64 -0.96 -4.30
N TYR B 76 -25.81 -0.33 -4.51
CA TYR B 76 -26.59 0.12 -3.35
C TYR B 76 -27.71 -0.82 -2.93
N ALA B 77 -28.25 -1.58 -3.87
CA ALA B 77 -29.26 -2.62 -3.58
C ALA B 77 -28.95 -3.37 -2.32
N LYS B 78 -27.69 -3.75 -2.12
CA LYS B 78 -27.50 -4.41 -0.79
C LYS B 78 -28.01 -3.63 0.43
N SER B 79 -27.62 -2.36 0.55
CA SER B 79 -27.85 -1.59 1.78
C SER B 79 -29.30 -1.09 2.04
N GLN B 80 -30.21 -1.24 1.05
CA GLN B 80 -31.65 -0.96 1.26
C GLN B 80 -32.56 -2.02 0.67
N PRO B 81 -32.72 -3.14 1.37
CA PRO B 81 -33.55 -4.24 0.89
C PRO B 81 -34.97 -3.74 0.63
N ASP B 82 -35.38 -2.87 1.56
CA ASP B 82 -36.61 -2.10 1.53
C ASP B 82 -36.94 -1.64 0.12
N MET B 83 -36.30 -0.57 -0.38
CA MET B 83 -36.67 -0.14 -1.73
C MET B 83 -36.07 -0.97 -2.84
N ALA B 84 -35.06 -1.79 -2.52
CA ALA B 84 -34.61 -2.80 -3.47
C ALA B 84 -35.75 -3.76 -3.83
N ILE B 85 -36.85 -3.77 -3.05
CA ILE B 85 -38.13 -4.38 -3.55
C ILE B 85 -38.41 -4.03 -5.01
N MET B 86 -38.05 -2.80 -5.42
CA MET B 86 -38.39 -2.22 -6.74
C MET B 86 -38.21 -3.13 -7.96
N ALA B 87 -37.08 -3.82 -8.03
CA ALA B 87 -36.69 -4.50 -9.23
C ALA B 87 -37.56 -5.70 -9.58
N VAL B 88 -37.96 -6.43 -8.55
CA VAL B 88 -38.56 -7.76 -8.74
C VAL B 88 -39.32 -7.97 -10.06
N ASN B 89 -40.34 -7.13 -10.28
CA ASN B 89 -41.27 -7.26 -11.41
C ASN B 89 -40.56 -7.00 -12.76
N SER B 90 -39.72 -5.96 -12.74
CA SER B 90 -38.91 -5.60 -13.89
C SER B 90 -37.99 -6.74 -14.30
N PHE B 91 -37.19 -7.26 -13.35
CA PHE B 91 -36.28 -8.38 -13.70
C PHE B 91 -37.04 -9.66 -14.06
N VAL B 92 -38.00 -10.09 -13.24
CA VAL B 92 -38.69 -11.35 -13.57
C VAL B 92 -39.33 -11.25 -14.96
N LYS B 93 -39.88 -10.07 -15.30
CA LYS B 93 -40.31 -9.85 -16.68
C LYS B 93 -39.16 -9.86 -17.70
N ASP B 94 -37.98 -9.34 -17.34
CA ASP B 94 -36.82 -9.38 -18.25
C ASP B 94 -36.22 -10.75 -18.44
N CYS B 95 -36.18 -11.55 -17.37
CA CYS B 95 -35.74 -12.95 -17.45
C CYS B 95 -36.58 -13.74 -18.45
N GLU B 96 -37.54 -13.06 -19.07
CA GLU B 96 -38.52 -13.71 -19.94
C GLU B 96 -38.47 -13.12 -21.36
N ASP B 97 -37.44 -12.30 -21.62
CA ASP B 97 -37.34 -11.48 -22.83
C ASP B 97 -37.24 -12.25 -24.18
N PRO B 98 -37.44 -11.53 -25.30
CA PRO B 98 -36.92 -11.92 -26.60
C PRO B 98 -35.39 -12.06 -26.59
N ASN B 99 -34.69 -10.95 -26.71
CA ASN B 99 -33.21 -10.91 -26.69
C ASN B 99 -32.56 -11.74 -25.55
N PRO B 100 -31.87 -12.83 -25.92
CA PRO B 100 -31.09 -13.63 -24.97
C PRO B 100 -30.01 -12.83 -24.20
N LEU B 101 -29.43 -11.82 -24.85
CA LEU B 101 -28.46 -10.93 -24.21
C LEU B 101 -29.09 -10.15 -23.04
N ILE B 102 -30.39 -9.86 -23.22
CA ILE B 102 -31.20 -9.13 -22.24
C ILE B 102 -31.61 -10.06 -21.08
N ARG B 103 -32.13 -11.24 -21.41
CA ARG B 103 -32.29 -12.27 -20.40
C ARG B 103 -31.00 -12.39 -19.58
N ALA B 104 -29.88 -12.59 -20.26
CA ALA B 104 -28.64 -12.82 -19.56
C ALA B 104 -28.20 -11.62 -18.71
N LEU B 105 -28.33 -10.40 -19.25
CA LEU B 105 -27.99 -9.21 -18.45
C LEU B 105 -28.85 -9.19 -17.19
N ALA B 106 -30.12 -9.56 -17.35
CA ALA B 106 -31.05 -9.65 -16.21
C ALA B 106 -30.59 -10.67 -15.20
N VAL B 107 -30.55 -11.94 -15.59
CA VAL B 107 -30.10 -12.99 -14.68
C VAL B 107 -28.76 -12.64 -13.99
N ARG B 108 -27.76 -12.12 -14.71
CA ARG B 108 -26.45 -11.76 -14.09
C ARG B 108 -26.49 -10.52 -13.19
N THR B 109 -27.33 -9.56 -13.53
CA THR B 109 -27.50 -8.43 -12.66
C THR B 109 -28.25 -8.85 -11.39
N MET B 110 -29.25 -9.70 -11.58
CA MET B 110 -30.11 -10.15 -10.50
C MET B 110 -29.35 -10.82 -9.36
N GLY B 111 -28.61 -11.86 -9.67
CA GLY B 111 -27.93 -12.62 -8.65
C GLY B 111 -26.80 -11.85 -8.03
N CYS B 112 -26.63 -10.59 -8.42
CA CYS B 112 -25.60 -9.74 -7.84
C CYS B 112 -26.14 -8.94 -6.64
N ILE B 113 -27.46 -8.91 -6.50
CA ILE B 113 -28.14 -8.18 -5.45
C ILE B 113 -28.45 -9.13 -4.32
N ARG B 114 -27.82 -8.93 -3.18
CA ARG B 114 -27.96 -9.87 -2.11
C ARG B 114 -29.00 -9.37 -1.12
N VAL B 115 -30.29 -9.51 -1.48
CA VAL B 115 -31.32 -9.23 -0.50
C VAL B 115 -32.12 -10.47 -0.23
N ASP B 116 -32.33 -10.70 1.06
CA ASP B 116 -32.60 -12.03 1.58
C ASP B 116 -33.86 -12.71 1.04
N LYS B 117 -34.68 -11.96 0.29
CA LYS B 117 -35.93 -12.47 -0.32
C LYS B 117 -35.94 -12.37 -1.88
N ILE B 118 -34.93 -11.69 -2.39
CA ILE B 118 -34.65 -11.71 -3.81
C ILE B 118 -34.18 -13.11 -4.19
N THR B 119 -33.40 -13.72 -3.32
CA THR B 119 -33.15 -15.15 -3.34
C THR B 119 -34.38 -15.91 -3.89
N GLU B 120 -35.43 -15.98 -3.06
CA GLU B 120 -36.68 -16.64 -3.41
C GLU B 120 -37.33 -16.08 -4.67
N TYR B 121 -37.31 -14.76 -4.87
CA TYR B 121 -37.95 -14.26 -6.12
C TYR B 121 -37.26 -14.65 -7.44
N LEU B 122 -35.94 -14.88 -7.37
CA LEU B 122 -35.17 -15.31 -8.54
C LEU B 122 -35.08 -16.83 -8.69
N CYS B 123 -35.07 -17.55 -7.57
CA CYS B 123 -35.05 -19.02 -7.59
C CYS B 123 -35.65 -19.69 -8.85
N GLU B 124 -36.82 -19.23 -9.32
CA GLU B 124 -37.50 -19.83 -10.50
C GLU B 124 -36.97 -19.41 -11.89
N PRO B 125 -36.80 -18.08 -12.10
CA PRO B 125 -36.05 -17.60 -13.27
C PRO B 125 -34.75 -18.41 -13.56
N LEU B 126 -33.90 -18.55 -12.53
CA LEU B 126 -32.63 -19.29 -12.58
C LEU B 126 -32.80 -20.79 -12.86
N ARG B 127 -33.79 -21.42 -12.23
CA ARG B 127 -34.11 -22.83 -12.47
C ARG B 127 -34.49 -23.06 -13.92
N LYS B 128 -35.36 -22.19 -14.44
CA LYS B 128 -35.73 -22.32 -15.87
C LYS B 128 -34.72 -21.61 -16.79
N CYS B 129 -33.61 -21.12 -16.22
CA CYS B 129 -32.50 -20.52 -17.01
C CYS B 129 -31.30 -21.43 -17.24
N LEU B 130 -30.93 -22.19 -16.22
CA LEU B 130 -30.03 -23.34 -16.42
C LEU B 130 -30.56 -24.38 -17.47
N LYS B 131 -31.72 -24.09 -18.05
CA LYS B 131 -32.22 -24.80 -19.22
C LYS B 131 -32.43 -23.71 -20.25
N ASP B 132 -32.11 -23.98 -21.50
CA ASP B 132 -32.26 -22.97 -22.55
C ASP B 132 -31.70 -23.41 -23.90
N GLU B 133 -32.40 -23.01 -24.96
CA GLU B 133 -31.84 -23.01 -26.30
C GLU B 133 -30.87 -21.81 -26.48
N ASP B 134 -30.06 -21.53 -25.47
CA ASP B 134 -28.98 -20.56 -25.62
C ASP B 134 -27.89 -20.74 -24.58
N PRO B 135 -26.67 -20.92 -25.08
CA PRO B 135 -25.55 -21.17 -24.21
C PRO B 135 -25.08 -19.90 -23.48
N TYR B 136 -25.35 -18.72 -24.05
CA TYR B 136 -25.01 -17.47 -23.37
C TYR B 136 -25.73 -17.41 -22.02
N VAL B 137 -27.04 -17.63 -22.11
CA VAL B 137 -27.93 -17.85 -20.97
C VAL B 137 -27.28 -18.79 -19.95
N ARG B 138 -27.11 -20.06 -20.35
CA ARG B 138 -26.66 -21.12 -19.42
C ARG B 138 -25.31 -20.84 -18.76
N LYS B 139 -24.37 -20.30 -19.55
CA LYS B 139 -23.16 -19.67 -19.02
C LYS B 139 -23.56 -18.80 -17.82
N THR B 140 -24.38 -17.78 -18.12
CA THR B 140 -24.78 -16.88 -17.05
C THR B 140 -25.38 -17.65 -15.87
N ALA B 141 -26.14 -18.70 -16.19
CA ALA B 141 -26.94 -19.46 -15.21
C ALA B 141 -26.08 -20.22 -14.20
N ALA B 142 -25.08 -20.91 -14.72
CA ALA B 142 -24.10 -21.52 -13.84
C ALA B 142 -23.39 -20.45 -13.00
N VAL B 143 -22.92 -19.38 -13.63
CA VAL B 143 -22.18 -18.39 -12.80
C VAL B 143 -23.08 -17.89 -11.64
N CYS B 144 -24.35 -17.76 -11.98
CA CYS B 144 -25.36 -17.30 -11.04
C CYS B 144 -25.53 -18.30 -9.90
N VAL B 145 -25.66 -19.60 -10.24
CA VAL B 145 -25.72 -20.61 -9.17
C VAL B 145 -24.54 -20.46 -8.20
N ALA B 146 -23.32 -20.34 -8.70
CA ALA B 146 -22.20 -20.06 -7.72
C ALA B 146 -22.42 -18.78 -6.88
N LYS B 147 -22.74 -17.70 -7.59
CA LYS B 147 -23.08 -16.38 -7.01
C LYS B 147 -24.12 -16.46 -5.90
N LEU B 148 -25.06 -17.40 -6.06
CA LEU B 148 -26.15 -17.62 -5.12
C LEU B 148 -25.61 -18.37 -3.94
N HIS B 149 -24.98 -19.50 -4.22
CA HIS B 149 -24.37 -20.29 -3.14
C HIS B 149 -23.51 -19.43 -2.23
N ASP B 150 -23.03 -18.29 -2.72
CA ASP B 150 -22.33 -17.41 -1.76
C ASP B 150 -23.20 -16.76 -0.70
N ILE B 151 -24.46 -16.47 -1.04
CA ILE B 151 -25.40 -15.82 -0.10
C ILE B 151 -26.70 -16.61 0.20
N ASN B 152 -27.03 -16.74 1.48
CA ASN B 152 -28.31 -17.30 1.92
C ASN B 152 -28.55 -18.75 1.44
N ALA B 153 -27.56 -19.32 0.77
CA ALA B 153 -27.79 -20.55 0.02
C ALA B 153 -27.18 -21.83 0.58
N GLN B 154 -28.05 -22.67 1.12
CA GLN B 154 -27.82 -24.11 1.14
C GLN B 154 -28.88 -24.61 0.17
N MET B 155 -30.12 -24.22 0.47
CA MET B 155 -31.39 -24.50 -0.25
C MET B 155 -31.57 -25.91 -0.91
N VAL B 156 -32.76 -26.48 -0.74
CA VAL B 156 -33.11 -27.79 -1.36
C VAL B 156 -33.32 -27.72 -2.90
N GLU B 157 -34.18 -26.79 -3.32
CA GLU B 157 -34.31 -26.44 -4.71
C GLU B 157 -32.93 -26.14 -5.22
N ASP B 158 -32.19 -25.42 -4.36
CA ASP B 158 -30.75 -25.09 -4.48
C ASP B 158 -29.88 -26.36 -4.69
N GLN B 159 -30.33 -27.48 -4.10
CA GLN B 159 -29.77 -28.80 -4.44
C GLN B 159 -30.23 -29.37 -5.85
N GLY B 160 -31.50 -29.10 -6.21
CA GLY B 160 -31.94 -29.19 -7.62
C GLY B 160 -30.93 -28.49 -8.54
N PHE B 161 -30.49 -27.29 -8.14
CA PHE B 161 -29.43 -26.52 -8.83
C PHE B 161 -28.04 -27.13 -8.80
N LEU B 162 -27.64 -27.67 -7.66
CA LEU B 162 -26.38 -28.43 -7.60
C LEU B 162 -26.34 -29.50 -8.68
N ASP B 163 -27.32 -30.40 -8.63
CA ASP B 163 -27.44 -31.44 -9.67
C ASP B 163 -27.44 -30.84 -11.08
N SER B 164 -28.33 -29.87 -11.31
CA SER B 164 -28.40 -29.14 -12.58
C SER B 164 -27.01 -28.64 -13.05
N LEU B 165 -26.22 -28.12 -12.11
CA LEU B 165 -24.88 -27.62 -12.40
C LEU B 165 -23.92 -28.74 -12.77
N ARG B 166 -23.92 -29.83 -12.00
CA ARG B 166 -23.06 -30.99 -12.33
C ARG B 166 -23.40 -31.59 -13.70
N ASP B 167 -24.69 -31.83 -13.94
CA ASP B 167 -25.14 -32.36 -15.23
C ASP B 167 -24.75 -31.44 -16.39
N LEU B 168 -24.61 -30.15 -16.09
CA LEU B 168 -24.19 -29.11 -17.04
C LEU B 168 -22.78 -29.30 -17.63
N ILE B 169 -21.85 -29.73 -16.79
CA ILE B 169 -20.47 -30.01 -17.21
C ILE B 169 -20.43 -30.71 -18.57
N ALA B 170 -20.96 -31.93 -18.61
CA ALA B 170 -20.97 -32.74 -19.81
C ALA B 170 -21.89 -32.14 -20.89
N ASP B 171 -21.59 -30.91 -21.32
CA ASP B 171 -22.49 -30.14 -22.20
C ASP B 171 -22.15 -30.14 -23.71
N SER B 172 -23.12 -29.69 -24.50
CA SER B 172 -22.94 -29.38 -25.93
C SER B 172 -21.97 -28.25 -26.15
N ASN B 173 -21.65 -27.51 -25.09
CA ASN B 173 -20.89 -26.29 -25.24
C ASN B 173 -19.67 -26.20 -24.35
N PRO B 174 -18.64 -25.48 -24.84
CA PRO B 174 -17.47 -25.01 -24.09
C PRO B 174 -17.81 -24.00 -22.99
N MET B 175 -18.09 -22.74 -23.35
CA MET B 175 -18.38 -21.67 -22.36
C MET B 175 -19.23 -22.14 -21.16
N VAL B 176 -20.41 -22.67 -21.47
CA VAL B 176 -21.17 -23.44 -20.53
C VAL B 176 -20.16 -24.14 -19.60
N VAL B 177 -19.59 -25.26 -20.04
CA VAL B 177 -18.69 -26.06 -19.19
C VAL B 177 -17.51 -25.28 -18.52
N ALA B 178 -17.05 -24.19 -19.12
CA ALA B 178 -16.01 -23.39 -18.48
C ALA B 178 -16.56 -22.81 -17.19
N ASN B 179 -17.70 -22.13 -17.30
CA ASN B 179 -18.38 -21.59 -16.12
C ASN B 179 -18.95 -22.66 -15.20
N ALA B 180 -19.40 -23.79 -15.76
CA ALA B 180 -19.90 -24.92 -14.97
C ALA B 180 -18.80 -25.51 -14.11
N VAL B 181 -17.65 -25.79 -14.75
CA VAL B 181 -16.54 -26.39 -14.05
C VAL B 181 -16.10 -25.42 -13.02
N ALA B 182 -15.93 -24.18 -13.48
CA ALA B 182 -15.53 -23.08 -12.64
C ALA B 182 -16.39 -23.01 -11.37
N ALA B 183 -17.70 -22.89 -11.57
CA ALA B 183 -18.68 -22.79 -10.49
C ALA B 183 -18.65 -23.99 -9.57
N LEU B 184 -19.04 -25.15 -10.11
CA LEU B 184 -19.05 -26.43 -9.39
C LEU B 184 -17.81 -26.56 -8.52
N SER B 185 -16.68 -25.99 -8.98
CA SER B 185 -15.45 -25.89 -8.11
C SER B 185 -15.46 -24.76 -7.04
N GLU B 186 -15.69 -23.51 -7.44
CA GLU B 186 -15.73 -22.46 -6.41
C GLU B 186 -16.64 -22.94 -5.27
N ILE B 187 -17.66 -23.72 -5.64
CA ILE B 187 -18.67 -24.16 -4.67
C ILE B 187 -18.12 -25.22 -3.76
N SER B 188 -17.35 -26.13 -4.32
CA SER B 188 -16.75 -27.23 -3.58
C SER B 188 -15.76 -26.68 -2.57
N GLU B 189 -16.06 -25.48 -2.12
CA GLU B 189 -15.49 -24.95 -0.90
C GLU B 189 -16.35 -25.32 0.29
N SER B 190 -17.55 -24.74 0.37
CA SER B 190 -18.49 -25.09 1.42
C SER B 190 -18.42 -26.60 1.62
N HIS B 191 -17.97 -27.01 2.81
CA HIS B 191 -17.60 -28.39 3.04
C HIS B 191 -18.69 -29.26 3.75
N PRO B 192 -19.56 -29.92 2.94
CA PRO B 192 -20.21 -31.13 3.44
C PRO B 192 -19.30 -32.34 3.15
N ASN B 193 -17.99 -32.16 3.34
CA ASN B 193 -16.93 -33.17 3.09
C ASN B 193 -16.95 -33.78 1.68
N SER B 194 -18.16 -33.97 1.15
CA SER B 194 -18.39 -34.48 -0.18
C SER B 194 -18.12 -33.42 -1.25
N ASN B 195 -17.10 -32.59 -1.01
CA ASN B 195 -16.67 -31.57 -1.99
C ASN B 195 -15.84 -32.17 -3.14
N LEU B 196 -15.66 -31.41 -4.23
CA LEU B 196 -15.20 -31.92 -5.55
C LEU B 196 -16.40 -32.61 -6.25
N LEU B 197 -17.06 -33.47 -5.45
CA LEU B 197 -18.35 -34.11 -5.70
C LEU B 197 -18.28 -35.45 -6.47
N ASP B 198 -17.45 -35.51 -7.51
CA ASP B 198 -17.58 -36.57 -8.52
C ASP B 198 -16.26 -36.93 -9.20
N LEU B 199 -16.21 -36.66 -10.50
CA LEU B 199 -15.10 -36.93 -11.44
C LEU B 199 -14.50 -38.34 -11.45
N ASN B 200 -14.50 -38.92 -12.66
CA ASN B 200 -14.09 -40.30 -12.93
C ASN B 200 -13.78 -40.40 -14.43
N PRO B 201 -13.85 -41.63 -15.03
CA PRO B 201 -13.83 -41.88 -16.47
C PRO B 201 -14.55 -40.84 -17.35
N GLN B 202 -15.87 -40.96 -17.48
CA GLN B 202 -16.68 -40.09 -18.36
C GLN B 202 -16.42 -38.60 -18.16
N ASN B 203 -16.51 -38.20 -16.89
CA ASN B 203 -16.25 -36.86 -16.41
C ASN B 203 -14.91 -36.32 -16.93
N ILE B 204 -13.85 -37.07 -16.62
CA ILE B 204 -12.49 -36.74 -17.05
C ILE B 204 -12.24 -36.74 -18.58
N ASN B 205 -12.73 -37.77 -19.29
CA ASN B 205 -12.61 -37.78 -20.76
C ASN B 205 -13.34 -36.62 -21.44
N LYS B 206 -14.61 -36.44 -21.07
CA LYS B 206 -15.40 -35.27 -21.50
C LYS B 206 -14.65 -33.97 -21.20
N LEU B 207 -14.11 -33.88 -19.98
CA LEU B 207 -13.29 -32.72 -19.56
C LEU B 207 -12.04 -32.46 -20.39
N LEU B 208 -11.36 -33.52 -20.80
CA LEU B 208 -10.17 -33.34 -21.62
C LEU B 208 -10.50 -32.90 -23.05
N THR B 209 -11.44 -33.61 -23.71
CA THR B 209 -11.91 -33.13 -25.04
C THR B 209 -12.34 -31.64 -24.96
N ALA B 210 -12.98 -31.28 -23.84
CA ALA B 210 -13.14 -29.86 -23.53
C ALA B 210 -11.77 -29.17 -23.51
N LEU B 211 -10.80 -29.74 -22.78
CA LEU B 211 -9.49 -29.07 -22.65
C LEU B 211 -9.03 -28.56 -24.01
N ASN B 212 -9.17 -29.41 -25.02
CA ASN B 212 -9.06 -28.91 -26.43
C ASN B 212 -10.10 -27.80 -26.72
N GLU B 213 -11.32 -28.23 -27.03
CA GLU B 213 -12.37 -27.36 -27.60
C GLU B 213 -12.89 -26.18 -26.73
N CYS B 214 -12.07 -25.64 -25.84
CA CYS B 214 -12.57 -24.59 -24.96
C CYS B 214 -11.89 -23.24 -25.18
N THR B 215 -11.82 -22.42 -24.15
CA THR B 215 -11.18 -21.13 -24.25
C THR B 215 -10.11 -21.01 -23.19
N GLU B 216 -9.12 -20.19 -23.48
CA GLU B 216 -8.05 -19.74 -22.56
C GLU B 216 -8.39 -20.09 -21.10
N TRP B 217 -9.14 -19.16 -20.52
CA TRP B 217 -9.71 -19.30 -19.21
C TRP B 217 -10.42 -20.63 -18.99
N GLY B 218 -11.37 -21.00 -19.87
CA GLY B 218 -12.07 -22.29 -19.74
C GLY B 218 -11.11 -23.43 -19.41
N GLN B 219 -10.06 -23.47 -20.23
CA GLN B 219 -8.94 -24.35 -20.02
C GLN B 219 -8.42 -24.20 -18.60
N ILE B 220 -7.90 -23.02 -18.23
CA ILE B 220 -7.37 -22.81 -16.86
C ILE B 220 -8.31 -23.34 -15.76
N PHE B 221 -9.61 -23.15 -15.96
CA PHE B 221 -10.63 -23.76 -15.13
C PHE B 221 -10.54 -25.31 -15.18
N ILE B 222 -10.38 -25.90 -16.38
CA ILE B 222 -10.21 -27.35 -16.44
C ILE B 222 -8.91 -27.84 -15.75
N LEU B 223 -7.81 -27.09 -15.85
CA LEU B 223 -6.57 -27.54 -15.15
C LEU B 223 -6.68 -27.32 -13.65
N ASP B 224 -7.05 -26.10 -13.27
CA ASP B 224 -7.16 -25.77 -11.87
C ASP B 224 -8.28 -26.58 -11.24
N CYS B 225 -9.16 -27.15 -12.07
CA CYS B 225 -10.08 -28.14 -11.56
C CYS B 225 -9.25 -29.37 -11.37
N LEU B 226 -8.81 -29.93 -12.49
CA LEU B 226 -8.13 -31.24 -12.53
C LEU B 226 -7.00 -31.49 -11.52
N SER B 227 -6.36 -30.41 -11.05
CA SER B 227 -5.24 -30.61 -10.15
C SER B 227 -5.66 -31.33 -8.88
N ASN B 228 -6.70 -32.16 -9.00
CA ASN B 228 -7.38 -32.72 -7.85
C ASN B 228 -7.81 -34.12 -7.95
N TYR B 229 -7.83 -34.62 -9.18
CA TYR B 229 -8.22 -35.99 -9.42
C TYR B 229 -7.15 -36.92 -8.95
N ASN B 230 -7.62 -38.01 -8.37
CA ASN B 230 -6.73 -39.06 -7.92
C ASN B 230 -6.84 -40.29 -8.80
N PRO B 231 -5.85 -40.46 -9.69
CA PRO B 231 -5.94 -41.51 -10.68
C PRO B 231 -5.77 -42.89 -10.03
N LYS B 232 -6.62 -43.85 -10.39
CA LYS B 232 -6.56 -45.19 -9.81
C LYS B 232 -5.13 -45.77 -9.81
N ASP B 233 -4.60 -46.02 -11.02
CA ASP B 233 -3.30 -46.66 -11.18
C ASP B 233 -2.30 -45.73 -11.89
N ASP B 234 -1.68 -46.21 -12.96
CA ASP B 234 -0.78 -45.42 -13.81
C ASP B 234 -1.23 -45.29 -15.27
N ARG B 235 -2.10 -46.19 -15.74
CA ARG B 235 -2.79 -45.99 -17.03
C ARG B 235 -3.33 -44.55 -17.01
N GLU B 236 -4.21 -44.30 -16.03
CA GLU B 236 -4.81 -42.98 -15.81
C GLU B 236 -3.72 -41.89 -15.74
N ALA B 237 -2.77 -42.06 -14.82
CA ALA B 237 -1.62 -41.15 -14.68
C ALA B 237 -1.01 -40.73 -16.02
N GLN B 238 -0.64 -41.73 -16.82
CA GLN B 238 -0.03 -41.51 -18.12
C GLN B 238 -1.00 -40.78 -19.03
N SER B 239 -2.03 -41.49 -19.49
CA SER B 239 -2.86 -40.95 -20.56
C SER B 239 -3.47 -39.60 -20.18
N ILE B 240 -3.56 -39.37 -18.88
CA ILE B 240 -3.89 -38.03 -18.38
C ILE B 240 -2.71 -37.03 -18.58
N CYS B 241 -1.53 -37.35 -18.03
CA CYS B 241 -0.39 -36.45 -18.22
C CYS B 241 -0.19 -36.09 -19.68
N GLU B 242 -0.38 -37.09 -20.57
CA GLU B 242 -0.32 -36.90 -22.03
C GLU B 242 -1.49 -36.09 -22.60
N ARG B 243 -2.72 -36.52 -22.30
CA ARG B 243 -3.92 -35.81 -22.73
C ARG B 243 -3.78 -34.31 -22.40
N VAL B 244 -3.10 -34.03 -21.27
CA VAL B 244 -2.83 -32.68 -20.75
C VAL B 244 -1.62 -32.02 -21.41
N THR B 245 -0.53 -32.81 -21.51
CA THR B 245 0.83 -32.38 -21.95
C THR B 245 0.94 -31.13 -22.83
N PRO B 246 0.27 -31.13 -24.01
CA PRO B 246 0.37 -30.11 -25.02
C PRO B 246 0.57 -28.66 -24.58
N ARG B 247 0.96 -28.40 -23.35
CA ARG B 247 0.92 -27.02 -22.85
C ARG B 247 2.21 -26.16 -22.91
N LEU B 248 2.77 -26.15 -24.13
CA LEU B 248 3.63 -25.09 -24.69
C LEU B 248 2.63 -24.07 -25.28
N SER B 249 1.97 -23.37 -24.35
CA SER B 249 0.63 -22.81 -24.59
C SER B 249 0.40 -21.32 -24.34
N HIS B 250 -0.89 -21.00 -24.33
CA HIS B 250 -1.33 -19.71 -24.78
C HIS B 250 -1.79 -18.72 -23.77
N ALA B 251 -2.73 -19.07 -22.85
CA ALA B 251 -3.25 -18.13 -21.75
C ALA B 251 -2.06 -17.57 -21.03
N ASN B 252 -0.97 -17.75 -21.79
CA ASN B 252 0.35 -17.99 -21.37
C ASN B 252 0.39 -18.26 -19.87
N SER B 253 1.28 -17.61 -19.15
CA SER B 253 1.40 -17.91 -17.73
C SER B 253 0.31 -18.95 -17.35
N ALA B 254 -0.82 -18.50 -16.78
CA ALA B 254 -2.00 -19.33 -16.43
C ALA B 254 -2.06 -20.78 -16.99
N VAL B 255 -2.36 -20.95 -18.28
CA VAL B 255 -2.47 -22.31 -18.75
C VAL B 255 -1.17 -22.97 -18.40
N VAL B 256 -0.05 -22.32 -18.77
CA VAL B 256 1.26 -22.93 -18.61
C VAL B 256 1.46 -23.31 -17.13
N LEU B 257 1.33 -22.36 -16.22
CA LEU B 257 1.54 -22.69 -14.83
C LEU B 257 0.65 -23.84 -14.37
N SER B 258 -0.66 -23.75 -14.59
CA SER B 258 -1.56 -24.85 -14.21
C SER B 258 -1.15 -26.20 -14.81
N ALA B 259 -0.82 -26.20 -16.10
CA ALA B 259 -0.10 -27.29 -16.77
C ALA B 259 0.98 -27.92 -15.87
N VAL B 260 1.96 -27.11 -15.50
CA VAL B 260 2.90 -27.44 -14.40
C VAL B 260 2.27 -27.88 -13.03
N LYS B 261 1.14 -27.30 -12.63
CA LYS B 261 0.58 -27.63 -11.31
C LYS B 261 0.07 -29.08 -11.35
N VAL B 262 -0.88 -29.30 -12.24
CA VAL B 262 -1.39 -30.63 -12.58
C VAL B 262 -0.26 -31.59 -12.82
N LEU B 263 0.68 -31.17 -13.67
CA LEU B 263 1.69 -32.07 -14.20
C LEU B 263 2.68 -32.47 -13.13
N MET B 264 3.27 -31.48 -12.51
CA MET B 264 4.09 -31.64 -11.35
C MET B 264 3.42 -32.54 -10.33
N LYS B 265 2.08 -32.50 -10.25
CA LYS B 265 1.43 -33.44 -9.32
C LYS B 265 1.62 -34.91 -9.70
N PHE B 266 1.36 -35.29 -10.94
CA PHE B 266 1.32 -36.74 -11.21
C PHE B 266 2.70 -37.41 -11.28
N LEU B 267 3.65 -36.78 -10.58
CA LEU B 267 4.94 -37.37 -10.24
C LEU B 267 4.91 -38.03 -8.86
N GLU B 268 4.64 -39.33 -8.92
CA GLU B 268 4.68 -40.24 -7.80
C GLU B 268 5.21 -41.58 -8.35
N LEU B 269 4.63 -42.02 -9.48
CA LEU B 269 5.03 -43.24 -10.22
C LEU B 269 6.55 -43.52 -10.25
N LEU B 270 6.98 -44.57 -9.53
CA LEU B 270 8.38 -44.79 -9.04
C LEU B 270 9.56 -44.14 -9.81
N PRO B 271 10.25 -43.15 -9.17
CA PRO B 271 11.23 -42.20 -9.75
C PRO B 271 11.86 -42.47 -11.14
N LYS B 272 12.16 -43.73 -11.48
CA LYS B 272 12.67 -44.06 -12.82
C LYS B 272 11.91 -45.21 -13.51
N ASP B 273 10.82 -44.85 -14.20
CA ASP B 273 9.95 -45.79 -14.92
C ASP B 273 10.40 -45.89 -16.40
N SER B 274 9.58 -46.47 -17.30
CA SER B 274 9.81 -46.35 -18.76
C SER B 274 9.70 -44.86 -19.08
N ASP B 275 10.83 -44.18 -18.92
CA ASP B 275 10.84 -42.77 -18.46
C ASP B 275 10.15 -41.76 -19.31
N TYR B 276 8.85 -42.00 -19.48
CA TYR B 276 7.97 -40.90 -19.66
C TYR B 276 8.43 -39.95 -18.58
N TYR B 277 8.54 -40.46 -17.36
CA TYR B 277 8.99 -39.69 -16.20
C TYR B 277 10.10 -38.68 -16.59
N ASN B 278 11.18 -39.16 -17.23
CA ASN B 278 12.30 -38.27 -17.57
C ASN B 278 12.12 -37.42 -18.83
N MET B 279 11.37 -37.94 -19.80
CA MET B 279 10.90 -37.14 -20.92
C MET B 279 10.04 -36.02 -20.38
N LEU B 280 9.36 -36.32 -19.27
CA LEU B 280 8.56 -35.35 -18.55
C LEU B 280 9.43 -34.40 -17.78
N LEU B 281 10.58 -34.89 -17.35
CA LEU B 281 11.49 -34.01 -16.68
C LEU B 281 12.24 -33.07 -17.63
N LYS B 282 12.39 -33.52 -18.87
CA LYS B 282 12.90 -32.69 -19.96
C LYS B 282 11.82 -31.68 -20.34
N LYS B 283 10.74 -32.19 -20.94
CA LYS B 283 9.50 -31.44 -21.28
C LYS B 283 9.10 -30.21 -20.39
N LEU B 284 9.32 -30.33 -19.09
CA LEU B 284 8.82 -29.34 -18.14
C LEU B 284 9.75 -28.12 -17.95
N ALA B 285 10.97 -28.22 -18.48
CA ALA B 285 11.90 -27.11 -18.36
C ALA B 285 11.76 -26.06 -19.49
N PRO B 286 11.66 -26.50 -20.77
CA PRO B 286 11.51 -25.48 -21.80
C PRO B 286 10.48 -24.39 -21.44
N PRO B 287 9.19 -24.77 -21.24
CA PRO B 287 8.21 -23.69 -21.14
C PRO B 287 8.56 -22.84 -19.92
N LEU B 288 8.78 -23.57 -18.83
CA LEU B 288 9.10 -23.01 -17.52
C LEU B 288 10.20 -21.99 -17.67
N VAL B 289 11.05 -22.20 -18.66
CA VAL B 289 11.99 -21.17 -18.98
C VAL B 289 11.31 -20.08 -19.81
N THR B 290 10.61 -20.44 -20.90
CA THR B 290 9.99 -19.35 -21.71
C THR B 290 9.36 -18.26 -20.81
N LEU B 291 8.85 -18.70 -19.68
CA LEU B 291 8.14 -17.83 -18.77
C LEU B 291 8.85 -16.57 -18.22
N LEU B 292 10.18 -16.57 -18.25
CA LEU B 292 10.93 -15.43 -17.80
C LEU B 292 11.17 -14.63 -19.05
N SER B 293 10.08 -14.23 -19.68
CA SER B 293 10.10 -13.62 -21.02
C SER B 293 8.68 -13.23 -21.37
N GLY B 294 7.78 -13.35 -20.38
CA GLY B 294 6.49 -12.64 -20.38
C GLY B 294 6.78 -11.21 -19.94
N GLU B 295 5.72 -10.44 -19.70
CA GLU B 295 5.93 -9.15 -19.09
C GLU B 295 6.44 -9.47 -17.70
N PRO B 296 7.15 -8.52 -17.06
CA PRO B 296 7.73 -8.57 -15.71
C PRO B 296 6.86 -9.30 -14.66
N GLU B 297 5.70 -8.74 -14.33
CA GLU B 297 4.68 -9.43 -13.58
C GLU B 297 4.75 -10.96 -13.72
N VAL B 298 4.36 -11.50 -14.87
CA VAL B 298 4.22 -12.94 -14.99
C VAL B 298 5.55 -13.68 -14.93
N GLN B 299 6.66 -12.94 -15.08
CA GLN B 299 7.98 -13.46 -14.64
C GLN B 299 7.90 -13.66 -13.11
N TYR B 300 7.83 -12.57 -12.37
CA TYR B 300 7.82 -12.71 -10.94
C TYR B 300 6.90 -13.87 -10.47
N VAL B 301 5.71 -13.98 -11.06
CA VAL B 301 4.90 -15.11 -10.63
C VAL B 301 5.58 -16.46 -10.99
N ALA B 302 5.99 -16.55 -12.27
CA ALA B 302 6.71 -17.75 -12.78
C ALA B 302 7.94 -18.13 -11.94
N LEU B 303 8.73 -17.13 -11.52
CA LEU B 303 9.93 -17.40 -10.74
C LEU B 303 9.52 -17.91 -9.38
N ARG B 304 8.50 -17.28 -8.77
CA ARG B 304 8.16 -17.79 -7.45
C ARG B 304 7.87 -19.26 -7.59
N ASN B 305 6.95 -19.54 -8.49
CA ASN B 305 6.68 -20.97 -8.84
C ASN B 305 7.87 -21.92 -9.10
N ILE B 306 8.82 -21.44 -9.92
CA ILE B 306 10.04 -22.21 -10.17
C ILE B 306 10.72 -22.54 -8.85
N ASN B 307 11.18 -21.47 -8.19
CA ASN B 307 11.92 -21.52 -6.95
C ASN B 307 11.36 -22.68 -6.11
N LEU B 308 10.04 -22.63 -5.88
CA LEU B 308 9.41 -23.85 -5.30
C LEU B 308 9.71 -25.14 -6.09
N ILE B 309 9.49 -25.17 -7.42
CA ILE B 309 9.80 -26.43 -8.15
C ILE B 309 11.26 -26.90 -7.97
N VAL B 310 12.20 -26.11 -8.45
CA VAL B 310 13.60 -26.35 -8.15
C VAL B 310 13.74 -26.99 -6.75
N GLN B 311 13.20 -26.34 -5.70
CA GLN B 311 13.27 -26.96 -4.32
C GLN B 311 12.72 -28.39 -4.22
N LYS B 312 11.58 -28.63 -4.86
CA LYS B 312 10.93 -29.94 -4.71
C LYS B 312 11.52 -31.00 -5.63
N ARG B 313 11.62 -30.68 -6.92
CA ARG B 313 12.30 -31.51 -7.89
C ARG B 313 13.40 -30.70 -8.59
N PRO B 314 14.67 -30.88 -8.19
CA PRO B 314 15.76 -30.02 -8.63
C PRO B 314 16.41 -30.45 -9.93
N GLU B 315 16.02 -31.64 -10.40
CA GLU B 315 16.54 -32.28 -11.60
C GLU B 315 15.70 -31.92 -12.84
N ILE B 316 15.46 -30.62 -13.02
CA ILE B 316 14.65 -30.13 -14.13
C ILE B 316 15.38 -28.97 -14.73
N LEU B 317 15.50 -27.90 -13.96
CA LEU B 317 16.40 -26.83 -14.33
C LEU B 317 17.75 -27.14 -13.72
N LYS B 318 18.26 -28.34 -14.00
CA LYS B 318 19.53 -28.76 -13.41
C LYS B 318 20.72 -27.90 -13.90
N GLN B 319 20.91 -27.79 -15.22
CA GLN B 319 22.01 -26.96 -15.78
C GLN B 319 21.50 -25.79 -16.62
N GLU B 320 20.21 -25.51 -16.52
CA GLU B 320 19.73 -24.25 -17.05
C GLU B 320 20.14 -23.09 -16.13
N ILE B 321 21.09 -23.32 -15.23
CA ILE B 321 21.52 -22.31 -14.29
C ILE B 321 21.84 -20.98 -14.96
N LYS B 322 22.42 -21.05 -16.16
CA LYS B 322 22.77 -19.89 -16.97
C LYS B 322 21.61 -18.88 -17.11
N VAL B 323 20.45 -19.41 -17.53
CA VAL B 323 19.23 -18.65 -17.70
C VAL B 323 18.96 -17.67 -16.54
N PHE B 324 19.08 -18.16 -15.30
CA PHE B 324 18.74 -17.35 -14.13
C PHE B 324 19.82 -16.37 -13.70
N PHE B 325 20.61 -15.87 -14.64
CA PHE B 325 21.63 -14.90 -14.29
C PHE B 325 20.95 -13.56 -14.29
N VAL B 326 21.36 -12.69 -13.38
CA VAL B 326 20.72 -11.37 -13.26
C VAL B 326 21.22 -10.30 -14.23
N LYS B 327 20.25 -9.78 -15.00
CA LYS B 327 20.41 -8.58 -15.83
C LYS B 327 20.27 -7.32 -14.99
N TYR B 328 20.92 -6.26 -15.42
CA TYR B 328 20.89 -5.02 -14.66
C TYR B 328 19.64 -4.20 -14.90
N ASN B 329 18.77 -4.71 -15.78
CA ASN B 329 17.51 -4.04 -16.09
C ASN B 329 16.36 -5.02 -15.94
N ASP B 330 16.55 -5.95 -15.01
CA ASP B 330 15.46 -6.73 -14.49
C ASP B 330 14.92 -5.94 -13.31
N PRO B 331 13.57 -5.92 -13.16
CA PRO B 331 13.07 -5.11 -12.09
C PRO B 331 13.27 -5.88 -10.79
N ILE B 332 13.57 -5.13 -9.74
CA ILE B 332 14.17 -5.71 -8.53
C ILE B 332 13.54 -7.08 -8.14
N TYR B 333 12.26 -7.10 -7.92
CA TYR B 333 11.60 -8.34 -7.53
C TYR B 333 12.04 -9.62 -8.36
N VAL B 334 12.18 -9.44 -9.69
CA VAL B 334 12.71 -10.50 -10.61
C VAL B 334 14.18 -10.79 -10.26
N LYS B 335 14.96 -9.72 -10.01
CA LYS B 335 16.34 -9.84 -9.52
C LYS B 335 16.41 -10.80 -8.34
N LEU B 336 15.78 -10.44 -7.22
CA LEU B 336 15.93 -11.24 -6.01
C LEU B 336 15.49 -12.67 -6.25
N GLU B 337 14.28 -12.84 -6.78
CA GLU B 337 13.93 -14.21 -7.25
C GLU B 337 15.05 -14.97 -7.98
N LYS B 338 15.56 -14.35 -9.04
CA LYS B 338 16.63 -14.97 -9.82
C LYS B 338 17.78 -15.38 -8.89
N LEU B 339 18.47 -14.40 -8.35
CA LEU B 339 19.54 -14.72 -7.40
C LEU B 339 19.25 -16.00 -6.56
N ASP B 340 18.18 -15.99 -5.77
CA ASP B 340 17.88 -17.25 -5.05
C ASP B 340 17.87 -18.48 -5.99
N ILE B 341 17.19 -18.36 -7.13
CA ILE B 341 17.12 -19.53 -8.03
C ILE B 341 18.49 -19.94 -8.56
N MET B 342 19.38 -18.97 -8.73
CA MET B 342 20.80 -19.28 -9.02
C MET B 342 21.28 -20.19 -7.90
N ILE B 343 21.40 -19.61 -6.69
CA ILE B 343 22.00 -20.36 -5.56
C ILE B 343 21.36 -21.73 -5.34
N ARG B 344 20.15 -21.97 -5.85
CA ARG B 344 19.57 -23.34 -5.78
C ARG B 344 20.37 -24.35 -6.54
N LEU B 345 20.98 -23.90 -7.63
CA LEU B 345 21.54 -24.78 -8.67
C LEU B 345 23.04 -24.91 -8.62
N ALA B 346 23.66 -23.85 -8.11
CA ALA B 346 25.10 -23.78 -7.84
C ALA B 346 25.63 -25.12 -7.39
N SER B 347 26.55 -25.67 -8.16
CA SER B 347 27.02 -26.99 -7.90
C SER B 347 28.47 -27.07 -8.30
N GLN B 348 28.99 -28.29 -8.18
CA GLN B 348 30.32 -28.69 -8.63
C GLN B 348 30.85 -27.96 -9.87
N ALA B 349 30.00 -27.62 -10.84
CA ALA B 349 30.49 -26.92 -12.04
C ALA B 349 30.37 -25.39 -11.97
N ASN B 350 29.15 -24.91 -11.72
CA ASN B 350 28.77 -23.52 -11.93
C ASN B 350 29.47 -22.50 -11.06
N ILE B 351 30.09 -22.98 -9.98
CA ILE B 351 30.57 -22.13 -8.88
C ILE B 351 31.48 -20.97 -9.31
N ALA B 352 32.40 -21.24 -10.23
CA ALA B 352 33.37 -20.24 -10.70
C ALA B 352 32.66 -18.95 -11.12
N GLN B 353 31.87 -19.06 -12.18
CA GLN B 353 31.14 -17.90 -12.68
C GLN B 353 30.09 -17.43 -11.70
N VAL B 354 29.56 -18.33 -10.88
CA VAL B 354 28.53 -17.95 -9.91
C VAL B 354 29.12 -16.92 -8.95
N LEU B 355 30.25 -17.30 -8.35
CA LEU B 355 30.97 -16.42 -7.45
C LEU B 355 31.39 -15.15 -8.17
N ALA B 356 31.77 -15.28 -9.45
CA ALA B 356 31.91 -14.07 -10.29
C ALA B 356 30.66 -13.16 -10.19
N GLU B 357 29.56 -13.60 -10.81
CA GLU B 357 28.31 -12.87 -10.76
C GLU B 357 28.10 -12.21 -9.38
N LEU B 358 28.18 -13.01 -8.32
CA LEU B 358 27.92 -12.52 -6.95
C LEU B 358 28.85 -11.39 -6.57
N LYS B 359 30.15 -11.63 -6.80
CA LYS B 359 31.17 -10.63 -6.49
C LYS B 359 30.73 -9.33 -7.18
N GLU B 360 30.08 -9.48 -8.35
CA GLU B 360 29.65 -8.32 -9.14
C GLU B 360 28.43 -7.66 -8.47
N TYR B 361 27.52 -8.48 -7.97
CA TYR B 361 26.30 -7.95 -7.34
C TYR B 361 26.54 -7.09 -6.12
N ALA B 362 27.25 -7.62 -5.12
CA ALA B 362 27.66 -6.85 -3.94
C ALA B 362 27.94 -5.36 -4.16
N THR B 363 28.46 -5.05 -5.34
CA THR B 363 28.96 -3.70 -5.67
C THR B 363 27.83 -2.69 -5.94
N GLU B 364 26.68 -3.24 -6.32
CA GLU B 364 25.42 -2.54 -6.58
C GLU B 364 24.97 -1.61 -5.47
N VAL B 365 23.86 -0.90 -5.69
CA VAL B 365 23.36 0.06 -4.71
C VAL B 365 22.06 -0.32 -4.00
N ASP B 366 21.22 -1.15 -4.66
CA ASP B 366 19.96 -1.62 -4.04
C ASP B 366 20.28 -2.48 -2.84
N VAL B 367 19.88 -2.01 -1.66
CA VAL B 367 20.40 -2.53 -0.40
C VAL B 367 20.02 -3.99 -0.16
N ASP B 368 18.73 -4.25 -0.36
CA ASP B 368 18.19 -5.59 -0.41
C ASP B 368 18.95 -6.53 -1.35
N PHE B 369 19.29 -6.05 -2.54
CA PHE B 369 20.07 -6.88 -3.44
C PHE B 369 21.47 -7.23 -2.94
N VAL B 370 22.35 -6.22 -2.88
CA VAL B 370 23.61 -6.29 -2.15
C VAL B 370 23.51 -7.43 -1.10
N ARG B 371 22.70 -7.19 -0.06
CA ARG B 371 22.57 -8.20 1.03
C ARG B 371 22.25 -9.61 0.51
N LYS B 372 21.12 -9.75 -0.17
CA LYS B 372 20.75 -11.05 -0.71
C LYS B 372 21.99 -11.75 -1.27
N ALA B 373 22.77 -11.04 -2.06
CA ALA B 373 23.92 -11.71 -2.67
C ALA B 373 25.04 -12.04 -1.69
N VAL B 374 25.44 -11.08 -0.83
CA VAL B 374 26.48 -11.43 0.19
C VAL B 374 26.12 -12.72 0.97
N ARG B 375 24.88 -12.71 1.46
CA ARG B 375 24.24 -13.94 1.89
C ARG B 375 24.61 -15.08 0.95
N ALA B 376 24.21 -14.93 -0.32
CA ALA B 376 24.34 -16.00 -1.30
C ALA B 376 25.73 -16.61 -1.32
N ILE B 377 26.75 -15.75 -1.37
CA ILE B 377 28.17 -16.17 -1.27
C ILE B 377 28.34 -17.09 -0.07
N GLY B 378 28.09 -16.50 1.10
CA GLY B 378 28.09 -17.31 2.31
C GLY B 378 27.40 -18.66 2.06
N ARG B 379 26.18 -18.65 1.50
CA ARG B 379 25.38 -19.89 1.32
C ARG B 379 26.07 -20.88 0.38
N CYS B 380 26.87 -20.34 -0.56
CA CYS B 380 27.74 -21.13 -1.46
C CYS B 380 28.79 -21.87 -0.66
N ALA B 381 29.46 -21.14 0.23
CA ALA B 381 30.34 -21.83 1.19
C ALA B 381 29.70 -23.10 1.78
N ILE B 382 28.49 -22.96 2.34
CA ILE B 382 27.78 -24.10 2.90
C ILE B 382 27.40 -25.17 1.89
N LYS B 383 27.37 -24.83 0.61
CA LYS B 383 26.90 -25.82 -0.36
C LYS B 383 27.97 -26.79 -0.80
N VAL B 384 29.20 -26.31 -1.10
CA VAL B 384 30.44 -27.17 -1.21
C VAL B 384 31.76 -26.44 -0.80
N GLU B 385 32.71 -27.13 -0.16
CA GLU B 385 33.75 -26.50 0.72
C GLU B 385 34.86 -25.54 0.16
N GLN B 386 35.72 -26.08 -0.71
CA GLN B 386 36.73 -25.32 -1.46
C GLN B 386 36.23 -23.86 -1.65
N SER B 387 35.09 -23.83 -2.36
CA SER B 387 34.23 -22.67 -2.44
C SER B 387 34.43 -21.96 -1.13
N ALA B 388 34.16 -22.67 -0.05
CA ALA B 388 34.07 -22.10 1.30
C ALA B 388 35.30 -21.33 1.67
N GLU B 389 36.47 -21.93 1.52
CA GLU B 389 37.65 -21.14 1.86
C GLU B 389 37.65 -19.82 1.06
N ARG B 390 37.49 -19.93 -0.27
CA ARG B 390 37.51 -18.67 -1.05
C ARG B 390 36.42 -17.66 -0.61
N CYS B 391 35.21 -18.20 -0.41
CA CYS B 391 34.01 -17.47 0.06
C CYS B 391 34.26 -16.72 1.37
N VAL B 392 34.58 -17.46 2.42
CA VAL B 392 34.96 -16.88 3.71
C VAL B 392 35.91 -15.74 3.47
N SER B 393 36.95 -15.99 2.66
CA SER B 393 37.90 -14.91 2.47
C SER B 393 37.22 -13.65 1.88
N THR B 394 36.59 -13.82 0.71
CA THR B 394 35.84 -12.73 0.09
C THR B 394 34.96 -11.99 1.10
N LEU B 395 34.35 -12.77 1.98
CA LEU B 395 33.44 -12.24 3.00
C LEU B 395 34.15 -11.41 4.03
N LEU B 396 35.34 -11.83 4.42
CA LEU B 396 36.10 -11.05 5.37
C LEU B 396 36.39 -9.71 4.74
N ASP B 397 36.91 -9.81 3.51
CA ASP B 397 37.21 -8.60 2.73
C ASP B 397 35.97 -7.72 2.81
N LEU B 398 34.83 -8.34 2.49
CA LEU B 398 33.55 -7.65 2.53
C LEU B 398 33.25 -6.97 3.85
N ILE B 399 33.47 -7.64 4.98
CA ILE B 399 33.26 -6.98 6.26
C ILE B 399 34.09 -5.73 6.24
N GLN B 400 35.34 -5.92 5.85
CA GLN B 400 36.24 -4.79 5.98
C GLN B 400 35.99 -3.64 5.02
N THR B 401 34.90 -3.72 4.26
CA THR B 401 34.49 -2.60 3.40
C THR B 401 33.71 -1.58 4.18
N LYS B 402 33.55 -1.84 5.48
CA LYS B 402 33.09 -0.85 6.47
C LYS B 402 31.60 -0.43 6.36
N VAL B 403 30.90 -0.94 5.35
CA VAL B 403 29.49 -0.65 5.24
C VAL B 403 28.61 -1.56 6.13
N ASN B 404 27.95 -0.90 7.07
CA ASN B 404 27.41 -1.58 8.22
C ASN B 404 26.53 -2.78 7.86
N TYR B 405 25.58 -2.59 6.96
CA TYR B 405 24.57 -3.61 6.73
C TYR B 405 25.17 -4.84 6.08
N VAL B 406 26.13 -4.58 5.19
CA VAL B 406 26.88 -5.69 4.60
C VAL B 406 27.69 -6.42 5.67
N VAL B 407 28.35 -5.66 6.54
CA VAL B 407 28.94 -6.27 7.75
C VAL B 407 27.95 -7.27 8.36
N GLN B 408 26.72 -6.80 8.58
CA GLN B 408 25.80 -7.54 9.42
C GLN B 408 25.37 -8.81 8.74
N GLU B 409 24.91 -8.67 7.51
CA GLU B 409 24.51 -9.84 6.72
C GLU B 409 25.67 -10.84 6.65
N ALA B 410 26.86 -10.33 6.35
CA ALA B 410 28.09 -11.12 6.50
C ALA B 410 28.01 -11.98 7.78
N ILE B 411 28.03 -11.31 8.93
CA ILE B 411 28.04 -12.01 10.21
C ILE B 411 27.01 -13.13 10.22
N VAL B 412 25.75 -12.78 10.01
CA VAL B 412 24.73 -13.83 9.97
C VAL B 412 25.21 -15.05 9.15
N VAL B 413 25.64 -14.80 7.91
CA VAL B 413 26.01 -15.96 7.10
C VAL B 413 27.11 -16.74 7.82
N ILE B 414 28.14 -16.00 8.25
CA ILE B 414 29.35 -16.62 8.79
C ILE B 414 28.98 -17.58 9.92
N ARG B 415 28.08 -17.15 10.80
CA ARG B 415 27.52 -18.08 11.78
C ARG B 415 27.02 -19.34 11.08
N ASP B 416 25.99 -19.22 10.21
CA ASP B 416 25.48 -20.47 9.57
C ASP B 416 26.65 -21.36 9.03
N ILE B 417 27.72 -20.69 8.56
CA ILE B 417 28.92 -21.42 8.14
C ILE B 417 29.60 -22.19 9.29
N PHE B 418 30.10 -21.49 10.32
CA PHE B 418 30.69 -22.18 11.45
C PHE B 418 29.82 -23.35 11.78
N ARG B 419 28.54 -23.18 11.56
CA ARG B 419 27.60 -24.23 11.91
C ARG B 419 27.59 -25.38 10.89
N LYS B 420 28.06 -25.10 9.68
CA LYS B 420 28.45 -26.21 8.78
C LYS B 420 29.93 -26.60 8.91
N TYR B 421 30.82 -25.61 9.09
CA TYR B 421 32.23 -25.92 9.31
C TYR B 421 32.72 -25.57 10.71
N PRO B 422 32.38 -26.45 11.68
CA PRO B 422 32.95 -26.23 12.99
C PRO B 422 34.34 -26.78 12.87
N ASN B 423 35.22 -26.41 13.79
CA ASN B 423 36.63 -26.77 13.62
C ASN B 423 37.08 -26.29 12.24
N LYS B 424 37.27 -24.97 12.10
CA LYS B 424 37.93 -24.44 10.92
C LYS B 424 38.24 -22.93 10.99
N TYR B 425 37.20 -22.10 11.01
CA TYR B 425 37.39 -20.68 10.81
C TYR B 425 37.45 -19.93 12.12
N GLU B 426 37.73 -20.70 13.16
CA GLU B 426 37.95 -20.20 14.51
C GLU B 426 38.84 -18.95 14.56
N SER B 427 39.72 -18.83 13.58
CA SER B 427 40.78 -17.84 13.63
C SER B 427 40.26 -16.42 13.54
N ILE B 428 39.03 -16.27 13.06
CA ILE B 428 38.50 -14.95 12.71
C ILE B 428 37.93 -14.18 13.89
N ILE B 429 37.66 -14.87 14.99
CA ILE B 429 36.62 -14.36 15.86
C ILE B 429 36.89 -12.93 16.40
N ALA B 430 38.14 -12.65 16.79
CA ALA B 430 38.54 -11.35 17.33
C ALA B 430 38.27 -10.18 16.39
N THR B 431 38.65 -10.39 15.14
CA THR B 431 38.21 -9.58 14.02
C THR B 431 36.74 -9.21 14.10
N LEU B 432 35.89 -10.25 13.97
CA LEU B 432 34.44 -10.10 14.00
C LEU B 432 34.04 -9.22 15.15
N CYS B 433 34.48 -9.61 16.35
CA CYS B 433 34.25 -8.85 17.59
C CYS B 433 34.66 -7.38 17.57
N GLU B 434 35.72 -6.99 16.85
CA GLU B 434 36.04 -5.54 16.83
C GLU B 434 34.83 -4.71 16.37
N ASN B 435 34.45 -4.92 15.11
CA ASN B 435 33.32 -4.27 14.49
C ASN B 435 32.06 -5.13 14.72
N LEU B 436 31.57 -5.07 15.98
CA LEU B 436 30.33 -5.71 16.46
C LEU B 436 29.43 -4.69 17.12
N ASP B 437 30.03 -3.93 18.05
CA ASP B 437 29.45 -2.74 18.69
C ASP B 437 28.71 -1.77 17.73
N SER B 438 28.34 -2.29 16.55
CA SER B 438 27.59 -1.56 15.53
C SER B 438 26.71 -2.56 14.78
N LEU B 439 26.29 -3.60 15.51
CA LEU B 439 25.25 -4.52 15.06
C LEU B 439 23.96 -4.20 15.82
N ASP B 440 23.07 -3.43 15.17
CA ASP B 440 21.88 -2.99 15.84
C ASP B 440 20.71 -3.64 15.17
N GLU B 441 20.98 -4.71 14.45
CA GLU B 441 19.91 -5.54 13.95
C GLU B 441 19.88 -6.89 14.69
N PRO B 442 18.67 -7.35 15.07
CA PRO B 442 18.32 -8.64 15.64
C PRO B 442 19.12 -9.87 15.17
N ASP B 443 19.10 -10.23 13.89
CA ASP B 443 19.92 -11.40 13.50
C ASP B 443 21.46 -11.27 13.66
N ALA B 444 21.95 -10.04 13.46
CA ALA B 444 23.36 -9.67 13.69
C ALA B 444 23.79 -9.91 15.16
N ARG B 445 23.10 -9.26 16.09
CA ARG B 445 23.25 -9.57 17.49
C ARG B 445 23.09 -11.08 17.78
N ALA B 446 21.99 -11.67 17.31
CA ALA B 446 21.71 -13.11 17.58
C ALA B 446 22.87 -14.02 17.25
N ALA B 447 23.34 -13.87 16.02
CA ALA B 447 24.42 -14.67 15.52
C ALA B 447 25.72 -14.34 16.26
N MET B 448 25.93 -13.05 16.53
CA MET B 448 27.21 -12.64 17.09
C MET B 448 27.36 -13.10 18.52
N ILE B 449 26.25 -13.04 19.23
CA ILE B 449 26.19 -13.46 20.61
C ILE B 449 26.26 -14.96 20.68
N TRP B 450 25.61 -15.65 19.75
CA TRP B 450 25.69 -17.10 19.74
C TRP B 450 27.10 -17.54 19.49
N ILE B 451 27.76 -16.80 18.61
CA ILE B 451 29.18 -16.98 18.39
C ILE B 451 29.95 -16.79 19.72
N VAL B 452 30.04 -15.55 20.21
CA VAL B 452 30.77 -15.29 21.46
C VAL B 452 30.43 -16.31 22.55
N GLY B 453 29.20 -16.83 22.50
CA GLY B 453 28.77 -17.90 23.38
C GLY B 453 29.52 -19.17 23.05
N GLU B 454 29.12 -19.82 21.96
CA GLU B 454 29.83 -20.97 21.44
C GLU B 454 31.32 -21.00 21.72
N TYR B 455 32.07 -20.10 21.07
CA TYR B 455 33.53 -20.18 21.01
C TYR B 455 34.17 -19.32 22.10
N ALA B 456 33.73 -19.50 23.34
CA ALA B 456 34.17 -18.64 24.45
C ALA B 456 35.47 -19.13 24.99
N GLU B 457 35.64 -20.44 25.08
CA GLU B 457 36.95 -21.00 25.42
C GLU B 457 38.08 -20.23 24.70
N ARG B 458 37.90 -19.99 23.40
CA ARG B 458 38.77 -19.15 22.57
C ARG B 458 38.80 -17.70 23.07
N ILE B 459 37.61 -17.17 23.38
CA ILE B 459 37.45 -15.73 23.65
C ILE B 459 37.53 -15.48 25.15
N ASP B 460 38.74 -15.22 25.63
CA ASP B 460 38.94 -14.86 27.03
C ASP B 460 38.19 -13.57 27.39
N ASN B 461 37.80 -12.84 26.36
CA ASN B 461 37.13 -11.57 26.47
C ASN B 461 35.68 -11.62 26.96
N ALA B 462 34.98 -12.73 26.64
CA ALA B 462 33.49 -12.89 26.63
C ALA B 462 32.66 -12.31 27.77
N ASP B 463 33.23 -12.35 28.98
CA ASP B 463 32.63 -11.66 30.12
C ASP B 463 32.26 -10.20 29.78
N GLU B 464 33.22 -9.40 29.32
CA GLU B 464 32.97 -8.02 28.91
C GLU B 464 31.88 -7.86 27.81
N LEU B 465 31.88 -8.73 26.79
CA LEU B 465 30.91 -8.69 25.65
C LEU B 465 29.49 -9.07 26.03
N LEU B 466 29.36 -10.21 26.68
CA LEU B 466 28.03 -10.57 27.13
C LEU B 466 27.51 -9.61 28.24
N GLU B 467 28.34 -9.36 29.26
CA GLU B 467 27.93 -8.47 30.33
C GLU B 467 27.76 -7.05 29.86
N SER B 468 28.33 -6.69 28.71
CA SER B 468 27.90 -5.46 28.03
C SER B 468 26.46 -5.62 27.59
N PHE B 469 26.19 -6.65 26.77
CA PHE B 469 24.80 -6.88 26.26
C PHE B 469 23.66 -6.85 27.28
N LEU B 470 23.99 -7.20 28.55
CA LEU B 470 22.92 -7.20 29.63
C LEU B 470 22.46 -5.84 30.21
N GLU B 471 22.95 -4.74 29.66
CA GLU B 471 22.58 -3.42 30.15
C GLU B 471 21.09 -3.17 30.04
N GLY B 472 20.61 -3.04 28.81
CA GLY B 472 19.19 -3.02 28.51
C GLY B 472 18.79 -4.37 27.99
N PHE B 473 18.51 -5.30 28.90
CA PHE B 473 18.24 -6.68 28.48
C PHE B 473 16.90 -6.80 27.82
N HIS B 474 15.91 -6.06 28.33
CA HIS B 474 14.58 -5.96 27.74
C HIS B 474 14.70 -5.05 26.52
N ASP B 475 13.60 -4.56 26.01
CA ASP B 475 13.66 -3.79 24.75
C ASP B 475 14.86 -4.25 23.91
N GLU B 476 15.00 -5.55 23.73
CA GLU B 476 15.92 -6.16 22.81
C GLU B 476 15.15 -7.35 22.38
N SER B 477 14.95 -7.52 21.08
CA SER B 477 14.33 -8.71 20.51
C SER B 477 14.31 -9.98 21.36
N THR B 478 13.14 -10.56 21.57
CA THR B 478 13.09 -11.89 22.17
C THR B 478 14.17 -12.85 21.60
N GLN B 479 14.38 -12.86 20.28
CA GLN B 479 15.41 -13.74 19.68
C GLN B 479 16.82 -13.39 20.16
N VAL B 480 17.14 -12.08 20.21
CA VAL B 480 18.34 -11.57 20.96
C VAL B 480 18.46 -12.18 22.35
N GLN B 481 17.53 -11.83 23.25
CA GLN B 481 17.43 -12.33 24.63
C GLN B 481 17.56 -13.83 24.68
N LEU B 482 16.48 -14.53 24.43
CA LEU B 482 16.55 -15.96 24.28
C LEU B 482 17.92 -16.56 23.87
N THR B 483 18.42 -16.07 22.73
CA THR B 483 19.75 -16.44 22.28
C THR B 483 20.91 -16.07 23.24
N LEU B 484 20.86 -14.86 23.80
CA LEU B 484 21.85 -14.38 24.77
C LEU B 484 21.85 -15.24 26.04
N LEU B 485 20.66 -15.73 26.38
CA LEU B 485 20.49 -16.53 27.59
C LEU B 485 21.17 -17.85 27.33
N THR B 486 20.65 -18.62 26.38
CA THR B 486 21.35 -19.88 26.20
C THR B 486 22.85 -19.60 26.06
N ALA B 487 23.22 -18.62 25.24
CA ALA B 487 24.63 -18.21 25.20
C ALA B 487 25.33 -18.10 26.57
N ILE B 488 24.76 -17.37 27.52
CA ILE B 488 25.41 -17.25 28.82
C ILE B 488 25.43 -18.54 29.62
N VAL B 489 24.33 -19.27 29.71
CA VAL B 489 24.53 -20.54 30.42
C VAL B 489 25.64 -21.35 29.74
N LYS B 490 25.68 -21.33 28.39
CA LYS B 490 26.81 -21.92 27.66
C LYS B 490 28.12 -21.42 28.26
N LEU B 491 28.39 -20.12 28.16
CA LEU B 491 29.64 -19.56 28.67
C LEU B 491 29.92 -20.14 30.05
N PHE B 492 28.97 -19.92 30.97
CA PHE B 492 29.12 -20.33 32.37
C PHE B 492 29.57 -21.76 32.51
N LEU B 493 28.76 -22.69 31.99
CA LEU B 493 29.10 -24.11 32.03
C LEU B 493 30.56 -24.34 31.75
N LYS B 494 31.05 -23.77 30.65
CA LYS B 494 32.45 -23.91 30.32
C LYS B 494 33.42 -23.10 31.20
N LYS B 495 33.03 -21.89 31.61
CA LYS B 495 33.96 -21.06 32.40
C LYS B 495 33.56 -20.71 33.86
N PRO B 496 32.98 -21.67 34.61
CA PRO B 496 32.25 -21.29 35.82
C PRO B 496 33.02 -20.36 36.76
N SER B 497 34.34 -20.46 36.71
CA SER B 497 35.18 -19.74 37.64
C SER B 497 35.08 -18.20 37.54
N GLU B 498 34.27 -17.69 36.61
CA GLU B 498 34.21 -16.24 36.38
C GLU B 498 32.82 -15.71 36.09
N THR B 499 31.83 -16.50 36.49
CA THR B 499 30.50 -16.33 35.94
C THR B 499 29.40 -16.51 37.00
N GLN B 500 29.61 -15.96 38.20
CA GLN B 500 28.56 -15.95 39.19
C GLN B 500 27.46 -14.99 38.73
N GLU B 501 27.78 -13.71 38.92
CA GLU B 501 26.87 -12.61 38.66
C GLU B 501 26.21 -12.70 37.23
N LEU B 502 26.81 -13.47 36.34
CA LEU B 502 26.22 -13.63 35.02
C LEU B 502 25.09 -14.68 34.92
N VAL B 503 25.30 -15.94 35.24
CA VAL B 503 24.07 -16.78 35.24
C VAL B 503 23.06 -16.27 36.28
N GLN B 504 23.61 -15.65 37.33
CA GLN B 504 22.81 -14.83 38.24
C GLN B 504 21.93 -13.92 37.39
N GLN B 505 22.37 -12.68 37.11
CA GLN B 505 21.51 -11.73 36.38
C GLN B 505 20.86 -12.16 35.02
N VAL B 506 21.44 -13.08 34.24
CA VAL B 506 20.61 -13.56 33.12
C VAL B 506 19.41 -14.37 33.60
N LEU B 507 19.67 -15.32 34.50
CA LEU B 507 18.62 -16.14 35.04
C LEU B 507 17.57 -15.25 35.73
N SER B 508 18.02 -14.34 36.59
CA SER B 508 17.12 -13.35 37.21
C SER B 508 16.27 -12.67 36.15
N LEU B 509 16.93 -12.02 35.18
CA LEU B 509 16.20 -11.18 34.24
C LEU B 509 15.15 -11.97 33.56
N ALA B 510 15.60 -13.10 33.02
CA ALA B 510 14.76 -14.04 32.27
C ALA B 510 13.57 -14.54 33.04
N THR B 511 13.73 -14.76 34.34
CA THR B 511 12.73 -15.40 35.19
C THR B 511 11.79 -14.41 35.99
N GLN B 512 12.25 -13.18 36.24
CA GLN B 512 11.62 -12.35 37.26
C GLN B 512 10.80 -11.20 36.72
N ASP B 513 10.75 -11.02 35.39
CA ASP B 513 10.17 -9.79 34.77
C ASP B 513 9.64 -9.93 33.35
N SER B 514 10.23 -10.85 32.60
CA SER B 514 9.73 -11.28 31.29
C SER B 514 8.22 -11.47 31.31
N ASP B 515 7.50 -10.67 30.52
CA ASP B 515 6.10 -10.93 30.30
C ASP B 515 6.12 -12.14 29.38
N ASN B 516 7.22 -12.32 28.65
CA ASN B 516 7.22 -13.36 27.64
C ASN B 516 7.20 -14.70 28.33
N PRO B 517 6.11 -15.47 28.16
CA PRO B 517 6.05 -16.82 28.68
C PRO B 517 7.11 -17.80 28.26
N ASP B 518 7.44 -17.85 26.97
CA ASP B 518 8.47 -18.80 26.50
C ASP B 518 9.86 -18.49 27.11
N LEU B 519 10.15 -17.21 27.23
CA LEU B 519 11.38 -16.74 27.84
C LEU B 519 11.48 -16.97 29.32
N ARG B 520 10.43 -16.61 30.02
CA ARG B 520 10.45 -16.73 31.45
C ARG B 520 10.65 -18.22 31.70
N ASP B 521 9.75 -19.04 31.11
CA ASP B 521 9.70 -20.51 31.06
C ASP B 521 11.06 -21.15 30.72
N ARG B 522 11.77 -20.58 29.77
CA ARG B 522 13.16 -21.05 29.60
C ARG B 522 14.24 -20.52 30.62
N GLY B 523 14.11 -19.26 31.05
CA GLY B 523 14.79 -18.79 32.24
C GLY B 523 14.68 -19.84 33.34
N TYR B 524 13.45 -20.10 33.75
CA TYR B 524 13.19 -21.18 34.68
C TYR B 524 13.88 -22.50 34.25
N ILE B 525 13.61 -23.09 33.06
CA ILE B 525 14.26 -24.39 32.74
C ILE B 525 15.81 -24.45 32.88
N TYR B 526 16.51 -23.40 32.45
CA TYR B 526 17.93 -23.23 32.86
C TYR B 526 18.21 -22.79 34.34
N TRP B 527 17.22 -22.52 35.17
CA TRP B 527 17.57 -22.46 36.62
C TRP B 527 17.54 -23.82 37.26
N ARG B 528 16.65 -24.66 36.76
CA ARG B 528 16.49 -26.00 37.26
C ARG B 528 17.41 -26.97 36.49
N LEU B 529 18.66 -26.56 36.35
CA LEU B 529 19.68 -27.46 35.89
C LEU B 529 20.99 -27.05 36.53
N LEU B 530 21.31 -25.75 36.40
CA LEU B 530 22.48 -25.15 37.08
C LEU B 530 22.31 -25.18 38.60
N SER B 531 21.13 -25.65 39.01
CA SER B 531 20.85 -26.03 40.37
C SER B 531 20.91 -27.52 40.62
N THR B 532 21.41 -28.29 39.67
CA THR B 532 21.81 -29.63 40.00
C THR B 532 23.22 -29.82 39.50
N ASP B 533 23.34 -30.53 38.38
CA ASP B 533 24.63 -31.05 38.03
C ASP B 533 25.12 -30.62 36.66
N PRO B 534 26.21 -29.86 36.67
CA PRO B 534 27.17 -29.84 35.59
C PRO B 534 27.09 -31.20 34.93
N VAL B 535 27.33 -32.26 35.71
CA VAL B 535 27.18 -33.65 35.23
C VAL B 535 26.10 -33.79 34.14
N THR B 536 24.89 -33.28 34.41
CA THR B 536 23.83 -33.38 33.43
C THR B 536 23.64 -32.06 32.70
N ALA B 537 24.12 -30.98 33.31
CA ALA B 537 24.20 -29.68 32.61
C ALA B 537 25.07 -29.76 31.33
N LYS B 538 26.36 -30.05 31.51
CA LYS B 538 27.26 -30.19 30.38
C LYS B 538 26.61 -31.16 29.42
N GLU B 539 26.18 -32.31 29.92
CA GLU B 539 25.70 -33.40 29.08
C GLU B 539 24.54 -32.91 28.21
N VAL B 540 23.69 -32.09 28.81
CA VAL B 540 22.54 -31.57 28.11
C VAL B 540 22.86 -30.35 27.20
N VAL B 541 23.15 -29.17 27.75
CA VAL B 541 23.46 -27.99 26.89
C VAL B 541 24.52 -28.26 25.79
N LEU B 542 25.77 -28.37 26.24
CA LEU B 542 26.97 -28.36 25.39
C LEU B 542 27.17 -29.61 24.53
N SER B 543 26.23 -30.56 24.58
CA SER B 543 26.21 -31.73 23.68
C SER B 543 26.55 -31.31 22.25
N GLU B 544 27.28 -32.16 21.54
CA GLU B 544 27.60 -31.91 20.13
C GLU B 544 26.40 -32.02 19.19
N LYS B 545 26.27 -31.05 18.28
CA LYS B 545 25.03 -30.87 17.55
C LYS B 545 25.24 -31.03 16.07
N PRO B 546 24.55 -32.02 15.46
CA PRO B 546 24.71 -32.41 14.05
C PRO B 546 24.82 -31.23 13.06
N LEU B 547 25.36 -31.50 11.87
CA LEU B 547 25.65 -30.45 10.90
C LEU B 547 24.38 -30.00 10.17
N ILE B 548 24.49 -29.48 8.95
CA ILE B 548 23.34 -28.97 8.23
C ILE B 548 23.06 -29.57 6.81
N SER B 549 23.90 -29.23 5.83
CA SER B 549 23.96 -29.83 4.43
C SER B 549 22.92 -29.35 3.37
N GLU B 550 23.46 -28.69 2.30
CA GLU B 550 22.78 -28.32 0.99
C GLU B 550 21.42 -27.54 0.99
N GLU B 551 21.36 -26.52 1.83
CA GLU B 551 20.12 -26.24 2.50
C GLU B 551 19.81 -24.78 2.56
N THR B 552 20.87 -24.00 2.53
CA THR B 552 20.78 -22.57 2.41
C THR B 552 19.31 -22.06 2.24
N ASP B 553 18.66 -21.78 3.36
CA ASP B 553 17.31 -21.19 3.43
C ASP B 553 16.33 -21.94 2.58
N LEU B 554 16.21 -23.26 2.76
CA LEU B 554 15.14 -24.06 2.13
C LEU B 554 13.75 -23.72 2.73
N ILE B 555 12.68 -24.28 2.17
CA ILE B 555 11.36 -24.09 2.80
C ILE B 555 11.02 -25.35 3.55
N GLU B 556 10.20 -25.25 4.60
CA GLU B 556 9.83 -26.44 5.38
C GLU B 556 9.28 -27.49 4.42
N PRO B 557 9.84 -28.69 4.47
CA PRO B 557 9.57 -29.86 3.62
C PRO B 557 8.09 -30.13 3.31
N THR B 558 7.25 -30.33 4.33
CA THR B 558 5.80 -30.60 4.10
C THR B 558 5.07 -29.37 3.57
N LEU B 559 5.30 -28.26 4.26
CA LEU B 559 4.82 -26.99 3.81
C LEU B 559 4.97 -27.03 2.32
N LEU B 560 6.25 -27.19 1.91
CA LEU B 560 6.63 -27.31 0.51
C LEU B 560 5.74 -28.32 -0.20
N ASP B 561 5.69 -29.57 0.26
CA ASP B 561 4.84 -30.56 -0.46
C ASP B 561 3.47 -29.98 -0.82
N GLU B 562 2.92 -29.16 0.07
CA GLU B 562 1.61 -28.55 -0.17
C GLU B 562 1.63 -27.22 -0.95
N LEU B 563 2.75 -26.53 -0.97
CA LEU B 563 2.80 -25.38 -1.85
C LEU B 563 2.94 -25.85 -3.23
N ILE B 564 3.55 -27.02 -3.42
CA ILE B 564 3.51 -27.70 -4.73
C ILE B 564 2.09 -27.80 -5.20
N CYS B 565 1.17 -28.21 -4.34
CA CYS B 565 -0.22 -28.41 -4.76
C CYS B 565 -0.87 -27.12 -5.18
N HIS B 566 -0.18 -26.02 -4.87
CA HIS B 566 -0.68 -24.64 -5.03
C HIS B 566 0.18 -23.73 -5.96
N ILE B 567 0.32 -24.15 -7.22
CA ILE B 567 1.32 -23.62 -8.15
C ILE B 567 0.86 -22.34 -8.76
N GLY B 568 -0.23 -22.40 -9.51
CA GLY B 568 -0.71 -21.19 -10.13
C GLY B 568 -0.91 -20.12 -9.05
N SER B 569 -1.44 -20.57 -7.91
CA SER B 569 -2.17 -19.72 -6.99
C SER B 569 -1.25 -18.89 -6.12
N LEU B 570 -1.79 -17.77 -5.60
CA LEU B 570 -1.00 -16.84 -4.79
C LEU B 570 -0.19 -17.62 -3.81
N ALA B 571 -0.74 -18.74 -3.34
CA ALA B 571 -0.02 -19.52 -2.35
C ALA B 571 1.45 -19.53 -2.71
N SER B 572 1.75 -20.10 -3.89
CA SER B 572 3.08 -20.06 -4.50
C SER B 572 3.64 -18.67 -4.39
N VAL B 573 2.97 -17.67 -4.96
CA VAL B 573 3.56 -16.34 -4.96
C VAL B 573 4.04 -15.95 -3.58
N TYR B 574 3.17 -16.09 -2.58
CA TYR B 574 3.42 -15.69 -1.21
C TYR B 574 4.26 -16.70 -0.46
N HIS B 575 4.22 -17.96 -0.95
CA HIS B 575 4.88 -19.15 -0.34
C HIS B 575 4.31 -19.29 1.08
N LYS B 576 3.03 -19.68 1.21
CA LYS B 576 2.30 -19.79 2.52
C LYS B 576 1.02 -20.50 2.18
N PRO B 577 0.51 -21.37 3.06
CA PRO B 577 -0.71 -22.10 2.66
C PRO B 577 -1.89 -21.11 2.47
N PRO B 578 -3.05 -21.55 1.91
CA PRO B 578 -4.01 -20.48 1.71
C PRO B 578 -4.49 -19.91 3.04
N ASN B 579 -4.09 -20.50 4.16
CA ASN B 579 -4.58 -20.02 5.43
C ASN B 579 -3.96 -18.83 6.17
N ALA B 580 -2.89 -18.18 5.72
CA ALA B 580 -2.66 -16.83 6.28
C ALA B 580 -3.11 -15.71 5.32
N PHE B 581 -4.19 -16.02 4.57
CA PHE B 581 -5.11 -15.07 3.84
C PHE B 581 -6.59 -15.61 3.56
N VAL B 582 -7.51 -15.50 4.57
CA VAL B 582 -9.03 -15.70 4.49
C VAL B 582 -9.84 -14.39 4.40
N MET C 1 -12.16 -15.77 -7.16
CA MET C 1 -11.55 -15.05 -8.33
C MET C 1 -11.42 -13.54 -8.17
N ILE C 2 -11.75 -12.82 -9.24
CA ILE C 2 -11.54 -11.42 -9.27
C ILE C 2 -12.68 -10.74 -8.56
N GLY C 3 -12.35 -9.82 -7.66
CA GLY C 3 -13.35 -9.31 -6.74
C GLY C 3 -13.33 -7.90 -7.21
N GLY C 4 -12.53 -7.09 -6.52
CA GLY C 4 -12.44 -5.68 -6.92
C GLY C 4 -11.79 -5.60 -8.30
N LEU C 5 -12.11 -4.53 -9.04
CA LEU C 5 -11.27 -4.15 -10.17
C LEU C 5 -11.27 -2.62 -10.34
N PHE C 6 -10.12 -1.98 -10.22
CA PHE C 6 -10.11 -0.52 -10.05
C PHE C 6 -9.00 0.15 -10.79
N ILE C 7 -9.31 1.25 -11.48
CA ILE C 7 -8.35 2.05 -12.30
C ILE C 7 -8.20 3.48 -11.82
N TYR C 8 -6.92 3.88 -11.67
CA TYR C 8 -6.56 5.19 -11.11
C TYR C 8 -5.70 6.04 -11.99
N ASN C 9 -5.87 7.35 -11.80
CA ASN C 9 -4.98 8.37 -12.33
C ASN C 9 -3.70 8.39 -11.51
N HIS C 10 -2.71 9.09 -12.01
CA HIS C 10 -1.44 9.17 -11.30
C HIS C 10 -1.44 9.92 -9.97
N LYS C 11 -2.27 10.94 -9.82
CA LYS C 11 -2.27 11.69 -8.54
C LYS C 11 -2.95 10.90 -7.41
N GLY C 12 -3.71 9.86 -7.78
CA GLY C 12 -4.31 8.94 -6.79
C GLY C 12 -5.82 8.72 -6.81
N GLU C 13 -6.51 9.45 -7.68
CA GLU C 13 -7.96 9.34 -7.81
C GLU C 13 -8.43 8.10 -8.57
N VAL C 14 -9.66 7.66 -8.28
CA VAL C 14 -10.20 6.57 -9.06
C VAL C 14 -10.58 7.14 -10.41
N LEU C 15 -10.72 6.26 -11.39
CA LEU C 15 -11.21 6.66 -12.68
C LEU C 15 -12.29 5.71 -12.92
N ILE C 16 -12.04 4.44 -12.70
CA ILE C 16 -13.21 3.59 -12.82
C ILE C 16 -13.10 2.52 -11.81
N SER C 17 -14.22 1.96 -11.37
CA SER C 17 -14.11 0.98 -10.30
C SER C 17 -15.27 0.01 -10.25
N ARG C 18 -14.99 -1.28 -10.25
CA ARG C 18 -16.08 -2.20 -10.38
C ARG C 18 -15.80 -3.54 -9.74
N VAL C 19 -16.80 -3.91 -8.92
CA VAL C 19 -16.68 -4.86 -7.84
C VAL C 19 -17.65 -5.95 -8.17
N TYR C 20 -17.15 -7.17 -8.13
CA TYR C 20 -17.90 -8.30 -8.63
C TYR C 20 -18.31 -9.15 -7.46
N ARG C 21 -17.90 -8.73 -6.26
CA ARG C 21 -18.02 -9.59 -5.08
C ARG C 21 -18.17 -8.95 -3.72
N ASP C 22 -18.98 -9.62 -2.89
CA ASP C 22 -19.29 -9.14 -1.54
C ASP C 22 -18.06 -8.90 -0.64
N ASP C 23 -17.03 -9.73 -0.81
CA ASP C 23 -15.76 -9.63 -0.08
C ASP C 23 -15.25 -8.18 0.00
N ILE C 24 -15.34 -7.45 -1.09
CA ILE C 24 -14.57 -6.21 -1.17
C ILE C 24 -15.16 -4.99 -0.47
N GLY C 25 -14.32 -4.02 -0.12
CA GLY C 25 -14.77 -2.81 0.55
C GLY C 25 -14.55 -1.50 -0.20
N ARG C 26 -15.04 -0.43 0.41
CA ARG C 26 -14.65 0.95 0.09
C ARG C 26 -13.19 0.98 0.56
N ASN C 27 -13.04 0.29 1.67
CA ASN C 27 -11.76 -0.12 2.19
C ASN C 27 -10.76 -0.50 1.10
N ALA C 28 -11.11 -1.42 0.22
CA ALA C 28 -10.12 -1.89 -0.73
C ALA C 28 -9.47 -0.77 -1.56
N VAL C 29 -10.33 -0.05 -2.24
CA VAL C 29 -9.92 0.98 -3.17
C VAL C 29 -9.13 1.98 -2.41
N ASP C 30 -9.60 2.30 -1.21
CA ASP C 30 -8.74 3.17 -0.52
C ASP C 30 -7.42 2.54 -0.28
N ALA C 31 -7.37 1.63 0.66
CA ALA C 31 -6.11 0.95 0.94
C ALA C 31 -5.15 0.94 -0.24
N PHE C 32 -5.55 0.44 -1.40
CA PHE C 32 -4.58 0.43 -2.52
C PHE C 32 -4.13 1.85 -2.75
N ARG C 33 -5.04 2.75 -3.08
CA ARG C 33 -4.59 4.15 -3.16
C ARG C 33 -3.58 4.54 -2.04
N VAL C 34 -3.91 4.22 -0.82
CA VAL C 34 -3.10 4.50 0.35
C VAL C 34 -1.69 3.86 0.30
N ASN C 35 -1.63 2.59 -0.15
CA ASN C 35 -0.49 1.70 0.14
C ASN C 35 0.50 1.42 -1.01
N VAL C 36 0.00 1.35 -2.23
CA VAL C 36 0.89 1.14 -3.35
C VAL C 36 1.12 2.50 -3.91
N ILE C 37 0.08 3.09 -4.50
CA ILE C 37 0.15 4.42 -5.06
C ILE C 37 0.82 5.50 -4.18
N HIS C 38 0.86 5.29 -2.86
CA HIS C 38 1.42 6.33 -1.98
C HIS C 38 2.58 6.04 -1.00
N ALA C 39 2.96 4.77 -0.80
CA ALA C 39 3.98 4.47 0.23
C ALA C 39 5.34 5.04 -0.09
N ARG C 40 5.82 5.89 0.80
CA ARG C 40 7.16 6.48 0.69
C ARG C 40 8.19 5.41 0.28
N GLN C 41 7.82 4.14 0.51
CA GLN C 41 8.71 3.00 0.27
C GLN C 41 8.42 2.42 -1.13
N GLN C 42 8.97 3.07 -2.14
CA GLN C 42 8.67 2.75 -3.53
C GLN C 42 8.88 1.28 -3.84
N VAL C 43 10.17 0.88 -3.94
CA VAL C 43 10.57 -0.54 -4.12
C VAL C 43 9.45 -1.51 -3.64
N ARG C 44 8.92 -2.36 -4.52
CA ARG C 44 7.90 -3.29 -4.08
C ARG C 44 8.04 -4.63 -4.74
N SER C 45 6.87 -5.19 -5.02
CA SER C 45 6.64 -6.23 -6.00
C SER C 45 5.31 -5.77 -6.61
N PRO C 46 4.71 -6.57 -7.50
CA PRO C 46 3.45 -6.23 -8.13
C PRO C 46 2.25 -6.91 -7.57
N VAL C 47 2.41 -7.93 -6.76
CA VAL C 47 1.25 -8.35 -5.96
C VAL C 47 1.49 -7.92 -4.56
N THR C 48 0.41 -7.65 -3.89
CA THR C 48 0.53 -7.41 -2.48
C THR C 48 -0.57 -8.18 -1.74
N ASN C 49 -0.28 -8.43 -0.47
CA ASN C 49 -1.33 -8.51 0.51
C ASN C 49 -1.39 -7.32 1.51
N ILE C 50 -2.55 -6.66 1.60
CA ILE C 50 -2.89 -5.88 2.79
C ILE C 50 -4.06 -6.62 3.49
N ALA C 51 -3.82 -7.11 4.71
CA ALA C 51 -4.89 -7.50 5.59
C ALA C 51 -5.90 -8.43 4.93
N ARG C 52 -5.56 -9.70 4.89
CA ARG C 52 -6.18 -10.71 4.04
C ARG C 52 -6.87 -10.30 2.79
N THR C 53 -6.32 -9.29 2.12
CA THR C 53 -6.75 -9.04 0.77
C THR C 53 -5.53 -8.89 -0.11
N SER C 54 -5.62 -9.41 -1.34
CA SER C 54 -4.49 -9.45 -2.22
C SER C 54 -4.85 -8.53 -3.36
N PHE C 55 -3.83 -7.79 -3.82
CA PHE C 55 -3.90 -6.68 -4.80
C PHE C 55 -2.84 -6.76 -5.84
N PHE C 56 -3.29 -6.93 -7.08
CA PHE C 56 -2.37 -7.06 -8.20
C PHE C 56 -2.50 -5.75 -8.89
N HIS C 57 -1.48 -5.35 -9.63
CA HIS C 57 -1.68 -4.18 -10.45
C HIS C 57 -0.66 -4.04 -11.56
N VAL C 58 -1.10 -3.38 -12.64
CA VAL C 58 -0.16 -2.95 -13.69
C VAL C 58 -0.09 -1.44 -13.69
N LYS C 59 0.97 -0.85 -14.27
CA LYS C 59 0.97 0.57 -14.61
C LYS C 59 1.06 0.73 -16.15
N ARG C 60 0.28 1.68 -16.69
CA ARG C 60 0.28 1.96 -18.15
C ARG C 60 0.14 3.45 -18.19
N SER C 61 0.71 4.10 -19.19
CA SER C 61 0.81 5.55 -19.12
C SER C 61 1.51 5.86 -17.78
N ASN C 62 0.94 6.77 -16.99
CA ASN C 62 1.07 6.74 -15.53
C ASN C 62 -0.36 6.70 -15.03
N ILE C 63 -0.85 5.48 -14.91
CA ILE C 63 -2.26 5.17 -14.81
C ILE C 63 -2.23 3.75 -14.25
N TRP C 64 -2.79 3.58 -13.06
CA TRP C 64 -2.58 2.33 -12.38
C TRP C 64 -3.79 1.51 -12.60
N LEU C 65 -3.60 0.21 -12.64
CA LEU C 65 -4.67 -0.68 -12.99
C LEU C 65 -4.69 -1.89 -12.10
N ALA C 66 -5.59 -1.89 -11.13
CA ALA C 66 -5.54 -2.85 -10.02
C ALA C 66 -6.65 -3.85 -10.07
N ALA C 67 -6.34 -5.08 -9.67
CA ALA C 67 -7.39 -6.09 -9.55
C ALA C 67 -7.27 -6.60 -8.15
N VAL C 68 -8.39 -6.99 -7.56
CA VAL C 68 -8.37 -7.33 -6.13
C VAL C 68 -9.16 -8.60 -5.87
N THR C 69 -8.58 -9.43 -5.03
CA THR C 69 -9.25 -10.60 -4.60
C THR C 69 -9.02 -10.85 -3.10
N LYS C 70 -9.94 -11.59 -2.50
CA LYS C 70 -9.76 -12.04 -1.15
C LYS C 70 -9.77 -13.56 -1.12
N GLN C 71 -9.47 -14.20 -2.25
CA GLN C 71 -9.19 -15.66 -2.19
C GLN C 71 -7.77 -15.98 -2.62
N ASN C 72 -7.54 -17.25 -2.91
CA ASN C 72 -6.24 -17.67 -3.37
C ASN C 72 -6.42 -17.95 -4.85
N VAL C 73 -6.63 -16.86 -5.59
CA VAL C 73 -6.83 -16.93 -7.01
C VAL C 73 -5.60 -17.41 -7.63
N ASN C 74 -5.75 -17.85 -8.87
CA ASN C 74 -4.63 -18.11 -9.73
C ASN C 74 -3.84 -16.83 -10.12
N ALA C 75 -2.60 -16.73 -9.64
CA ALA C 75 -1.76 -15.56 -9.84
C ALA C 75 -1.66 -15.10 -11.29
N ALA C 76 -0.69 -15.71 -11.97
CA ALA C 76 -0.62 -15.71 -13.40
C ALA C 76 -1.93 -15.18 -14.03
N MET C 77 -3.01 -15.95 -13.86
CA MET C 77 -4.29 -15.75 -14.58
C MET C 77 -4.83 -14.35 -14.52
N VAL C 78 -4.87 -13.85 -13.31
CA VAL C 78 -5.42 -12.56 -13.05
C VAL C 78 -4.51 -11.55 -13.69
N PHE C 79 -3.21 -11.85 -13.65
CA PHE C 79 -2.32 -10.98 -14.40
C PHE C 79 -2.65 -10.94 -15.92
N GLU C 80 -2.47 -12.08 -16.56
CA GLU C 80 -2.80 -12.23 -18.01
C GLU C 80 -4.09 -11.51 -18.35
N PHE C 81 -5.07 -11.63 -17.43
CA PHE C 81 -6.27 -10.87 -17.58
C PHE C 81 -5.98 -9.36 -17.63
N LEU C 82 -5.39 -8.76 -16.60
CA LEU C 82 -5.17 -7.31 -16.71
C LEU C 82 -4.52 -6.96 -18.09
N TYR C 83 -3.57 -7.78 -18.51
CA TYR C 83 -3.02 -7.62 -19.88
C TYR C 83 -4.10 -7.63 -21.01
N LYS C 84 -4.86 -8.72 -21.11
CA LYS C 84 -5.97 -8.83 -22.06
C LYS C 84 -6.87 -7.62 -22.02
N MET C 85 -7.21 -7.20 -20.81
CA MET C 85 -7.92 -5.95 -20.64
C MET C 85 -7.22 -4.77 -21.31
N CYS C 86 -6.04 -4.39 -20.87
CA CYS C 86 -5.43 -3.24 -21.54
C CYS C 86 -5.48 -3.34 -23.09
N ASP C 87 -5.22 -4.55 -23.61
CA ASP C 87 -5.40 -4.76 -25.05
C ASP C 87 -6.85 -4.51 -25.56
N VAL C 88 -7.89 -4.86 -24.79
CA VAL C 88 -9.28 -4.53 -25.19
C VAL C 88 -9.54 -3.02 -25.18
N MET C 89 -8.90 -2.32 -24.25
CA MET C 89 -9.19 -0.89 -24.17
C MET C 89 -8.45 -0.11 -25.23
N ALA C 90 -7.22 -0.55 -25.53
CA ALA C 90 -6.58 -0.01 -26.73
C ALA C 90 -7.46 -0.34 -27.93
N ALA C 91 -7.84 -1.61 -28.05
CA ALA C 91 -8.70 -2.10 -29.13
C ALA C 91 -9.86 -1.16 -29.36
N TYR C 92 -10.48 -0.68 -28.28
CA TYR C 92 -11.58 0.31 -28.43
C TYR C 92 -11.15 1.75 -28.67
N PHE C 93 -10.02 2.20 -28.12
CA PHE C 93 -9.56 3.58 -28.37
C PHE C 93 -8.09 3.84 -28.14
N GLY C 94 -7.30 2.78 -28.28
CA GLY C 94 -5.88 2.91 -28.37
C GLY C 94 -5.26 3.50 -27.13
N LYS C 95 -5.09 4.81 -27.13
CA LYS C 95 -4.38 5.45 -26.04
C LYS C 95 -5.16 5.24 -24.74
N ILE C 96 -4.52 4.59 -23.78
CA ILE C 96 -5.05 4.43 -22.43
C ILE C 96 -4.52 5.58 -21.58
N SER C 97 -5.30 6.66 -21.50
CA SER C 97 -4.97 7.85 -20.70
C SER C 97 -6.13 8.42 -19.88
N GLU C 98 -5.78 9.23 -18.87
CA GLU C 98 -6.77 9.78 -17.95
C GLU C 98 -7.96 10.36 -18.69
N GLU C 99 -7.71 11.30 -19.61
CA GLU C 99 -8.80 11.93 -20.34
C GLU C 99 -9.49 10.93 -21.27
N ASN C 100 -8.67 10.08 -21.88
CA ASN C 100 -9.18 9.04 -22.75
C ASN C 100 -10.03 8.03 -22.00
N ILE C 101 -9.70 7.81 -20.73
CA ILE C 101 -10.47 6.90 -19.86
C ILE C 101 -11.75 7.55 -19.33
N LYS C 102 -11.58 8.64 -18.59
CA LYS C 102 -12.69 9.44 -18.14
C LYS C 102 -13.70 9.50 -19.29
N ASN C 103 -13.37 10.17 -20.40
CA ASN C 103 -14.35 10.27 -21.51
C ASN C 103 -14.83 8.93 -22.14
N ASN C 104 -14.96 7.86 -21.35
CA ASN C 104 -15.40 6.55 -21.86
C ASN C 104 -16.16 5.64 -20.86
N PHE C 105 -16.44 6.19 -19.66
CA PHE C 105 -17.17 5.53 -18.56
C PHE C 105 -18.01 4.35 -19.04
N VAL C 106 -19.11 4.70 -19.69
CA VAL C 106 -20.17 3.75 -20.05
C VAL C 106 -19.67 2.52 -20.79
N LEU C 107 -18.82 2.75 -21.77
CA LEU C 107 -18.15 1.62 -22.40
C LEU C 107 -17.41 0.75 -21.40
N ILE C 108 -16.23 1.22 -21.01
CA ILE C 108 -15.44 0.53 -20.01
C ILE C 108 -16.43 -0.35 -19.23
N TYR C 109 -17.47 0.24 -18.61
CA TYR C 109 -18.36 -0.61 -17.79
C TYR C 109 -19.00 -1.71 -18.63
N GLU C 110 -19.75 -1.36 -19.68
CA GLU C 110 -20.47 -2.38 -20.43
C GLU C 110 -19.50 -3.53 -20.64
N LEU C 111 -18.27 -3.15 -20.97
CA LEU C 111 -17.21 -4.13 -21.12
C LEU C 111 -16.98 -4.93 -19.86
N LEU C 112 -16.58 -4.23 -18.80
CA LEU C 112 -16.17 -4.80 -17.52
C LEU C 112 -17.13 -5.84 -17.11
N ASP C 113 -18.38 -5.44 -17.17
CA ASP C 113 -19.46 -6.33 -16.87
C ASP C 113 -19.49 -7.51 -17.88
N GLU C 114 -19.10 -7.26 -19.14
CA GLU C 114 -19.17 -8.34 -20.14
C GLU C 114 -18.00 -9.33 -20.10
N ILE C 115 -16.85 -8.79 -20.43
CA ILE C 115 -15.51 -9.34 -20.29
C ILE C 115 -15.22 -10.31 -19.09
N LEU C 116 -16.09 -10.41 -18.08
CA LEU C 116 -15.67 -11.01 -16.79
C LEU C 116 -16.75 -10.92 -15.73
N ASP C 117 -17.28 -12.08 -15.33
CA ASP C 117 -18.46 -12.12 -14.46
C ASP C 117 -18.37 -12.96 -13.14
N PHE C 118 -18.45 -12.25 -12.01
CA PHE C 118 -18.35 -12.80 -10.65
C PHE C 118 -16.91 -13.05 -10.40
N GLY C 119 -16.10 -12.33 -11.13
CA GLY C 119 -14.66 -12.47 -11.01
C GLY C 119 -14.09 -13.50 -11.95
N TYR C 120 -14.97 -14.35 -12.47
CA TYR C 120 -14.64 -15.37 -13.43
C TYR C 120 -14.47 -14.68 -14.81
N PRO C 121 -13.26 -14.75 -15.44
CA PRO C 121 -13.15 -14.03 -16.70
C PRO C 121 -13.86 -14.79 -17.78
N GLN C 122 -14.53 -14.05 -18.66
CA GLN C 122 -15.55 -14.66 -19.53
C GLN C 122 -15.07 -14.99 -20.95
N ASN C 123 -15.53 -14.21 -21.94
CA ASN C 123 -14.91 -14.18 -23.26
C ASN C 123 -14.30 -12.80 -23.41
N SER C 124 -12.98 -12.79 -23.45
CA SER C 124 -12.18 -11.61 -23.18
C SER C 124 -11.74 -10.95 -24.46
N GLU C 125 -12.07 -11.54 -25.61
CA GLU C 125 -11.35 -11.18 -26.81
C GLU C 125 -11.42 -9.71 -27.30
N THR C 126 -12.34 -9.39 -28.23
CA THR C 126 -12.38 -8.07 -28.89
C THR C 126 -12.95 -8.20 -30.30
N GLY C 127 -13.07 -9.44 -30.76
CA GLY C 127 -13.76 -9.69 -32.01
C GLY C 127 -15.10 -10.32 -31.73
N ALA C 128 -15.33 -10.64 -30.47
CA ALA C 128 -16.66 -10.93 -29.97
C ALA C 128 -17.29 -9.58 -29.61
N LEU C 129 -16.57 -8.83 -28.78
CA LEU C 129 -17.04 -7.60 -28.15
C LEU C 129 -17.35 -6.45 -29.11
N LYS C 130 -16.56 -6.32 -30.14
CA LYS C 130 -16.79 -5.29 -31.10
C LYS C 130 -18.12 -5.50 -31.82
N THR C 131 -18.66 -6.73 -31.78
CA THR C 131 -19.89 -7.06 -32.52
C THR C 131 -21.18 -6.79 -31.76
N PHE C 132 -21.10 -6.76 -30.43
CA PHE C 132 -22.21 -6.37 -29.53
C PHE C 132 -21.69 -5.44 -28.41
N ILE C 133 -21.23 -4.27 -28.80
CA ILE C 133 -20.93 -3.16 -27.90
C ILE C 133 -20.90 -1.85 -28.68
N THR C 134 -21.99 -1.08 -28.56
CA THR C 134 -22.14 0.22 -29.22
C THR C 134 -20.97 1.18 -28.87
N GLN C 135 -20.95 2.35 -29.49
CA GLN C 135 -20.25 3.53 -28.98
C GLN C 135 -20.70 4.77 -29.73
N HIS C 142 -32.39 -1.35 -34.35
CA HIS C 142 -31.12 -2.03 -34.56
C HIS C 142 -31.18 -3.55 -34.27
N GLN C 143 -31.85 -4.30 -35.16
CA GLN C 143 -31.76 -5.80 -35.32
C GLN C 143 -32.86 -6.74 -34.74
N THR C 144 -32.62 -8.06 -34.92
CA THR C 144 -33.53 -9.17 -34.55
C THR C 144 -32.80 -10.49 -34.18
N LYS C 145 -33.58 -11.58 -34.20
CA LYS C 145 -33.16 -12.94 -33.78
C LYS C 145 -31.89 -13.40 -34.49
N GLU C 146 -31.78 -13.01 -35.75
CA GLU C 146 -30.59 -13.20 -36.57
C GLU C 146 -29.32 -12.82 -35.82
N GLU C 147 -29.02 -11.53 -35.85
CA GLU C 147 -27.88 -10.97 -35.16
C GLU C 147 -27.81 -11.52 -33.75
N GLN C 148 -28.97 -11.57 -33.09
CA GLN C 148 -29.07 -12.08 -31.71
C GLN C 148 -28.34 -13.42 -31.51
N SER C 149 -28.94 -14.51 -31.99
CA SER C 149 -28.31 -15.83 -31.83
C SER C 149 -26.95 -15.94 -32.54
N GLN C 150 -26.75 -15.14 -33.59
CA GLN C 150 -25.41 -15.02 -34.18
C GLN C 150 -24.38 -14.72 -33.11
N ILE C 151 -24.47 -13.51 -32.55
CA ILE C 151 -23.54 -13.11 -31.50
C ILE C 151 -23.55 -14.16 -30.39
N THR C 152 -24.73 -14.60 -29.98
CA THR C 152 -24.76 -15.60 -28.92
C THR C 152 -23.82 -16.80 -29.18
N SER C 153 -24.12 -17.53 -30.26
CA SER C 153 -23.41 -18.77 -30.56
C SER C 153 -21.95 -18.52 -30.92
N GLN C 154 -21.68 -17.37 -31.56
CA GLN C 154 -20.29 -16.99 -31.82
C GLN C 154 -19.52 -16.84 -30.52
N VAL C 155 -20.02 -16.03 -29.56
CA VAL C 155 -19.33 -15.79 -28.28
C VAL C 155 -19.19 -17.07 -27.49
N THR C 156 -20.29 -17.81 -27.40
CA THR C 156 -20.25 -19.05 -26.65
C THR C 156 -19.34 -20.13 -27.25
N GLY C 157 -19.26 -20.18 -28.59
CA GLY C 157 -18.58 -21.25 -29.36
C GLY C 157 -17.08 -21.47 -29.21
N GLN C 158 -16.44 -21.98 -30.27
CA GLN C 158 -15.02 -22.39 -30.20
C GLN C 158 -14.11 -21.55 -31.07
N ILE C 159 -14.69 -20.56 -31.75
CA ILE C 159 -13.93 -19.55 -32.48
C ILE C 159 -14.58 -18.20 -32.15
N GLY C 160 -14.58 -17.85 -30.87
CA GLY C 160 -14.93 -16.49 -30.47
C GLY C 160 -13.82 -15.64 -31.05
N TRP C 161 -12.98 -15.11 -30.15
CA TRP C 161 -11.67 -14.48 -30.48
C TRP C 161 -11.47 -13.64 -31.77
N ARG C 162 -12.44 -13.70 -32.69
CA ARG C 162 -12.60 -12.68 -33.74
C ARG C 162 -13.11 -13.24 -35.08
N ARG C 163 -14.05 -14.19 -35.08
CA ARG C 163 -14.63 -14.61 -36.37
C ARG C 163 -16.19 -14.68 -36.41
N GLU C 164 -16.77 -14.17 -37.50
CA GLU C 164 -18.24 -14.22 -37.74
C GLU C 164 -18.65 -14.49 -39.22
N GLY C 165 -18.50 -13.46 -40.07
CA GLY C 165 -18.73 -13.55 -41.52
C GLY C 165 -18.09 -12.35 -42.21
N ILE C 166 -16.84 -12.51 -42.66
CA ILE C 166 -15.99 -11.36 -42.97
C ILE C 166 -15.61 -11.23 -44.46
N LYS C 167 -15.67 -9.99 -44.98
CA LYS C 167 -15.35 -9.70 -46.38
C LYS C 167 -14.56 -8.38 -46.55
N TYR C 168 -13.48 -8.45 -47.34
CA TYR C 168 -12.51 -7.36 -47.58
C TYR C 168 -12.38 -6.92 -49.05
N ARG C 169 -12.27 -5.61 -49.26
CA ARG C 169 -12.12 -5.02 -50.61
C ARG C 169 -10.76 -5.36 -51.26
N ARG C 170 -9.68 -5.30 -50.46
CA ARG C 170 -8.33 -5.79 -50.86
C ARG C 170 -7.76 -6.85 -49.84
N ASN C 171 -7.47 -8.06 -50.36
CA ASN C 171 -7.33 -9.33 -49.58
C ASN C 171 -5.90 -9.72 -49.13
N GLU C 172 -5.42 -9.22 -48.00
CA GLU C 172 -3.94 -9.29 -47.78
C GLU C 172 -3.52 -9.81 -46.40
N LEU C 173 -2.24 -10.20 -46.30
CA LEU C 173 -1.68 -10.56 -44.98
C LEU C 173 -0.23 -10.18 -44.82
N PHE C 174 0.13 -9.63 -43.68
CA PHE C 174 1.53 -9.29 -43.46
C PHE C 174 2.05 -10.04 -42.24
N LEU C 175 3.18 -10.73 -42.37
CA LEU C 175 3.79 -11.25 -41.17
C LEU C 175 5.00 -10.44 -40.84
N ASP C 176 5.10 -10.06 -39.57
CA ASP C 176 6.24 -9.35 -39.04
C ASP C 176 7.03 -10.27 -38.11
N VAL C 177 8.30 -10.52 -38.42
CA VAL C 177 9.18 -11.19 -37.46
C VAL C 177 9.97 -10.20 -36.60
N LEU C 178 9.53 -10.07 -35.35
CA LEU C 178 10.11 -9.10 -34.45
C LEU C 178 10.93 -9.82 -33.40
N GLU C 179 12.22 -9.53 -33.39
CA GLU C 179 13.14 -10.31 -32.60
C GLU C 179 14.00 -9.47 -31.69
N SER C 180 13.90 -9.72 -30.40
CA SER C 180 14.72 -9.00 -29.45
C SER C 180 15.99 -9.78 -29.17
N VAL C 181 17.13 -9.08 -29.25
CA VAL C 181 18.41 -9.68 -28.80
C VAL C 181 18.77 -9.39 -27.34
N ASN C 182 18.55 -10.41 -26.49
CA ASN C 182 18.93 -10.34 -25.07
C ASN C 182 20.34 -10.95 -24.88
N LEU C 183 21.29 -10.08 -24.51
CA LEU C 183 22.69 -10.46 -24.26
C LEU C 183 23.34 -9.76 -23.04
N LEU C 184 23.92 -10.57 -22.15
CA LEU C 184 24.82 -10.08 -21.09
C LEU C 184 26.21 -10.66 -21.33
N MET C 185 27.22 -9.79 -21.54
CA MET C 185 28.50 -10.32 -22.04
C MET C 185 29.75 -9.84 -21.27
N SER C 186 30.37 -10.77 -20.54
CA SER C 186 31.48 -10.51 -19.57
C SER C 186 32.55 -9.46 -19.91
N PRO C 187 33.13 -8.79 -18.87
CA PRO C 187 34.17 -7.76 -18.91
C PRO C 187 34.87 -7.52 -20.24
N GLN C 188 35.49 -8.58 -20.78
CA GLN C 188 36.23 -8.51 -22.04
C GLN C 188 35.75 -9.57 -23.03
N GLY C 189 34.48 -9.45 -23.42
CA GLY C 189 33.91 -10.26 -24.48
C GLY C 189 33.80 -11.75 -24.23
N GLN C 190 32.69 -12.15 -23.63
CA GLN C 190 32.30 -13.56 -23.56
C GLN C 190 30.84 -13.64 -23.16
N VAL C 191 30.02 -14.12 -24.08
CA VAL C 191 28.57 -14.11 -23.91
C VAL C 191 28.08 -15.01 -22.74
N LEU C 192 27.90 -14.37 -21.59
CA LEU C 192 27.39 -15.00 -20.36
C LEU C 192 25.89 -15.37 -20.45
N SER C 193 25.06 -14.44 -20.94
CA SER C 193 23.66 -14.75 -21.33
C SER C 193 23.48 -14.42 -22.80
N ALA C 194 23.21 -15.46 -23.61
CA ALA C 194 23.23 -15.35 -25.07
C ALA C 194 21.93 -15.81 -25.71
N HIS C 195 20.91 -14.93 -25.75
CA HIS C 195 19.65 -15.40 -26.32
C HIS C 195 18.80 -14.41 -27.09
N VAL C 196 17.95 -14.99 -27.93
CA VAL C 196 17.05 -14.21 -28.73
C VAL C 196 15.59 -14.58 -28.51
N SER C 197 14.79 -13.56 -28.14
CA SER C 197 13.35 -13.75 -27.91
C SER C 197 12.53 -13.12 -29.01
N GLY C 198 11.84 -13.99 -29.73
CA GLY C 198 11.16 -13.62 -30.92
C GLY C 198 9.67 -13.76 -30.86
N ARG C 199 9.03 -12.98 -31.74
CA ARG C 199 7.59 -13.02 -31.92
C ARG C 199 7.22 -12.84 -33.39
N VAL C 200 6.17 -13.55 -33.77
CA VAL C 200 5.59 -13.43 -35.10
C VAL C 200 4.25 -12.70 -35.08
N VAL C 201 4.30 -11.39 -35.38
CA VAL C 201 3.12 -10.51 -35.39
C VAL C 201 2.42 -10.65 -36.74
N MET C 202 1.22 -11.21 -36.75
CA MET C 202 0.51 -11.36 -38.00
C MET C 202 -0.64 -10.37 -38.13
N LYS C 203 -0.57 -9.54 -39.17
CA LYS C 203 -1.64 -8.56 -39.48
C LYS C 203 -2.45 -9.07 -40.68
N SER C 204 -3.65 -9.59 -40.43
CA SER C 204 -4.35 -10.28 -41.52
C SER C 204 -5.74 -9.72 -41.83
N TYR C 205 -5.92 -9.28 -43.08
CA TYR C 205 -7.22 -8.88 -43.62
C TYR C 205 -7.65 -9.99 -44.57
N LEU C 206 -8.60 -10.81 -44.12
CA LEU C 206 -9.04 -11.99 -44.84
C LEU C 206 -10.55 -12.14 -44.94
N SER C 207 -10.99 -13.15 -45.68
CA SER C 207 -12.41 -13.39 -45.93
C SER C 207 -12.91 -14.73 -45.40
N GLY C 208 -13.94 -14.66 -44.55
CA GLY C 208 -14.69 -15.84 -44.10
C GLY C 208 -14.06 -16.61 -42.94
N MET C 209 -13.84 -17.92 -43.16
CA MET C 209 -13.23 -18.83 -42.16
C MET C 209 -11.89 -19.49 -42.62
N PRO C 210 -10.89 -18.65 -42.99
CA PRO C 210 -9.72 -19.14 -43.69
C PRO C 210 -8.77 -19.97 -42.82
N GLU C 211 -8.76 -21.29 -43.03
CA GLU C 211 -7.80 -22.19 -42.36
C GLU C 211 -6.34 -21.90 -42.78
N CYS C 212 -5.54 -21.45 -41.81
CA CYS C 212 -4.10 -21.27 -42.00
C CYS C 212 -3.28 -22.45 -41.48
N LYS C 213 -2.35 -22.94 -42.29
CA LYS C 213 -1.25 -23.75 -41.77
C LYS C 213 -0.04 -22.84 -41.87
N PHE C 214 0.98 -23.14 -41.09
CA PHE C 214 2.19 -22.32 -41.05
C PHE C 214 3.43 -23.12 -40.57
N GLY C 215 4.59 -22.71 -41.15
CA GLY C 215 5.94 -23.28 -40.88
C GLY C 215 7.16 -22.45 -41.31
N MET C 216 8.30 -22.78 -40.69
CA MET C 216 9.51 -21.96 -40.82
C MET C 216 10.72 -22.76 -41.32
N ASN C 217 11.92 -22.39 -40.88
CA ASN C 217 13.16 -23.19 -41.09
C ASN C 217 13.20 -24.38 -40.12
N ASP C 218 13.31 -25.61 -40.65
CA ASP C 218 13.22 -26.88 -39.87
C ASP C 218 13.48 -28.11 -40.69
N LYS C 219 14.70 -28.14 -41.22
CA LYS C 219 15.41 -29.36 -41.59
C LYS C 219 14.93 -30.18 -42.82
N ILE C 220 15.38 -29.83 -44.03
CA ILE C 220 15.17 -30.67 -45.24
C ILE C 220 16.44 -30.63 -46.13
N VAL C 221 16.52 -31.44 -47.22
CA VAL C 221 17.57 -31.24 -48.25
C VAL C 221 17.06 -31.19 -49.72
N ILE C 222 17.68 -30.36 -50.56
CA ILE C 222 17.05 -29.81 -51.81
C ILE C 222 17.35 -30.41 -53.21
N GLU C 223 18.42 -29.96 -53.88
CA GLU C 223 18.99 -30.59 -55.12
C GLU C 223 19.12 -29.73 -56.42
N SER C 236 3.30 -20.52 -59.67
CA SER C 236 2.51 -19.42 -60.25
C SER C 236 3.01 -18.95 -61.65
N MET C 237 2.92 -17.65 -61.92
CA MET C 237 3.53 -17.01 -63.11
C MET C 237 4.35 -15.81 -62.64
N GLU C 238 4.94 -15.96 -61.45
CA GLU C 238 5.82 -14.96 -60.86
C GLU C 238 6.94 -15.57 -59.97
N GLN C 239 7.74 -16.44 -60.60
CA GLN C 239 8.90 -17.13 -60.03
C GLN C 239 10.07 -16.16 -59.91
N LYS C 240 10.90 -16.34 -58.88
CA LYS C 240 12.02 -15.45 -58.64
C LYS C 240 12.98 -15.62 -59.79
N LEU C 241 13.84 -14.64 -60.02
CA LEU C 241 14.75 -14.71 -61.15
C LEU C 241 15.92 -15.66 -60.92
N ILE C 242 16.50 -15.64 -59.72
CA ILE C 242 17.76 -16.38 -59.48
C ILE C 242 17.61 -17.77 -58.79
N SER C 243 17.07 -17.84 -57.58
CA SER C 243 16.93 -19.15 -56.87
C SER C 243 18.25 -19.90 -56.49
N GLU C 244 18.31 -20.33 -55.23
CA GLU C 244 19.53 -20.81 -54.56
C GLU C 244 20.20 -22.03 -55.24
N GLU C 245 19.63 -23.22 -55.00
CA GLU C 245 20.22 -24.55 -55.31
C GLU C 245 21.25 -25.02 -54.28
N ASP C 246 22.16 -24.11 -53.92
CA ASP C 246 23.34 -24.48 -53.15
C ASP C 246 22.97 -24.82 -51.69
N LEU C 247 23.36 -26.02 -51.26
CA LEU C 247 22.78 -26.76 -50.11
C LEU C 247 22.63 -26.00 -48.80
N GLY C 248 21.54 -25.24 -48.73
CA GLY C 248 21.18 -24.37 -47.60
C GLY C 248 21.19 -24.98 -46.21
N LYS C 249 22.40 -25.17 -45.70
CA LYS C 249 22.64 -25.77 -44.40
C LYS C 249 22.30 -24.82 -43.23
N GLN C 250 22.69 -25.19 -42.01
CA GLN C 250 22.42 -24.41 -40.80
C GLN C 250 20.91 -24.12 -40.56
N SER C 251 20.05 -24.59 -41.48
CA SER C 251 18.56 -24.55 -41.39
C SER C 251 18.02 -24.82 -39.98
N ILE C 252 17.60 -23.75 -39.32
CA ILE C 252 17.60 -23.64 -37.87
C ILE C 252 16.31 -24.05 -37.16
N ALA C 253 16.48 -24.87 -36.13
CA ALA C 253 15.38 -25.32 -35.29
C ALA C 253 15.30 -24.62 -33.87
N ILE C 254 14.08 -24.57 -33.33
CA ILE C 254 13.62 -23.57 -32.34
C ILE C 254 13.65 -24.00 -30.87
N ASP C 255 14.37 -23.24 -30.04
CA ASP C 255 14.61 -23.67 -28.67
C ASP C 255 13.25 -23.87 -28.03
N ASP C 256 12.47 -22.79 -27.80
CA ASP C 256 11.03 -23.02 -27.39
C ASP C 256 10.01 -22.01 -27.92
N CYS C 257 8.87 -22.53 -28.41
CA CYS C 257 7.81 -21.67 -28.96
C CYS C 257 6.47 -21.82 -28.21
N THR C 258 5.92 -20.69 -27.76
CA THR C 258 4.58 -20.73 -27.22
C THR C 258 3.69 -19.99 -28.17
N PHE C 259 2.43 -20.39 -28.22
CA PHE C 259 1.49 -19.85 -29.20
C PHE C 259 0.36 -18.98 -28.73
N HIS C 260 -0.58 -18.77 -29.65
CA HIS C 260 -1.74 -17.98 -29.40
C HIS C 260 -2.93 -18.91 -29.27
N GLN C 261 -4.04 -18.33 -28.84
CA GLN C 261 -5.22 -19.06 -28.47
C GLN C 261 -5.77 -19.86 -29.62
N CYS C 262 -5.37 -19.51 -30.85
CA CYS C 262 -6.02 -20.08 -32.01
C CYS C 262 -5.41 -21.34 -32.58
N VAL C 263 -4.13 -21.60 -32.30
CA VAL C 263 -3.46 -22.77 -32.89
C VAL C 263 -3.84 -24.07 -32.18
N ARG C 264 -4.26 -25.07 -32.95
CA ARG C 264 -4.71 -26.34 -32.40
C ARG C 264 -3.55 -27.10 -31.72
N LEU C 265 -3.18 -26.68 -30.51
CA LEU C 265 -2.04 -27.24 -29.76
C LEU C 265 -2.00 -28.80 -29.63
N SER C 266 -3.16 -29.44 -29.69
CA SER C 266 -3.24 -30.90 -29.79
C SER C 266 -2.59 -31.34 -31.10
N LYS C 267 -3.13 -30.81 -32.19
CA LYS C 267 -2.67 -31.06 -33.55
C LYS C 267 -1.21 -30.69 -33.70
N PHE C 268 -0.78 -29.54 -33.19
CA PHE C 268 0.67 -29.20 -33.18
C PHE C 268 1.49 -30.19 -32.37
N ASP C 269 1.11 -30.42 -31.12
CA ASP C 269 1.88 -31.36 -30.31
C ASP C 269 2.08 -32.62 -31.13
N SER C 270 1.03 -33.03 -31.87
CA SER C 270 1.13 -34.21 -32.72
C SER C 270 2.00 -34.04 -34.02
N GLU C 271 1.48 -33.29 -34.98
CA GLU C 271 2.07 -33.09 -36.31
C GLU C 271 3.17 -32.03 -36.45
N ARG C 272 3.49 -31.29 -35.39
CA ARG C 272 4.44 -30.15 -35.47
C ARG C 272 4.08 -29.11 -36.56
N SER C 273 2.79 -29.03 -36.91
CA SER C 273 2.26 -27.98 -37.81
C SER C 273 1.73 -26.78 -37.01
N ILE C 274 1.77 -25.59 -37.59
CA ILE C 274 1.12 -24.53 -36.83
C ILE C 274 -0.16 -24.16 -37.57
N SER C 275 -1.28 -24.77 -37.18
CA SER C 275 -2.51 -24.70 -37.99
C SER C 275 -3.71 -24.25 -37.20
N PHE C 276 -4.41 -23.25 -37.74
CA PHE C 276 -5.41 -22.49 -37.00
C PHE C 276 -6.36 -21.75 -37.93
N ILE C 277 -7.35 -21.09 -37.33
CA ILE C 277 -8.17 -20.06 -38.00
C ILE C 277 -7.87 -18.75 -37.23
N PRO C 278 -7.40 -17.69 -37.92
CA PRO C 278 -6.86 -16.50 -37.25
C PRO C 278 -7.87 -15.40 -36.93
N PRO C 279 -7.54 -14.54 -35.94
CA PRO C 279 -8.21 -13.26 -35.68
C PRO C 279 -8.01 -12.34 -36.86
N ASP C 280 -8.91 -11.37 -37.02
CA ASP C 280 -8.75 -10.35 -38.05
C ASP C 280 -7.92 -9.22 -37.47
N GLY C 281 -7.10 -8.58 -38.29
CA GLY C 281 -6.22 -7.53 -37.77
C GLY C 281 -4.87 -8.02 -37.27
N GLU C 282 -4.28 -7.27 -36.34
CA GLU C 282 -2.84 -7.33 -36.04
C GLU C 282 -2.45 -8.18 -34.82
N PHE C 283 -2.74 -9.48 -34.85
CA PHE C 283 -2.58 -10.29 -33.64
C PHE C 283 -1.23 -11.03 -33.59
N GLU C 284 -0.70 -11.28 -32.39
CA GLU C 284 0.60 -12.02 -32.20
C GLU C 284 0.50 -13.56 -32.11
N LEU C 285 1.09 -14.26 -33.10
CA LEU C 285 0.87 -15.70 -33.33
C LEU C 285 1.76 -16.68 -32.55
N MET C 286 3.06 -16.36 -32.45
CA MET C 286 3.91 -17.03 -31.47
C MET C 286 5.09 -16.24 -30.93
N ARG C 287 5.40 -16.61 -29.71
CA ARG C 287 6.57 -16.16 -29.03
C ARG C 287 7.44 -17.38 -29.19
N TYR C 288 8.74 -17.16 -29.21
CA TYR C 288 9.69 -18.26 -29.34
C TYR C 288 11.07 -17.78 -28.96
N ARG C 289 11.94 -18.70 -28.54
CA ARG C 289 13.30 -18.33 -28.18
C ARG C 289 14.30 -19.26 -28.80
N THR C 290 15.44 -18.64 -29.13
CA THR C 290 16.59 -19.33 -29.69
C THR C 290 17.95 -18.88 -29.12
N THR C 291 18.83 -19.89 -29.05
CA THR C 291 20.24 -19.77 -28.71
C THR C 291 21.16 -20.53 -29.70
N LYS C 292 20.64 -21.52 -30.42
CA LYS C 292 21.55 -22.37 -31.22
C LYS C 292 21.79 -21.92 -32.68
N ASP C 293 23.07 -21.92 -33.06
CA ASP C 293 23.57 -21.38 -34.33
C ASP C 293 23.11 -19.95 -34.47
N ILE C 294 23.28 -19.21 -33.37
CA ILE C 294 22.85 -17.82 -33.21
C ILE C 294 23.70 -16.86 -33.97
N ILE C 295 23.12 -15.78 -34.47
CA ILE C 295 23.91 -14.78 -35.20
C ILE C 295 24.32 -13.63 -34.28
N LEU C 296 25.59 -13.26 -34.38
CA LEU C 296 26.19 -12.23 -33.53
C LEU C 296 25.68 -10.82 -33.86
N PRO C 297 25.64 -9.94 -32.83
CA PRO C 297 24.76 -8.78 -32.79
C PRO C 297 25.31 -7.34 -33.00
N PHE C 298 26.27 -6.92 -32.16
CA PHE C 298 26.71 -5.53 -31.99
C PHE C 298 27.78 -5.48 -30.85
N ARG C 299 29.04 -5.81 -31.12
CA ARG C 299 30.07 -5.91 -30.04
C ARG C 299 30.43 -4.58 -29.33
N VAL C 300 30.40 -4.59 -27.98
CA VAL C 300 30.70 -3.40 -27.11
C VAL C 300 32.04 -3.55 -26.33
N ILE C 301 32.98 -2.60 -26.53
CA ILE C 301 34.31 -2.65 -25.84
C ILE C 301 34.59 -1.43 -24.90
N PRO C 302 34.49 -1.67 -23.57
CA PRO C 302 34.46 -0.63 -22.55
C PRO C 302 35.66 -0.63 -21.60
N LEU C 303 36.38 0.48 -21.54
CA LEU C 303 37.55 0.57 -20.63
C LEU C 303 37.74 1.93 -19.97
N VAL C 304 38.00 1.91 -18.66
CA VAL C 304 38.22 3.12 -17.87
C VAL C 304 39.68 3.17 -17.39
N ARG C 305 40.34 4.33 -17.51
CA ARG C 305 41.74 4.53 -17.06
C ARG C 305 41.89 5.83 -16.23
N GLU C 306 43.11 6.13 -15.78
CA GLU C 306 43.33 7.31 -14.94
C GLU C 306 44.52 8.19 -15.35
N VAL C 307 44.38 9.50 -15.12
CA VAL C 307 45.48 10.48 -15.30
C VAL C 307 45.56 11.42 -14.08
N GLY C 308 46.76 11.47 -13.48
CA GLY C 308 46.99 12.24 -12.25
C GLY C 308 46.16 11.75 -11.07
N ARG C 309 46.04 12.59 -10.06
CA ARG C 309 45.17 12.31 -8.90
C ARG C 309 43.77 12.92 -9.13
N THR C 310 43.58 13.52 -10.29
CA THR C 310 42.35 14.26 -10.59
C THR C 310 41.73 13.98 -11.98
N LYS C 311 42.08 12.85 -12.61
CA LYS C 311 41.38 12.47 -13.85
C LYS C 311 41.03 10.98 -13.96
N LEU C 312 39.74 10.71 -14.13
CA LEU C 312 39.22 9.39 -14.51
C LEU C 312 38.66 9.46 -15.94
N GLU C 313 39.23 8.66 -16.84
CA GLU C 313 38.90 8.73 -18.28
C GLU C 313 38.16 7.46 -18.78
N VAL C 314 37.03 7.64 -19.47
CA VAL C 314 36.16 6.53 -19.91
C VAL C 314 36.12 6.33 -21.45
N LYS C 315 36.26 5.07 -21.89
CA LYS C 315 36.34 4.70 -23.32
C LYS C 315 35.30 3.65 -23.74
N VAL C 316 34.50 3.96 -24.77
CA VAL C 316 33.66 2.92 -25.37
C VAL C 316 33.91 2.81 -26.88
N VAL C 317 34.30 1.62 -27.32
CA VAL C 317 34.42 1.29 -28.76
C VAL C 317 33.22 0.42 -29.19
N ILE C 318 32.60 0.76 -30.33
CA ILE C 318 31.45 -0.02 -30.84
C ILE C 318 31.73 -0.68 -32.21
N LYS C 319 31.51 -2.01 -32.27
CA LYS C 319 31.61 -2.82 -33.52
C LYS C 319 30.29 -3.53 -33.86
N SER C 320 30.11 -3.91 -35.13
CA SER C 320 28.86 -4.52 -35.57
C SER C 320 29.06 -5.73 -36.48
N ASN C 321 28.18 -6.72 -36.36
CA ASN C 321 28.38 -8.01 -37.03
C ASN C 321 27.21 -8.38 -37.96
N PHE C 322 27.30 -7.94 -39.23
CA PHE C 322 26.21 -8.02 -40.21
C PHE C 322 26.50 -8.97 -41.38
N LYS C 323 25.84 -8.67 -42.50
CA LYS C 323 26.34 -9.01 -43.84
C LYS C 323 26.94 -7.68 -44.37
N PRO C 324 27.72 -7.71 -45.48
CA PRO C 324 28.30 -6.47 -46.02
C PRO C 324 27.31 -5.28 -46.14
N SER C 325 26.13 -5.58 -46.68
CA SER C 325 25.26 -4.61 -47.36
C SER C 325 24.27 -3.77 -46.52
N LEU C 326 24.32 -3.84 -45.20
CA LEU C 326 23.09 -3.55 -44.42
C LEU C 326 23.03 -2.38 -43.41
N LEU C 327 21.81 -2.12 -42.92
CA LEU C 327 21.40 -0.84 -42.28
C LEU C 327 21.03 -0.88 -40.78
N ALA C 328 21.96 -0.48 -39.93
CA ALA C 328 21.73 -0.43 -38.48
C ALA C 328 21.07 0.87 -38.09
N GLN C 329 19.90 0.76 -37.46
CA GLN C 329 19.00 1.88 -37.21
C GLN C 329 18.74 2.17 -35.73
N LYS C 330 18.43 3.44 -35.45
CA LYS C 330 17.98 3.92 -34.12
C LYS C 330 18.96 3.50 -33.03
N ILE C 331 20.21 3.96 -33.16
CA ILE C 331 21.24 3.52 -32.23
C ILE C 331 21.24 4.39 -30.96
N GLU C 332 21.09 3.74 -29.80
CA GLU C 332 21.16 4.40 -28.48
C GLU C 332 22.11 3.65 -27.53
N VAL C 333 23.10 4.36 -27.00
CA VAL C 333 24.04 3.72 -26.08
C VAL C 333 24.04 4.40 -24.72
N ARG C 334 23.78 3.61 -23.68
CA ARG C 334 23.83 4.08 -22.30
C ARG C 334 25.15 3.69 -21.64
N ILE C 335 25.85 4.74 -21.19
CA ILE C 335 27.11 4.65 -20.44
C ILE C 335 26.94 5.45 -19.13
N PRO C 336 27.28 4.84 -17.98
CA PRO C 336 27.09 5.55 -16.72
C PRO C 336 28.22 6.50 -16.34
N THR C 337 27.86 7.63 -15.75
CA THR C 337 28.80 8.40 -14.95
C THR C 337 28.96 7.70 -13.60
N PRO C 338 30.13 7.85 -12.96
CA PRO C 338 30.27 7.58 -11.53
C PRO C 338 29.12 8.16 -10.70
N LEU C 339 28.86 7.56 -9.54
CA LEU C 339 27.71 7.92 -8.68
C LEU C 339 27.49 9.44 -8.65
N ASN C 340 28.60 10.19 -8.61
CA ASN C 340 28.63 11.64 -8.80
C ASN C 340 29.61 12.01 -9.93
N THR C 341 29.47 13.20 -10.53
CA THR C 341 30.36 13.62 -11.62
C THR C 341 30.88 15.05 -11.46
N SER C 342 32.20 15.20 -11.56
CA SER C 342 32.83 16.52 -11.42
C SER C 342 32.71 17.34 -12.70
N GLY C 343 33.53 17.04 -13.69
CA GLY C 343 33.53 17.77 -14.96
C GLY C 343 33.58 16.87 -16.18
N VAL C 344 32.39 16.54 -16.71
CA VAL C 344 32.22 15.61 -17.85
C VAL C 344 32.75 16.17 -19.17
N GLN C 345 33.44 15.31 -19.93
CA GLN C 345 33.99 15.72 -21.24
C GLN C 345 33.83 14.60 -22.30
N VAL C 346 32.83 14.76 -23.17
CA VAL C 346 32.37 13.69 -24.09
C VAL C 346 32.72 13.94 -25.57
N ILE C 347 33.19 12.89 -26.27
CA ILE C 347 33.46 12.96 -27.72
C ILE C 347 32.83 11.81 -28.56
N CYS C 348 32.50 12.18 -29.81
CA CYS C 348 31.87 11.31 -30.80
C CYS C 348 32.62 11.34 -32.15
N MET C 349 32.51 10.24 -32.92
CA MET C 349 33.05 10.18 -34.29
C MET C 349 32.00 9.76 -35.33
N LYS C 350 30.74 9.71 -34.89
CA LYS C 350 29.58 9.41 -35.76
C LYS C 350 28.29 9.54 -34.93
N GLY C 351 27.29 10.24 -35.48
CA GLY C 351 25.99 10.38 -34.82
C GLY C 351 25.79 11.71 -34.11
N LYS C 352 25.33 11.66 -32.85
CA LYS C 352 25.37 12.80 -31.91
C LYS C 352 25.22 12.41 -30.42
N ALA C 353 25.88 13.19 -29.55
CA ALA C 353 26.08 12.85 -28.12
C ALA C 353 25.17 13.60 -27.13
N LYS C 354 24.63 12.86 -26.14
CA LYS C 354 23.68 13.40 -25.14
C LYS C 354 24.12 13.06 -23.72
N TYR C 355 23.93 13.99 -22.78
CA TYR C 355 24.24 13.75 -21.36
C TYR C 355 23.14 14.28 -20.45
N LYS C 356 22.82 13.55 -19.37
CA LYS C 356 21.85 14.06 -18.38
C LYS C 356 22.28 13.93 -16.90
N ALA C 357 22.24 15.06 -16.20
CA ALA C 357 22.77 15.20 -14.83
C ALA C 357 21.66 15.27 -13.75
N SER C 358 22.06 14.97 -12.50
CA SER C 358 21.14 14.73 -11.36
C SER C 358 20.36 13.41 -11.54
N GLU C 359 20.08 13.07 -12.80
CA GLU C 359 19.63 11.74 -13.22
C GLU C 359 20.88 10.89 -13.49
N ASN C 360 22.01 11.59 -13.68
CA ASN C 360 23.38 11.02 -13.75
C ASN C 360 23.63 9.88 -14.74
N ALA C 361 23.73 10.23 -16.02
CA ALA C 361 24.10 9.25 -17.07
C ALA C 361 24.45 9.90 -18.44
N ILE C 362 25.13 9.12 -19.29
CA ILE C 362 25.50 9.57 -20.64
C ILE C 362 24.91 8.66 -21.75
N VAL C 363 24.20 9.29 -22.71
CA VAL C 363 23.47 8.59 -23.80
C VAL C 363 23.92 9.04 -25.21
N TRP C 364 24.40 8.09 -26.00
CA TRP C 364 24.86 8.35 -27.39
C TRP C 364 23.76 7.97 -28.37
N LYS C 365 23.43 8.87 -29.30
CA LYS C 365 22.41 8.58 -30.32
C LYS C 365 22.93 8.64 -31.78
N ILE C 366 22.85 7.50 -32.46
CA ILE C 366 23.34 7.34 -33.83
C ILE C 366 22.20 7.06 -34.81
N LYS C 367 22.20 7.82 -35.92
CA LYS C 367 21.20 7.70 -37.00
C LYS C 367 21.36 6.42 -37.83
N ARG C 368 22.46 6.31 -38.58
CA ARG C 368 22.67 5.18 -39.48
C ARG C 368 24.05 4.52 -39.30
N MET C 369 24.07 3.18 -39.19
CA MET C 369 25.35 2.44 -39.13
C MET C 369 25.43 1.26 -40.12
N ALA C 370 26.42 1.29 -41.01
CA ALA C 370 26.53 0.33 -42.11
C ALA C 370 26.98 -1.07 -41.68
N GLY C 371 26.75 -2.04 -42.56
CA GLY C 371 27.07 -3.43 -42.28
C GLY C 371 28.54 -3.76 -42.17
N MET C 372 29.02 -3.84 -40.92
CA MET C 372 30.39 -4.21 -40.53
C MET C 372 31.31 -2.99 -40.36
N LYS C 373 30.86 -2.01 -39.58
CA LYS C 373 31.61 -0.77 -39.31
C LYS C 373 32.46 -0.84 -38.02
N GLU C 374 32.96 0.32 -37.58
CA GLU C 374 33.76 0.48 -36.34
C GLU C 374 33.78 1.94 -35.86
N SER C 375 33.12 2.23 -34.73
CA SER C 375 33.02 3.62 -34.29
C SER C 375 33.46 3.89 -32.84
N GLN C 376 34.11 5.05 -32.63
CA GLN C 376 34.71 5.46 -31.35
C GLN C 376 33.84 6.43 -30.55
N ILE C 377 33.70 6.20 -29.23
CA ILE C 377 33.12 7.21 -28.31
C ILE C 377 33.87 7.41 -26.98
N SER C 378 34.24 8.68 -26.74
CA SER C 378 35.14 9.04 -25.63
C SER C 378 34.47 9.86 -24.51
N ALA C 379 35.04 9.74 -23.30
CA ALA C 379 34.57 10.50 -22.12
C ALA C 379 35.68 10.77 -21.09
N GLU C 380 35.54 11.88 -20.36
CA GLU C 380 36.44 12.24 -19.26
C GLU C 380 35.65 12.73 -18.04
N ILE C 381 36.16 12.43 -16.85
CA ILE C 381 35.54 12.81 -15.57
C ILE C 381 36.61 13.21 -14.52
N GLU C 382 36.50 14.45 -14.02
CA GLU C 382 37.45 14.99 -13.03
C GLU C 382 37.24 14.36 -11.64
N LEU C 383 38.24 14.51 -10.78
CA LEU C 383 38.24 13.88 -9.45
C LEU C 383 38.72 14.81 -8.34
N LEU C 384 37.86 15.02 -7.35
CA LEU C 384 38.21 15.72 -6.10
C LEU C 384 37.68 14.90 -4.91
N PRO C 385 38.20 15.14 -3.67
CA PRO C 385 37.87 14.29 -2.51
C PRO C 385 36.37 14.13 -2.19
N THR C 386 35.85 12.90 -2.24
CA THR C 386 34.42 12.61 -1.95
C THR C 386 34.15 11.79 -0.66
N ASN C 387 35.10 10.96 -0.22
CA ASN C 387 34.96 10.13 0.99
C ASN C 387 36.09 10.36 2.03
N ASP C 388 36.95 9.35 2.21
CA ASP C 388 38.18 9.47 3.01
C ASP C 388 39.28 8.58 2.37
N LYS C 389 38.84 7.52 1.69
CA LYS C 389 39.65 6.70 0.77
C LYS C 389 38.81 5.68 -0.03
N LYS C 390 37.48 5.88 -0.08
CA LYS C 390 36.54 4.92 -0.72
C LYS C 390 36.32 5.11 -2.22
N LYS C 391 36.09 3.99 -2.92
CA LYS C 391 36.03 3.94 -4.39
C LYS C 391 34.60 3.84 -4.97
N TRP C 392 34.52 3.54 -6.28
CA TRP C 392 33.24 3.30 -6.99
C TRP C 392 33.26 1.92 -7.66
N ALA C 393 32.07 1.44 -8.01
CA ALA C 393 31.90 0.18 -8.75
C ALA C 393 31.05 0.42 -10.00
N ARG C 394 31.60 0.02 -11.14
CA ARG C 394 31.05 0.42 -12.44
C ARG C 394 29.87 -0.46 -12.89
N PRO C 395 28.72 0.18 -13.16
CA PRO C 395 27.56 -0.52 -13.73
C PRO C 395 27.75 -0.85 -15.22
N PRO C 396 27.35 -2.06 -15.64
CA PRO C 396 27.27 -2.46 -17.04
C PRO C 396 26.86 -1.36 -18.04
N ILE C 397 27.52 -1.33 -19.20
CA ILE C 397 27.15 -0.43 -20.30
C ILE C 397 26.11 -1.11 -21.18
N SER C 398 25.07 -0.36 -21.54
CA SER C 398 23.85 -0.96 -22.09
C SER C 398 23.45 -0.41 -23.46
N MET C 399 23.00 -1.31 -24.35
CA MET C 399 22.66 -0.90 -25.75
C MET C 399 21.19 -1.01 -26.20
N ASN C 400 20.78 -0.07 -27.07
CA ASN C 400 19.46 -0.05 -27.77
C ASN C 400 19.60 0.11 -29.30
N PHE C 401 18.89 -0.72 -30.07
CA PHE C 401 19.06 -0.77 -31.54
C PHE C 401 17.86 -1.35 -32.34
N GLU C 402 17.91 -1.15 -33.66
CA GLU C 402 17.05 -1.85 -34.64
C GLU C 402 17.89 -2.32 -35.84
N VAL C 403 17.78 -3.61 -36.21
CA VAL C 403 18.44 -4.04 -37.44
C VAL C 403 17.55 -4.96 -38.26
N PRO C 404 17.56 -4.82 -39.59
CA PRO C 404 16.81 -5.67 -40.54
C PRO C 404 17.26 -7.12 -40.85
N PHE C 405 18.29 -7.65 -40.18
CA PHE C 405 18.56 -9.09 -40.28
C PHE C 405 17.51 -9.81 -39.44
N ALA C 406 17.48 -11.14 -39.48
CA ALA C 406 16.63 -11.94 -38.57
C ALA C 406 17.51 -12.71 -37.60
N PRO C 407 18.08 -12.01 -36.59
CA PRO C 407 19.23 -12.38 -35.73
C PRO C 407 19.38 -13.85 -35.36
N SER C 408 18.29 -14.60 -35.36
CA SER C 408 18.28 -16.05 -35.16
C SER C 408 18.66 -16.80 -36.42
N GLY C 409 18.28 -16.22 -37.55
CA GLY C 409 18.32 -16.90 -38.83
C GLY C 409 17.04 -17.70 -39.04
N LEU C 410 15.91 -17.13 -38.64
CA LEU C 410 14.62 -17.69 -38.99
C LEU C 410 14.18 -17.04 -40.28
N LYS C 411 13.39 -17.73 -41.08
CA LYS C 411 12.70 -17.16 -42.25
C LYS C 411 11.42 -17.97 -42.49
N VAL C 412 10.29 -17.34 -42.86
CA VAL C 412 9.03 -18.10 -42.98
C VAL C 412 9.05 -18.93 -44.19
N ARG C 413 8.87 -20.23 -44.02
CA ARG C 413 8.82 -21.14 -45.17
C ARG C 413 7.41 -21.08 -45.77
N TYR C 414 6.36 -21.35 -44.99
CA TYR C 414 5.04 -21.43 -45.65
C TYR C 414 3.85 -21.06 -44.80
N LEU C 415 2.81 -20.60 -45.50
CA LEU C 415 1.54 -20.15 -44.95
C LEU C 415 0.31 -20.55 -45.77
N LYS C 416 -0.17 -21.78 -45.56
CA LYS C 416 -1.32 -22.31 -46.32
C LYS C 416 -2.62 -21.61 -45.87
N VAL C 417 -3.49 -21.26 -46.83
CA VAL C 417 -4.65 -20.37 -46.55
C VAL C 417 -6.02 -20.85 -47.06
N PHE C 418 -6.41 -22.08 -46.75
CA PHE C 418 -7.65 -22.67 -47.34
C PHE C 418 -9.01 -22.26 -46.74
N GLU C 419 -9.88 -21.68 -47.57
CA GLU C 419 -11.26 -21.30 -47.18
C GLU C 419 -12.35 -22.13 -47.91
N PRO C 420 -13.03 -23.03 -47.16
CA PRO C 420 -13.99 -23.96 -47.75
C PRO C 420 -15.29 -23.30 -48.18
N LYS C 421 -15.73 -22.30 -47.42
CA LYS C 421 -16.98 -21.60 -47.68
C LYS C 421 -16.95 -20.85 -49.02
N LEU C 422 -16.24 -19.71 -49.05
CA LEU C 422 -16.03 -18.96 -50.28
C LEU C 422 -15.22 -19.81 -51.26
N ASN C 423 -15.28 -19.47 -52.54
CA ASN C 423 -14.55 -20.22 -53.57
C ASN C 423 -13.01 -20.18 -53.40
N TYR C 424 -12.47 -18.97 -53.23
CA TYR C 424 -11.02 -18.69 -53.28
C TYR C 424 -10.17 -19.56 -52.35
N SER C 425 -8.93 -19.82 -52.80
CA SER C 425 -7.87 -20.42 -51.98
C SER C 425 -6.46 -19.86 -52.28
N ASP C 426 -5.46 -20.48 -51.64
CA ASP C 426 -4.09 -19.96 -51.49
C ASP C 426 -3.60 -18.94 -52.52
N HIS C 427 -3.80 -19.25 -53.80
CA HIS C 427 -3.18 -18.50 -54.92
C HIS C 427 -3.63 -17.02 -55.03
N ASP C 428 -4.67 -16.63 -54.29
CA ASP C 428 -5.31 -15.31 -54.48
C ASP C 428 -4.81 -14.23 -53.52
N VAL C 429 -3.80 -14.57 -52.73
CA VAL C 429 -3.48 -13.77 -51.55
C VAL C 429 -2.19 -12.99 -51.62
N ILE C 430 -2.28 -11.67 -51.52
CA ILE C 430 -1.10 -10.83 -51.31
C ILE C 430 -0.51 -11.07 -49.91
N LYS C 431 0.74 -11.53 -49.87
CA LYS C 431 1.39 -11.93 -48.63
C LYS C 431 2.75 -11.27 -48.49
N TRP C 432 2.87 -10.38 -47.52
CA TRP C 432 4.14 -9.67 -47.30
C TRP C 432 4.88 -10.14 -46.03
N VAL C 433 6.22 -10.05 -46.02
CA VAL C 433 6.98 -10.48 -44.84
C VAL C 433 8.05 -9.50 -44.43
N ARG C 434 8.14 -9.18 -43.14
CA ARG C 434 9.23 -8.33 -42.69
C ARG C 434 10.11 -8.96 -41.62
N TYR C 435 11.37 -8.53 -41.57
CA TYR C 435 12.35 -9.10 -40.65
C TYR C 435 13.02 -8.03 -39.81
N ILE C 436 12.50 -7.87 -38.60
CA ILE C 436 13.00 -6.81 -37.69
C ILE C 436 13.67 -7.29 -36.40
N GLY C 437 14.80 -6.66 -36.10
CA GLY C 437 15.73 -7.19 -35.07
C GLY C 437 16.04 -6.14 -33.99
N ARG C 438 15.10 -6.01 -33.03
CA ARG C 438 15.12 -5.04 -31.91
C ARG C 438 16.10 -5.41 -30.75
N SER C 439 16.27 -4.47 -29.80
CA SER C 439 17.22 -4.65 -28.66
C SER C 439 16.73 -5.67 -27.60
N GLY C 440 16.27 -5.18 -26.44
CA GLY C 440 15.82 -6.06 -25.35
C GLY C 440 16.63 -5.99 -24.06
N ILE C 441 17.81 -6.63 -24.04
CA ILE C 441 18.68 -6.74 -22.83
C ILE C 441 20.22 -6.93 -23.18
N TYR C 442 21.04 -5.91 -22.92
CA TYR C 442 22.28 -5.77 -23.68
C TYR C 442 23.47 -5.09 -22.95
N GLU C 443 24.33 -5.93 -22.35
CA GLU C 443 25.32 -5.53 -21.28
C GLU C 443 26.86 -5.76 -21.39
N THR C 444 27.59 -4.74 -20.91
CA THR C 444 28.85 -4.88 -20.02
C THR C 444 29.78 -3.63 -19.88
N ARG C 445 30.66 -3.65 -18.87
CA ARG C 445 31.78 -2.72 -18.71
C ARG C 445 32.46 -3.34 -17.54
N CYS C 446 31.70 -4.27 -16.93
CA CYS C 446 32.05 -5.20 -15.80
C CYS C 446 31.86 -4.71 -14.34
N ASP D 1 10.99 -2.08 -45.46
CA ASP D 1 9.74 -2.57 -46.14
C ASP D 1 9.65 -4.11 -46.09
N TYR D 2 8.79 -4.69 -46.93
CA TYR D 2 8.48 -6.13 -46.90
C TYR D 2 8.98 -6.85 -48.16
N GLN D 3 8.81 -8.16 -48.18
CA GLN D 3 9.18 -8.98 -49.32
C GLN D 3 8.14 -10.09 -49.47
N ARG D 4 7.65 -10.27 -50.68
CA ARG D 4 6.56 -11.22 -51.02
C ARG D 4 6.73 -12.59 -50.36
N LEU D 5 5.67 -13.12 -49.78
CA LEU D 5 5.69 -14.51 -49.36
C LEU D 5 5.08 -15.37 -50.47
N ASN D 6 5.84 -16.38 -50.88
CA ASN D 6 5.47 -17.35 -51.95
C ASN D 6 6.52 -17.48 -53.07
N MET E 1 -3.10 26.65 19.29
CA MET E 1 -2.78 27.65 18.24
C MET E 1 -3.10 27.19 16.82
N ILE E 2 -3.04 28.15 15.90
CA ILE E 2 -3.09 27.92 14.48
C ILE E 2 -1.74 27.47 13.99
N ARG E 3 -1.73 26.33 13.31
CA ARG E 3 -0.57 25.92 12.57
C ARG E 3 -0.67 26.63 11.25
N PHE E 4 -1.81 26.49 10.58
CA PHE E 4 -1.91 27.18 9.29
C PHE E 4 -3.30 27.39 8.65
N ILE E 5 -3.26 28.17 7.57
CA ILE E 5 -4.45 28.54 6.85
C ILE E 5 -4.27 28.30 5.39
N LEU E 6 -5.25 27.63 4.82
CA LEU E 6 -5.26 27.38 3.38
C LEU E 6 -6.54 27.89 2.77
N ILE E 7 -6.45 28.29 1.52
CA ILE E 7 -7.64 28.46 0.73
C ILE E 7 -7.30 27.74 -0.51
N GLN E 8 -8.00 26.66 -0.74
CA GLN E 8 -7.76 25.92 -1.96
C GLN E 8 -8.97 26.03 -2.81
N ASN E 9 -8.80 25.75 -4.08
CA ASN E 9 -9.98 25.62 -4.93
C ASN E 9 -10.25 24.19 -5.26
N ARG E 10 -11.33 23.99 -5.99
CA ARG E 10 -11.76 22.68 -6.43
C ARG E 10 -10.57 21.96 -7.06
N ALA E 11 -9.95 22.66 -8.01
CA ALA E 11 -8.86 22.15 -8.84
C ALA E 11 -7.62 21.71 -8.06
N GLY E 12 -7.37 22.39 -6.94
CA GLY E 12 -6.19 22.11 -6.15
C GLY E 12 -5.29 23.31 -6.08
N LYS E 13 -5.57 24.33 -6.90
CA LYS E 13 -4.77 25.56 -6.88
C LYS E 13 -4.82 26.15 -5.47
N THR E 14 -3.65 26.46 -4.92
CA THR E 14 -3.58 27.04 -3.59
C THR E 14 -3.70 28.54 -3.70
N ARG E 15 -4.96 28.97 -3.73
CA ARG E 15 -5.31 30.36 -3.95
C ARG E 15 -4.95 31.19 -2.69
N LEU E 16 -4.77 30.51 -1.57
CA LEU E 16 -3.97 31.06 -0.48
C LEU E 16 -3.31 29.94 0.32
N ALA E 17 -2.11 30.24 0.81
CA ALA E 17 -1.46 29.44 1.86
C ALA E 17 -0.91 30.40 2.92
N LYS E 18 -0.79 29.95 4.17
CA LYS E 18 -0.31 30.85 5.22
C LYS E 18 0.10 30.15 6.51
N TRP E 19 1.39 30.36 6.90
CA TRP E 19 2.14 29.54 7.89
C TRP E 19 2.54 30.20 9.22
N TYR E 20 2.78 29.38 10.25
CA TYR E 20 2.89 29.90 11.61
C TYR E 20 4.01 29.43 12.55
N MET E 21 4.87 28.54 12.07
CA MET E 21 6.21 28.27 12.70
C MET E 21 7.28 27.86 11.70
N GLN E 22 8.23 27.05 12.17
CA GLN E 22 9.16 26.35 11.30
C GLN E 22 8.41 25.31 10.46
N PHE E 23 8.73 25.29 9.17
CA PHE E 23 8.20 24.30 8.24
C PHE E 23 9.19 24.14 7.07
N ASP E 24 8.98 23.13 6.22
CA ASP E 24 9.90 22.84 5.11
C ASP E 24 9.35 23.27 3.75
N ASP E 25 9.54 22.42 2.72
CA ASP E 25 9.15 22.77 1.34
C ASP E 25 8.38 21.63 0.66
N ASP E 26 9.10 20.53 0.45
CA ASP E 26 8.57 19.26 -0.06
C ASP E 26 7.46 18.82 0.92
N GLU E 27 7.74 19.08 2.20
CA GLU E 27 6.81 19.01 3.33
C GLU E 27 5.48 19.78 3.09
N LYS E 28 5.61 21.10 2.88
CA LYS E 28 4.44 21.96 2.68
C LYS E 28 3.63 21.48 1.49
N GLN E 29 4.34 21.15 0.41
CA GLN E 29 3.65 20.56 -0.74
C GLN E 29 2.86 19.30 -0.36
N LYS E 30 3.50 18.36 0.35
CA LYS E 30 2.74 17.21 0.87
C LYS E 30 1.49 17.64 1.73
N LEU E 31 1.73 18.38 2.82
CA LEU E 31 0.66 18.95 3.64
C LEU E 31 -0.51 19.31 2.73
N ILE E 32 -0.24 20.20 1.78
CA ILE E 32 -1.26 20.68 0.86
C ILE E 32 -1.98 19.58 0.05
N GLU E 33 -1.22 18.84 -0.76
CA GLU E 33 -1.82 17.82 -1.64
C GLU E 33 -2.68 16.79 -0.88
N GLU E 34 -2.23 16.43 0.32
CA GLU E 34 -3.02 15.49 1.12
C GLU E 34 -4.19 16.16 1.90
N VAL E 35 -4.00 17.37 2.43
CA VAL E 35 -5.14 18.21 2.92
C VAL E 35 -6.25 18.10 1.87
N HIS E 36 -5.90 18.45 0.65
CA HIS E 36 -6.81 18.26 -0.50
C HIS E 36 -7.37 16.84 -0.60
N ALA E 37 -6.50 15.83 -0.66
CA ALA E 37 -7.01 14.46 -0.70
C ALA E 37 -8.13 14.22 0.33
N VAL E 38 -8.01 14.83 1.52
CA VAL E 38 -9.04 14.71 2.57
C VAL E 38 -10.29 15.46 2.19
N VAL E 39 -10.10 16.77 2.05
CA VAL E 39 -11.21 17.70 2.04
C VAL E 39 -12.12 17.56 0.83
N THR E 40 -11.57 17.65 -0.38
CA THR E 40 -12.36 17.47 -1.62
C THR E 40 -13.30 16.24 -1.69
N VAL E 41 -12.92 15.13 -1.05
CA VAL E 41 -13.72 13.89 -1.03
C VAL E 41 -14.98 13.94 -0.10
N ARG E 42 -15.04 14.87 0.86
CA ARG E 42 -16.14 14.94 1.89
C ARG E 42 -17.52 15.41 1.41
N ASP E 43 -18.47 15.56 2.33
CA ASP E 43 -19.69 16.27 1.98
C ASP E 43 -20.48 16.94 3.11
N ALA E 44 -21.80 16.93 2.99
CA ALA E 44 -22.74 17.67 3.85
C ALA E 44 -22.72 17.09 5.23
N LYS E 45 -22.95 15.79 5.22
CA LYS E 45 -23.16 15.03 6.40
C LYS E 45 -21.82 14.39 6.81
N HIS E 46 -20.81 15.24 6.79
CA HIS E 46 -19.49 14.89 7.24
C HIS E 46 -19.09 16.02 8.11
N THR E 47 -18.31 15.76 9.13
CA THR E 47 -17.92 16.86 9.97
C THR E 47 -16.89 17.81 9.38
N ASN E 48 -17.11 19.08 9.62
CA ASN E 48 -16.11 20.10 9.25
C ASN E 48 -14.87 20.09 10.14
N PHE E 49 -14.67 18.98 10.85
CA PHE E 49 -13.45 18.79 11.63
C PHE E 49 -12.89 17.48 11.16
N VAL E 50 -11.62 17.48 10.77
CA VAL E 50 -10.92 16.24 10.48
C VAL E 50 -9.61 16.13 11.22
N GLU E 51 -9.51 15.03 11.96
CA GLU E 51 -8.38 14.69 12.79
C GLU E 51 -7.39 14.01 11.89
N PHE E 52 -6.16 14.53 11.91
CA PHE E 52 -5.06 13.84 11.22
C PHE E 52 -3.77 13.73 12.02
N ARG E 53 -3.61 12.51 12.53
CA ARG E 53 -2.38 12.03 13.13
C ARG E 53 -2.07 12.74 14.46
N ASN E 54 -1.27 13.82 14.40
CA ASN E 54 -1.03 14.65 15.59
C ASN E 54 -1.40 16.12 15.38
N PHE E 55 -2.33 16.37 14.45
CA PHE E 55 -3.04 17.67 14.36
C PHE E 55 -4.51 17.49 14.01
N LYS E 56 -5.26 18.60 13.93
CA LYS E 56 -6.58 18.56 13.26
C LYS E 56 -6.91 19.81 12.45
N ILE E 57 -7.62 19.61 11.34
CA ILE E 57 -8.01 20.69 10.41
C ILE E 57 -9.53 20.89 10.40
N ILE E 58 -9.95 22.14 10.52
CA ILE E 58 -11.33 22.58 10.54
C ILE E 58 -11.52 23.18 9.19
N TYR E 59 -12.55 22.77 8.47
CA TYR E 59 -12.56 23.02 7.04
C TYR E 59 -13.93 23.33 6.47
N ARG E 60 -14.07 24.48 5.78
CA ARG E 60 -15.38 24.88 5.15
C ARG E 60 -15.41 25.22 3.62
N ARG E 61 -16.58 24.99 2.98
CA ARG E 61 -16.80 25.19 1.52
C ARG E 61 -17.59 26.44 1.14
N TYR E 62 -17.32 26.91 -0.07
CA TYR E 62 -17.93 28.08 -0.66
C TYR E 62 -17.72 28.04 -2.19
N ALA E 63 -18.79 27.79 -2.94
CA ALA E 63 -18.75 27.65 -4.43
C ALA E 63 -17.96 26.44 -4.98
N GLY E 64 -16.65 26.63 -5.20
CA GLY E 64 -15.72 25.57 -5.52
C GLY E 64 -14.50 25.74 -4.63
N LEU E 65 -14.72 26.38 -3.47
CA LEU E 65 -13.67 26.92 -2.55
C LEU E 65 -13.58 26.33 -1.12
N TYR E 66 -12.34 26.04 -0.69
CA TYR E 66 -12.13 25.35 0.60
C TYR E 66 -11.24 26.19 1.49
N PHE E 67 -11.88 26.85 2.47
CA PHE E 67 -11.16 27.59 3.46
C PHE E 67 -10.85 26.65 4.60
N CYS E 68 -9.55 26.37 4.78
CA CYS E 68 -9.08 25.37 5.75
C CYS E 68 -8.22 25.98 6.85
N ILE E 69 -8.50 25.62 8.10
CA ILE E 69 -7.52 25.93 9.16
C ILE E 69 -7.06 24.68 9.86
N CYS E 70 -5.76 24.39 9.74
CA CYS E 70 -5.17 23.32 10.55
C CYS E 70 -4.58 23.86 11.85
N VAL E 71 -4.97 23.18 12.92
CA VAL E 71 -4.69 23.57 14.28
C VAL E 71 -4.49 22.38 15.22
N ASP E 72 -4.10 22.74 16.44
CA ASP E 72 -3.78 21.80 17.48
C ASP E 72 -4.95 20.90 17.84
N VAL E 73 -4.74 20.11 18.89
CA VAL E 73 -5.74 19.17 19.33
C VAL E 73 -6.59 19.72 20.45
N ASN E 74 -5.97 20.33 21.46
CA ASN E 74 -6.73 20.89 22.59
C ASN E 74 -7.68 22.07 22.21
N ASP E 75 -7.76 22.37 20.91
CA ASP E 75 -8.39 23.60 20.39
C ASP E 75 -9.88 23.54 20.05
N ASN E 76 -10.53 24.69 19.95
CA ASN E 76 -11.99 24.73 19.96
C ASN E 76 -12.66 24.63 18.57
N ASN E 77 -12.73 23.42 18.05
CA ASN E 77 -13.40 23.15 16.76
C ASN E 77 -14.45 24.17 16.25
N LEU E 78 -15.62 24.24 16.90
CA LEU E 78 -16.69 25.18 16.48
C LEU E 78 -16.16 26.58 16.28
N ALA E 79 -15.71 27.16 17.42
CA ALA E 79 -14.93 28.40 17.45
C ALA E 79 -14.13 28.60 16.19
N TYR E 80 -13.26 27.66 15.86
CA TYR E 80 -12.50 27.82 14.62
C TYR E 80 -13.31 27.75 13.31
N LEU E 81 -14.32 26.88 13.23
CA LEU E 81 -15.21 26.88 12.06
C LEU E 81 -15.82 28.28 11.79
N GLU E 82 -16.37 28.83 12.89
CA GLU E 82 -16.80 30.24 12.91
C GLU E 82 -15.76 31.31 12.68
N ALA E 83 -14.57 31.16 13.19
CA ALA E 83 -13.55 32.08 12.75
C ALA E 83 -13.55 32.09 11.23
N ILE E 84 -13.29 30.92 10.63
CA ILE E 84 -13.25 30.84 9.16
C ILE E 84 -14.36 31.68 8.57
N HIS E 85 -15.58 31.37 8.97
CA HIS E 85 -16.71 32.04 8.31
C HIS E 85 -16.74 33.54 8.58
N ASN E 86 -16.62 33.99 9.83
CA ASN E 86 -16.53 35.45 10.09
C ASN E 86 -15.53 36.14 9.12
N PHE E 87 -14.27 35.69 9.13
CA PHE E 87 -13.32 36.17 8.08
C PHE E 87 -13.90 36.19 6.64
N VAL E 88 -14.35 35.03 6.12
CA VAL E 88 -15.02 34.97 4.80
C VAL E 88 -16.05 36.08 4.64
N GLU E 89 -16.70 36.42 5.75
CA GLU E 89 -17.70 37.50 5.72
C GLU E 89 -17.04 38.85 5.53
N VAL E 90 -16.00 39.13 6.33
CA VAL E 90 -15.22 40.36 6.13
C VAL E 90 -14.77 40.54 4.66
N LEU E 91 -14.30 39.46 4.05
CA LEU E 91 -13.98 39.60 2.63
C LEU E 91 -15.23 39.87 1.81
N ASN E 92 -16.36 39.31 2.23
CA ASN E 92 -17.57 39.56 1.44
C ASN E 92 -17.94 41.00 1.50
N GLU E 93 -17.59 41.61 2.63
CA GLU E 93 -17.61 43.08 2.83
C GLU E 93 -16.66 43.81 1.90
N TYR E 94 -15.36 43.65 2.17
CA TYR E 94 -14.31 44.18 1.31
C TYR E 94 -14.60 44.17 -0.19
N PHE E 95 -14.72 42.98 -0.78
CA PHE E 95 -14.94 42.90 -2.23
C PHE E 95 -16.40 43.07 -2.59
N HIS E 96 -17.16 43.61 -1.64
CA HIS E 96 -18.60 43.89 -1.77
C HIS E 96 -19.44 42.86 -2.57
N ASN E 97 -18.85 41.69 -2.68
CA ASN E 97 -19.47 40.53 -3.29
C ASN E 97 -18.33 39.71 -3.82
N VAL E 98 -17.80 38.84 -2.95
CA VAL E 98 -16.54 38.12 -3.20
C VAL E 98 -16.69 36.69 -3.85
N CYS E 99 -15.89 36.49 -4.90
CA CYS E 99 -15.68 35.23 -5.60
C CYS E 99 -14.16 35.03 -5.75
N GLU E 100 -13.71 33.84 -6.16
CA GLU E 100 -12.26 33.48 -5.99
C GLU E 100 -11.26 34.33 -6.82
N LEU E 101 -11.71 34.76 -8.01
CA LEU E 101 -10.92 35.61 -8.91
C LEU E 101 -10.56 36.93 -8.24
N ASP E 102 -11.43 37.31 -7.32
CA ASP E 102 -11.19 38.45 -6.48
C ASP E 102 -9.92 38.26 -5.65
N LEU E 103 -9.80 37.11 -4.97
CA LEU E 103 -8.60 36.78 -4.18
C LEU E 103 -7.37 36.49 -5.03
N VAL E 104 -7.58 35.88 -6.20
CA VAL E 104 -6.51 35.73 -7.21
C VAL E 104 -5.95 37.11 -7.57
N PHE E 105 -6.76 37.90 -8.26
CA PHE E 105 -6.37 39.22 -8.74
C PHE E 105 -5.99 40.21 -7.64
N ASN E 106 -6.32 39.87 -6.40
CA ASN E 106 -6.05 40.76 -5.28
C ASN E 106 -5.50 40.01 -4.10
N PHE E 107 -4.57 39.11 -4.38
CA PHE E 107 -4.10 38.20 -3.35
C PHE E 107 -3.44 38.94 -2.18
N TYR E 108 -2.77 40.06 -2.46
CA TYR E 108 -2.00 40.81 -1.44
C TYR E 108 -2.84 41.51 -0.38
N LYS E 109 -3.98 42.04 -0.79
CA LYS E 109 -5.01 42.54 0.12
C LYS E 109 -5.36 41.41 1.09
N VAL E 110 -5.89 40.34 0.51
CA VAL E 110 -6.12 39.04 1.16
C VAL E 110 -5.03 38.73 2.22
N TYR E 111 -3.78 38.63 1.80
CA TYR E 111 -2.69 38.40 2.75
C TYR E 111 -2.74 39.43 3.87
N THR E 112 -2.78 40.70 3.52
CA THR E 112 -2.69 41.71 4.58
C THR E 112 -3.93 41.75 5.53
N VAL E 113 -5.05 41.19 5.07
CA VAL E 113 -6.29 41.13 5.86
C VAL E 113 -6.30 39.91 6.81
N VAL E 114 -5.87 38.78 6.26
CA VAL E 114 -5.62 37.61 7.10
C VAL E 114 -4.67 38.06 8.20
N ASP E 115 -3.57 38.70 7.80
CA ASP E 115 -2.63 39.30 8.75
C ASP E 115 -3.38 40.18 9.76
N GLU E 116 -4.31 41.00 9.25
CA GLU E 116 -5.10 41.86 10.13
C GLU E 116 -5.91 41.07 11.19
N MET E 117 -6.51 39.92 10.81
CA MET E 117 -7.28 39.08 11.77
C MET E 117 -6.75 37.65 12.12
N PHE E 118 -5.45 37.42 11.93
CA PHE E 118 -4.69 36.24 12.43
C PHE E 118 -3.19 36.58 12.64
N LEU E 119 -2.66 36.29 13.84
CA LEU E 119 -1.23 36.52 14.06
C LEU E 119 -0.56 35.59 15.07
N ALA E 120 0.64 35.16 14.71
CA ALA E 120 1.50 34.28 15.51
C ALA E 120 0.90 32.90 15.70
N GLY E 121 -0.22 32.65 15.00
CA GLY E 121 -1.04 31.44 15.11
C GLY E 121 -2.23 31.61 16.03
N GLU E 122 -2.68 32.85 16.19
CA GLU E 122 -3.80 33.16 17.06
C GLU E 122 -4.79 34.06 16.33
N ILE E 123 -5.90 34.34 17.00
CA ILE E 123 -6.97 35.19 16.49
C ILE E 123 -6.67 36.66 16.80
N ARG E 124 -6.66 37.51 15.77
CA ARG E 124 -6.26 38.92 15.99
C ARG E 124 -7.46 39.77 16.29
N GLU E 125 -8.36 39.82 15.31
CA GLU E 125 -9.54 40.67 15.40
C GLU E 125 -10.82 39.95 14.93
N THR E 126 -11.83 39.94 15.79
CA THR E 126 -13.11 39.33 15.44
C THR E 126 -14.10 40.32 14.80
N SER E 127 -13.95 41.60 15.15
CA SER E 127 -14.88 42.67 14.74
C SER E 127 -14.97 42.86 13.23
N GLN E 128 -16.15 42.57 12.64
CA GLN E 128 -16.41 42.93 11.24
C GLN E 128 -16.05 44.45 11.00
N THR E 129 -16.60 45.33 11.84
CA THR E 129 -16.19 46.74 11.88
C THR E 129 -14.67 46.92 11.96
N LYS E 130 -14.11 46.95 13.16
CA LYS E 130 -12.73 47.43 13.41
C LYS E 130 -11.72 46.98 12.36
N VAL E 131 -11.82 45.72 11.97
CA VAL E 131 -11.20 45.24 10.73
C VAL E 131 -11.58 46.15 9.55
N LEU E 132 -12.86 46.16 9.11
CA LEU E 132 -13.22 46.94 7.92
C LEU E 132 -12.90 48.46 8.02
N LYS E 133 -12.99 49.01 9.24
CA LYS E 133 -12.45 50.33 9.54
C LYS E 133 -10.95 50.34 9.19
N GLN E 134 -10.05 49.94 10.09
CA GLN E 134 -8.61 50.07 9.78
C GLN E 134 -8.26 49.69 8.33
N LEU E 135 -8.84 48.56 7.88
CA LEU E 135 -8.75 48.08 6.50
C LEU E 135 -9.02 49.18 5.48
N LEU E 136 -10.20 49.80 5.53
CA LEU E 136 -10.52 50.89 4.60
C LEU E 136 -9.94 52.31 4.91
N MET E 137 -9.97 52.73 6.20
CA MET E 137 -9.44 54.05 6.66
C MET E 137 -7.91 54.12 6.51
N LEU E 138 -7.27 52.96 6.31
CA LEU E 138 -5.89 52.96 5.81
C LEU E 138 -5.71 52.25 4.42
N GLN E 139 -6.82 51.83 3.81
CA GLN E 139 -6.84 51.50 2.37
C GLN E 139 -6.77 52.78 1.53
N SER E 140 -7.54 53.78 1.99
CA SER E 140 -7.60 55.16 1.44
C SER E 140 -6.51 55.55 0.44
N LEU E 141 -5.29 55.72 0.94
CA LEU E 141 -4.18 56.15 0.11
C LEU E 141 -3.07 55.08 -0.09
N GLU E 142 -2.50 55.09 -1.29
CA GLU E 142 -1.24 54.41 -1.66
C GLU E 142 -0.04 55.29 -1.20
S SO4 F . -6.09 29.98 -12.97
O1 SO4 F . -6.28 29.06 -11.85
O2 SO4 F . -6.40 31.35 -12.58
O3 SO4 F . -4.68 29.89 -13.35
O4 SO4 F . -6.95 29.60 -14.10
S SO4 G . -14.77 10.43 8.29
O1 SO4 G . -14.69 10.22 6.84
O2 SO4 G . -14.66 9.10 8.92
O3 SO4 G . -13.71 11.34 8.77
O4 SO4 G . -16.09 10.95 8.67
S SO4 H . 8.87 -34.69 11.89
O1 SO4 H . 8.96 -35.70 10.82
O2 SO4 H . 9.54 -35.19 13.10
O3 SO4 H . 9.55 -33.45 11.53
O4 SO4 H . 7.44 -34.46 12.16
S SO4 I . -23.07 17.99 -0.75
O1 SO4 I . -23.68 17.03 -1.71
O2 SO4 I . -22.95 17.31 0.54
O3 SO4 I . -21.74 18.49 -1.14
O4 SO4 I . -24.01 19.10 -0.56
S SO4 J . -19.28 23.07 4.30
O1 SO4 J . -20.08 23.74 3.25
O2 SO4 J . -17.85 23.07 3.99
O3 SO4 J . -19.57 23.72 5.57
O4 SO4 J . -19.72 21.67 4.34
#